data_5JOR
#
_entry.id   5JOR
#
_cell.length_a   120.613
_cell.length_b   75.992
_cell.length_c   122.946
_cell.angle_alpha   90.00
_cell.angle_beta   100.58
_cell.angle_gamma   90.00
#
_symmetry.space_group_name_H-M   'P 1 21 1'
#
loop_
_entity.id
_entity.type
_entity.pdbx_description
1 polymer 'Fab14.22 heavy chain'
2 polymer 'Fab 14.22 light chain'
3 non-polymer GLYCEROL
4 non-polymer 'SULFATE ION'
5 non-polymer 'PENTAETHYLENE GLYCOL'
6 water water
#
loop_
_entity_poly.entity_id
_entity_poly.type
_entity_poly.pdbx_seq_one_letter_code
_entity_poly.pdbx_strand_id
1 'polypeptide(L)'
;EVQLQQSGPELIKPGASVKMSCEASGYIFTEYYIHWVKQIQGRSLEWIGYVHPKTGDVIYNQNFRGKATLTVNRSSNTAY
MELHSLTSEDSAVYYCARWDSWGQGTTLTVSSAKTTPPSVYPLAPGCGDTTGSSVTLGCLVKGYFPESVTVTWNSGSLSS
SVHTFPALLQSGLYTMSSSVTVPSSTWPSQTVTCSVAHPASSTTVDKKLEPSGPISTINPCPPCKECHKCPAPNLEGGPS
VFIFPPNIK
;
B,F,H,D
2 'polypeptide(L)'
;DVLLTQTPLSLPVNLGDQASISCRSSQTILHSDGYTYLEWYLQRPGQSPKLLIYRVYKRFSGIPDRFRGSGSGMDFTLTI
SGVEAEDLGIYYCFQGSYVPRTFGGGTKLEIKRADAAPTVSIFPPSSEQLTSGGASVVCFLNNFYPKDINVKWKIDGSER
QNGVLNSWTDQDSKDSTYSMSSTLTLTKDEYERHNSYTCEATHKTSTSPIVKSFNRNEC
;
A,L,C,E
#
loop_
_chem_comp.id
_chem_comp.type
_chem_comp.name
_chem_comp.formula
1PE non-polymer 'PENTAETHYLENE GLYCOL' 'C10 H22 O6'
GOL non-polymer GLYCEROL 'C3 H8 O3'
SO4 non-polymer 'SULFATE ION' 'O4 S -2'
#
# COMPACT_ATOMS: atom_id res chain seq x y z
N GLU A 1 12.45 -35.92 29.88
CA GLU A 1 11.31 -36.51 29.20
C GLU A 1 11.78 -37.62 28.25
N VAL A 2 11.55 -37.44 26.96
CA VAL A 2 11.87 -38.46 25.97
C VAL A 2 13.38 -38.59 25.83
N GLN A 3 13.86 -39.82 25.69
CA GLN A 3 15.28 -40.07 25.62
C GLN A 3 15.53 -41.39 24.93
N LEU A 4 16.54 -41.42 24.06
CA LEU A 4 16.97 -42.63 23.37
C LEU A 4 18.42 -42.90 23.72
N GLN A 5 18.68 -44.05 24.35
CA GLN A 5 20.01 -44.44 24.75
C GLN A 5 20.52 -45.51 23.79
N GLN A 6 21.59 -45.20 23.07
CA GLN A 6 22.16 -46.11 22.10
C GLN A 6 23.32 -46.89 22.71
N SER A 7 23.64 -48.02 22.07
CA SER A 7 24.75 -48.86 22.52
C SER A 7 26.09 -48.22 22.15
N GLY A 8 27.16 -48.75 22.74
CA GLY A 8 28.46 -48.14 22.65
C GLY A 8 29.08 -48.31 21.26
N PRO A 9 30.28 -47.76 21.10
CA PRO A 9 30.96 -47.85 19.79
C PRO A 9 31.38 -49.28 19.49
N GLU A 10 31.54 -49.54 18.18
CA GLU A 10 31.80 -50.88 17.68
C GLU A 10 32.99 -50.88 16.75
N LEU A 11 33.82 -51.92 16.88
CA LEU A 11 34.92 -52.19 15.96
C LEU A 11 34.74 -53.61 15.44
N ILE A 12 34.37 -53.75 14.18
CA ILE A 12 33.96 -55.02 13.61
C ILE A 12 34.83 -55.33 12.39
N LYS A 13 35.20 -56.60 12.24
CA LYS A 13 35.95 -57.03 11.07
C LYS A 13 35.09 -56.87 9.81
N PRO A 14 35.72 -56.66 8.66
CA PRO A 14 34.96 -56.66 7.40
C PRO A 14 34.37 -58.02 7.12
N GLY A 15 33.13 -58.03 6.64
CA GLY A 15 32.43 -59.26 6.33
C GLY A 15 31.59 -59.82 7.45
N ALA A 16 31.80 -59.36 8.67
CA ALA A 16 31.03 -59.81 9.81
C ALA A 16 29.77 -58.95 9.95
N SER A 17 29.00 -59.18 11.02
CA SER A 17 27.79 -58.41 11.28
C SER A 17 27.87 -57.80 12.67
N VAL A 18 26.92 -56.90 12.96
CA VAL A 18 26.86 -56.23 14.25
C VAL A 18 25.42 -55.79 14.48
N LYS A 19 25.02 -55.77 15.75
CA LYS A 19 23.69 -55.32 16.15
C LYS A 19 23.83 -54.25 17.22
N MET A 20 23.25 -53.08 16.97
CA MET A 20 23.26 -51.99 17.92
C MET A 20 21.84 -51.74 18.43
N SER A 21 21.75 -51.27 19.67
CA SER A 21 20.49 -51.11 20.36
C SER A 21 20.14 -49.63 20.53
N CYS A 22 18.89 -49.38 20.91
CA CYS A 22 18.37 -48.03 21.09
C CYS A 22 17.25 -48.12 22.13
N GLU A 23 17.62 -47.93 23.39
CA GLU A 23 16.67 -48.04 24.49
C GLU A 23 15.96 -46.71 24.69
N ALA A 24 14.63 -46.74 24.63
CA ALA A 24 13.80 -45.56 24.82
C ALA A 24 13.26 -45.52 26.24
N SER A 25 12.98 -44.31 26.71
CA SER A 25 12.46 -44.12 28.06
C SER A 25 11.78 -42.75 28.12
N GLY A 26 10.87 -42.62 29.08
CA GLY A 26 10.16 -41.38 29.28
C GLY A 26 8.92 -41.18 28.44
N TYR A 27 8.44 -42.22 27.79
CA TYR A 27 7.21 -42.15 26.99
C TYR A 27 6.71 -43.56 26.75
N ILE A 28 5.59 -43.66 26.04
CA ILE A 28 4.98 -44.94 25.69
C ILE A 28 5.66 -45.45 24.42
N PHE A 29 6.42 -46.54 24.55
CA PHE A 29 7.27 -47.00 23.46
C PHE A 29 6.44 -47.41 22.24
N THR A 30 5.26 -47.96 22.46
CA THR A 30 4.45 -48.47 21.36
C THR A 30 3.77 -47.37 20.54
N GLU A 31 3.90 -46.10 20.93
CA GLU A 31 3.16 -45.04 20.28
C GLU A 31 3.93 -44.32 19.18
N TYR A 32 5.26 -44.39 19.17
CA TYR A 32 6.06 -43.58 18.26
C TYR A 32 7.02 -44.43 17.47
N TYR A 33 7.25 -44.02 16.23
CA TYR A 33 8.20 -44.72 15.36
C TYR A 33 9.64 -44.44 15.80
N ILE A 34 10.52 -45.39 15.48
CA ILE A 34 11.95 -45.26 15.73
C ILE A 34 12.66 -45.37 14.39
N HIS A 35 13.25 -44.27 13.95
CA HIS A 35 14.00 -44.24 12.70
C HIS A 35 15.48 -44.49 12.96
N TRP A 36 16.17 -44.98 11.94
CA TRP A 36 17.61 -45.18 11.97
C TRP A 36 18.25 -44.37 10.86
N VAL A 37 19.27 -43.58 11.20
CA VAL A 37 19.91 -42.66 10.29
C VAL A 37 21.41 -42.91 10.31
N LYS A 38 22.05 -42.81 9.14
CA LYS A 38 23.48 -42.95 8.99
C LYS A 38 24.08 -41.60 8.62
N GLN A 39 25.15 -41.20 9.32
CA GLN A 39 25.85 -39.96 9.04
C GLN A 39 27.29 -40.26 8.65
N ILE A 40 27.70 -39.75 7.50
CA ILE A 40 29.04 -39.99 6.95
C ILE A 40 29.89 -38.75 7.23
N GLN A 41 31.00 -38.94 7.94
CA GLN A 41 31.97 -37.88 8.22
C GLN A 41 31.31 -36.68 8.91
N GLY A 42 30.35 -36.96 9.79
CA GLY A 42 29.67 -35.90 10.51
C GLY A 42 28.94 -34.91 9.64
N ARG A 43 28.53 -35.31 8.44
CA ARG A 43 27.85 -34.40 7.53
C ARG A 43 26.71 -35.08 6.80
N SER A 44 27.03 -35.89 5.79
CA SER A 44 26.01 -36.48 4.93
C SER A 44 25.11 -37.42 5.73
N LEU A 45 23.81 -37.16 5.69
CA LEU A 45 22.83 -37.95 6.42
C LEU A 45 22.04 -38.83 5.46
N GLU A 46 21.80 -40.07 5.88
CA GLU A 46 21.04 -41.03 5.08
C GLU A 46 20.04 -41.76 5.98
N TRP A 47 18.78 -41.74 5.56
CA TRP A 47 17.71 -42.40 6.32
C TRP A 47 17.66 -43.87 5.95
N ILE A 48 17.73 -44.74 6.95
CA ILE A 48 17.77 -46.19 6.73
C ILE A 48 16.37 -46.79 6.77
N GLY A 49 15.58 -46.43 7.76
CA GLY A 49 14.23 -46.95 7.86
C GLY A 49 13.67 -46.76 9.25
N TYR A 50 12.39 -47.11 9.38
CA TYR A 50 11.71 -47.11 10.66
C TYR A 50 10.90 -48.39 10.78
N VAL A 51 10.43 -48.65 12.00
CA VAL A 51 9.75 -49.90 12.34
C VAL A 51 8.47 -49.58 13.09
N HIS A 52 7.36 -50.15 12.63
CA HIS A 52 6.10 -50.07 13.36
C HIS A 52 6.24 -50.84 14.68
N PRO A 53 6.28 -50.17 15.83
CA PRO A 53 6.64 -50.88 17.07
C PRO A 53 5.63 -51.95 17.48
N LYS A 54 4.34 -51.66 17.37
CA LYS A 54 3.33 -52.64 17.76
C LYS A 54 3.35 -53.86 16.83
N THR A 55 3.25 -53.63 15.53
CA THR A 55 3.09 -54.72 14.57
C THR A 55 4.42 -55.28 14.06
N GLY A 56 5.54 -54.66 14.40
CA GLY A 56 6.83 -55.13 13.94
C GLY A 56 7.11 -54.91 12.47
N ASP A 57 6.19 -54.28 11.73
CA ASP A 57 6.43 -54.02 10.32
C ASP A 57 7.48 -52.94 10.15
N VAL A 58 8.21 -53.00 9.03
CA VAL A 58 9.37 -52.14 8.80
C VAL A 58 9.27 -51.52 7.41
N ILE A 59 9.66 -50.27 7.30
CA ILE A 59 9.74 -49.55 6.03
C ILE A 59 11.21 -49.23 5.80
N TYR A 60 11.76 -49.71 4.69
CA TYR A 60 13.19 -49.62 4.42
C TYR A 60 13.48 -48.61 3.31
N ASN A 61 14.67 -48.02 3.40
CA ASN A 61 15.31 -47.40 2.25
C ASN A 61 15.86 -48.51 1.37
N GLN A 62 15.45 -48.52 0.10
CA GLN A 62 15.82 -49.61 -0.80
C GLN A 62 17.33 -49.76 -0.92
N ASN A 63 18.08 -48.65 -0.80
CA ASN A 63 19.53 -48.71 -0.86
C ASN A 63 20.13 -49.50 0.30
N PHE A 64 19.38 -49.71 1.38
CA PHE A 64 19.85 -50.46 2.54
C PHE A 64 19.21 -51.83 2.64
N ARG A 65 18.45 -52.26 1.63
CA ARG A 65 17.86 -53.59 1.64
C ARG A 65 18.96 -54.64 1.56
N GLY A 66 18.87 -55.65 2.43
CA GLY A 66 19.91 -56.64 2.56
C GLY A 66 21.12 -56.19 3.37
N LYS A 67 21.22 -54.90 3.70
CA LYS A 67 22.29 -54.39 4.53
C LYS A 67 21.88 -54.16 5.97
N ALA A 68 20.64 -53.73 6.21
CA ALA A 68 20.15 -53.44 7.54
C ALA A 68 18.88 -54.23 7.83
N THR A 69 18.74 -54.66 9.08
CA THR A 69 17.55 -55.37 9.55
C THR A 69 17.08 -54.72 10.84
N LEU A 70 15.89 -54.15 10.82
CA LEU A 70 15.34 -53.42 11.96
C LEU A 70 14.36 -54.29 12.72
N THR A 71 14.53 -54.37 14.05
CA THR A 71 13.63 -55.11 14.91
C THR A 71 13.35 -54.28 16.15
N VAL A 72 12.38 -54.74 16.94
CA VAL A 72 12.07 -54.12 18.22
C VAL A 72 11.83 -55.20 19.26
N ASN A 73 12.09 -54.86 20.52
CA ASN A 73 11.68 -55.68 21.66
C ASN A 73 10.68 -54.85 22.46
N ARG A 74 9.40 -55.08 22.20
CA ARG A 74 8.34 -54.33 22.88
C ARG A 74 8.47 -54.40 24.39
N SER A 75 8.94 -55.54 24.92
CA SER A 75 9.02 -55.72 26.37
C SER A 75 10.04 -54.78 27.01
N SER A 76 11.18 -54.60 26.35
CA SER A 76 12.28 -53.83 26.94
C SER A 76 12.40 -52.42 26.39
N ASN A 77 11.42 -51.97 25.59
CA ASN A 77 11.41 -50.61 25.02
C ASN A 77 12.69 -50.33 24.25
N THR A 78 13.13 -51.31 23.46
CA THR A 78 14.40 -51.24 22.76
C THR A 78 14.19 -51.52 21.27
N ALA A 79 14.82 -50.72 20.44
CA ALA A 79 14.87 -50.94 19.00
C ALA A 79 16.27 -51.44 18.62
N TYR A 80 16.33 -52.35 17.66
CA TYR A 80 17.59 -52.94 17.23
C TYR A 80 17.77 -52.75 15.73
N MET A 81 19.03 -52.57 15.32
CA MET A 81 19.42 -52.57 13.92
C MET A 81 20.63 -53.47 13.74
N GLU A 82 20.54 -54.40 12.80
CA GLU A 82 21.64 -55.30 12.48
C GLU A 82 22.15 -54.99 11.08
N LEU A 83 23.46 -54.79 10.96
CA LEU A 83 24.12 -54.53 9.69
C LEU A 83 24.89 -55.77 9.27
N HIS A 84 24.63 -56.23 8.05
CA HIS A 84 25.19 -57.48 7.54
C HIS A 84 26.28 -57.22 6.52
N SER A 85 27.21 -58.18 6.42
CA SER A 85 28.28 -58.17 5.42
C SER A 85 28.99 -56.81 5.38
N LEU A 86 29.58 -56.47 6.52
CA LEU A 86 30.11 -55.12 6.71
C LEU A 86 31.33 -54.86 5.82
N THR A 87 31.38 -53.67 5.26
CA THR A 87 32.53 -53.18 4.51
C THR A 87 32.95 -51.84 5.09
N SER A 88 34.12 -51.36 4.64
CA SER A 88 34.62 -50.07 5.13
C SER A 88 33.68 -48.92 4.81
N GLU A 89 32.83 -49.08 3.79
CA GLU A 89 31.83 -48.06 3.48
C GLU A 89 30.76 -47.94 4.56
N ASP A 90 30.59 -48.97 5.40
CA ASP A 90 29.62 -48.93 6.48
C ASP A 90 30.14 -48.21 7.71
N SER A 91 31.43 -47.82 7.73
CA SER A 91 31.98 -47.04 8.83
C SER A 91 31.31 -45.67 8.86
N ALA A 92 30.56 -45.39 9.91
CA ALA A 92 29.83 -44.13 10.05
C ALA A 92 29.29 -44.04 11.47
N VAL A 93 28.63 -42.93 11.77
CA VAL A 93 27.90 -42.75 13.01
C VAL A 93 26.43 -43.04 12.73
N TYR A 94 25.84 -43.93 13.52
CA TYR A 94 24.46 -44.35 13.32
C TYR A 94 23.60 -43.82 14.45
N TYR A 95 22.56 -43.08 14.10
CA TYR A 95 21.61 -42.52 15.05
C TYR A 95 20.30 -43.28 14.99
N CYS A 96 19.65 -43.40 16.14
CA CYS A 96 18.24 -43.77 16.22
C CYS A 96 17.47 -42.54 16.69
N ALA A 97 16.30 -42.33 16.10
CA ALA A 97 15.64 -41.05 16.32
C ALA A 97 14.13 -41.22 16.30
N ARG A 98 13.48 -40.64 17.29
CA ARG A 98 12.06 -40.35 17.23
C ARG A 98 11.87 -39.08 16.43
N TRP A 99 10.61 -38.78 16.08
CA TRP A 99 10.32 -37.51 15.44
C TRP A 99 10.67 -36.33 16.33
N ASP A 100 10.75 -36.56 17.64
CA ASP A 100 10.97 -35.53 18.64
C ASP A 100 12.42 -35.46 19.12
N SER A 101 13.06 -36.60 19.34
CA SER A 101 14.39 -36.63 19.93
C SER A 101 15.26 -37.65 19.20
N TRP A 102 16.57 -37.39 19.20
CA TRP A 102 17.57 -38.25 18.60
C TRP A 102 18.43 -38.90 19.69
N GLY A 103 19.00 -40.06 19.36
CA GLY A 103 19.96 -40.68 20.23
C GLY A 103 21.33 -40.04 20.11
N GLN A 104 22.21 -40.39 21.04
CA GLN A 104 23.56 -39.82 21.03
C GLN A 104 24.42 -40.39 19.92
N GLY A 105 23.97 -41.41 19.22
CA GLY A 105 24.74 -41.96 18.11
C GLY A 105 25.61 -43.12 18.52
N THR A 106 25.85 -44.02 17.56
CA THR A 106 26.73 -45.17 17.75
C THR A 106 27.77 -45.16 16.63
N THR A 107 29.04 -45.00 17.02
CA THR A 107 30.13 -44.99 16.05
C THR A 107 30.52 -46.42 15.67
N LEU A 108 30.50 -46.71 14.37
CA LEU A 108 30.90 -48.01 13.85
C LEU A 108 32.15 -47.85 13.01
N THR A 109 33.18 -48.63 13.32
CA THR A 109 34.40 -48.70 12.53
C THR A 109 34.55 -50.10 11.99
N VAL A 110 34.60 -50.23 10.66
CA VAL A 110 34.76 -51.52 10.00
C VAL A 110 36.19 -51.60 9.50
N SER A 111 36.99 -52.43 10.15
CA SER A 111 38.40 -52.57 9.80
C SER A 111 38.93 -53.87 10.39
N SER A 112 39.87 -54.48 9.67
CA SER A 112 40.58 -55.63 10.20
C SER A 112 41.70 -55.25 11.16
N ALA A 113 42.09 -53.97 11.18
CA ALA A 113 43.10 -53.51 12.13
C ALA A 113 42.55 -53.62 13.55
N LYS A 114 43.41 -54.05 14.48
CA LYS A 114 42.98 -54.26 15.85
C LYS A 114 43.22 -53.02 16.70
N THR A 115 42.62 -53.02 17.89
CA THR A 115 42.73 -51.89 18.79
C THR A 115 44.18 -51.64 19.17
N THR A 116 44.66 -50.42 18.93
CA THR A 116 46.05 -50.06 19.10
C THR A 116 46.16 -48.93 20.11
N PRO A 117 46.90 -49.10 21.20
CA PRO A 117 47.03 -48.02 22.17
C PRO A 117 47.95 -46.93 21.65
N PRO A 118 47.74 -45.69 22.07
CA PRO A 118 48.49 -44.57 21.50
C PRO A 118 49.84 -44.32 22.15
N SER A 119 50.73 -43.74 21.35
CA SER A 119 51.97 -43.15 21.85
C SER A 119 51.72 -41.66 22.12
N VAL A 120 52.21 -41.18 23.26
CA VAL A 120 51.98 -39.81 23.70
C VAL A 120 53.34 -39.15 23.92
N TYR A 121 53.54 -37.99 23.27
CA TYR A 121 54.78 -37.25 23.39
C TYR A 121 54.48 -35.80 23.73
N PRO A 122 55.27 -35.19 24.61
CA PRO A 122 55.02 -33.81 25.00
C PRO A 122 55.51 -32.82 23.96
N LEU A 123 54.84 -31.67 23.91
CA LEU A 123 55.20 -30.57 23.02
C LEU A 123 55.49 -29.35 23.89
N ALA A 124 56.78 -29.11 24.16
CA ALA A 124 57.24 -28.00 24.98
C ALA A 124 58.17 -27.11 24.16
N PRO A 125 58.19 -25.80 24.44
CA PRO A 125 59.02 -24.90 23.62
C PRO A 125 60.49 -25.24 23.72
N GLY A 126 61.17 -25.22 22.58
CA GLY A 126 62.56 -25.60 22.50
C GLY A 126 63.49 -24.58 23.14
N CYS A 127 64.77 -24.86 23.02
CA CYS A 127 65.81 -24.02 23.62
C CYS A 127 66.35 -23.03 22.61
N GLY A 132 55.48 -14.51 22.99
CA GLY A 132 55.77 -13.67 24.14
C GLY A 132 54.70 -12.63 24.43
N SER A 133 54.11 -12.71 25.62
CA SER A 133 54.47 -13.76 26.56
C SER A 133 53.27 -14.61 26.96
N SER A 134 52.70 -15.29 25.98
CA SER A 134 51.89 -16.48 26.22
C SER A 134 52.69 -17.68 25.72
N VAL A 135 52.60 -18.79 26.43
CA VAL A 135 53.32 -20.01 26.07
C VAL A 135 52.30 -21.06 25.66
N THR A 136 52.51 -21.66 24.49
CA THR A 136 51.65 -22.71 23.98
C THR A 136 52.32 -24.05 24.20
N LEU A 137 51.63 -24.95 24.89
CA LEU A 137 52.08 -26.31 25.14
C LEU A 137 51.22 -27.28 24.33
N GLY A 138 51.65 -28.53 24.30
CA GLY A 138 50.89 -29.51 23.53
C GLY A 138 51.27 -30.92 23.87
N CYS A 139 50.44 -31.85 23.39
CA CYS A 139 50.68 -33.27 23.50
C CYS A 139 50.28 -33.93 22.19
N LEU A 140 51.18 -34.76 21.65
CA LEU A 140 50.96 -35.45 20.39
C LEU A 140 50.54 -36.89 20.66
N VAL A 141 49.35 -37.25 20.19
CA VAL A 141 48.78 -38.59 20.38
C VAL A 141 48.87 -39.29 19.03
N LYS A 142 49.76 -40.29 18.94
CA LYS A 142 50.17 -40.83 17.65
C LYS A 142 50.06 -42.35 17.64
N GLY A 143 49.49 -42.89 16.57
CA GLY A 143 49.48 -44.32 16.34
C GLY A 143 48.49 -45.10 17.18
N TYR A 144 47.23 -44.67 17.21
CA TYR A 144 46.19 -45.36 17.94
C TYR A 144 45.07 -45.79 17.01
N PHE A 145 44.26 -46.72 17.50
CA PHE A 145 43.14 -47.24 16.74
C PHE A 145 42.18 -47.98 17.67
N PRO A 146 40.87 -47.75 17.51
CA PRO A 146 40.31 -46.76 16.60
C PRO A 146 40.06 -45.42 17.28
N GLU A 147 39.20 -44.59 16.68
CA GLU A 147 38.71 -43.38 17.34
C GLU A 147 37.82 -43.79 18.53
N SER A 148 37.77 -42.98 19.59
CA SER A 148 38.48 -41.71 19.65
C SER A 148 39.33 -41.61 20.92
N VAL A 149 40.01 -40.47 21.07
CA VAL A 149 40.73 -40.16 22.29
C VAL A 149 40.25 -38.81 22.80
N THR A 150 40.49 -38.56 24.09
CA THR A 150 40.14 -37.29 24.72
CA THR A 150 40.14 -37.29 24.72
C THR A 150 41.35 -36.78 25.48
N VAL A 151 41.77 -35.56 25.18
CA VAL A 151 42.91 -34.93 25.83
C VAL A 151 42.36 -33.88 26.79
N THR A 152 42.57 -34.10 28.08
CA THR A 152 42.10 -33.20 29.13
C THR A 152 43.30 -32.52 29.77
N TRP A 153 43.23 -31.19 29.91
CA TRP A 153 44.33 -30.41 30.44
C TRP A 153 43.99 -29.97 31.87
N ASN A 154 44.85 -30.38 32.81
CA ASN A 154 44.74 -29.99 34.22
C ASN A 154 43.36 -30.33 34.79
N SER A 155 42.96 -31.59 34.59
CA SER A 155 41.68 -32.12 35.07
C SER A 155 40.49 -31.30 34.58
N GLY A 156 40.64 -30.60 33.46
CA GLY A 156 39.58 -29.76 32.92
C GLY A 156 39.60 -28.33 33.37
N SER A 157 40.49 -27.95 34.30
CA SER A 157 40.56 -26.56 34.73
C SER A 157 40.89 -25.64 33.57
N LEU A 158 41.72 -26.10 32.64
CA LEU A 158 42.02 -25.39 31.41
C LEU A 158 41.16 -25.98 30.29
N SER A 159 40.20 -25.20 29.82
CA SER A 159 39.31 -25.59 28.74
C SER A 159 39.17 -24.53 27.67
N SER A 160 39.15 -23.25 28.06
CA SER A 160 38.88 -22.19 27.09
C SER A 160 40.05 -22.01 26.12
N SER A 161 41.29 -22.18 26.60
CA SER A 161 42.48 -21.95 25.81
C SER A 161 43.06 -23.23 25.21
N VAL A 162 42.19 -24.18 24.84
CA VAL A 162 42.61 -25.48 24.33
C VAL A 162 42.12 -25.62 22.89
N HIS A 163 42.97 -26.16 22.03
CA HIS A 163 42.62 -26.52 20.67
C HIS A 163 42.79 -28.02 20.49
N THR A 164 41.68 -28.71 20.17
CA THR A 164 41.69 -30.14 19.92
C THR A 164 41.67 -30.35 18.42
N PHE A 165 42.78 -30.79 17.86
CA PHE A 165 42.86 -30.96 16.42
C PHE A 165 42.31 -32.32 16.01
N PRO A 166 41.40 -32.37 15.03
CA PRO A 166 40.81 -33.66 14.65
C PRO A 166 41.86 -34.64 14.16
N ALA A 167 41.60 -35.92 14.40
CA ALA A 167 42.55 -36.95 14.03
C ALA A 167 42.62 -37.13 12.53
N LEU A 168 43.81 -37.44 12.04
CA LEU A 168 44.04 -37.83 10.65
C LEU A 168 44.63 -39.23 10.62
N LEU A 169 44.62 -39.83 9.43
CA LEU A 169 45.22 -41.14 9.23
C LEU A 169 46.70 -41.00 8.89
N GLN A 170 47.51 -41.89 9.45
CA GLN A 170 48.95 -41.89 9.21
C GLN A 170 49.43 -43.33 9.30
N SER A 171 49.81 -43.92 8.16
CA SER A 171 50.27 -45.31 8.10
C SER A 171 49.23 -46.26 8.67
N GLY A 172 47.97 -46.04 8.32
CA GLY A 172 46.88 -46.90 8.76
C GLY A 172 46.39 -46.65 10.17
N LEU A 173 47.06 -45.80 10.94
CA LEU A 173 46.65 -45.48 12.30
C LEU A 173 46.30 -44.00 12.41
N TYR A 174 45.62 -43.66 13.50
CA TYR A 174 45.20 -42.29 13.73
C TYR A 174 46.26 -41.51 14.49
N THR A 175 46.36 -40.21 14.17
CA THR A 175 47.26 -39.28 14.84
C THR A 175 46.50 -37.99 15.08
N MET A 176 46.51 -37.52 16.33
CA MET A 176 45.91 -36.24 16.69
C MET A 176 46.85 -35.51 17.64
N SER A 177 46.55 -34.24 17.88
CA SER A 177 47.30 -33.41 18.81
C SER A 177 46.34 -32.48 19.52
N SER A 178 46.84 -31.85 20.57
CA SER A 178 46.04 -30.92 21.37
C SER A 178 46.98 -29.86 21.92
N SER A 179 46.60 -28.59 21.77
CA SER A 179 47.39 -27.49 22.26
C SER A 179 46.69 -26.80 23.41
N VAL A 180 47.48 -26.20 24.31
CA VAL A 180 46.96 -25.35 25.36
C VAL A 180 47.85 -24.12 25.44
N THR A 181 47.23 -22.95 25.54
CA THR A 181 47.95 -21.69 25.63
C THR A 181 47.69 -21.09 27.01
N VAL A 182 48.75 -20.81 27.74
CA VAL A 182 48.65 -20.29 29.10
C VAL A 182 49.55 -19.07 29.22
N PRO A 183 49.29 -18.20 30.20
CA PRO A 183 50.21 -17.09 30.44
C PRO A 183 51.59 -17.63 30.81
N SER A 184 52.63 -16.96 30.33
CA SER A 184 54.00 -17.30 30.72
C SER A 184 54.17 -17.28 32.23
N SER A 185 53.29 -16.57 32.94
CA SER A 185 53.28 -16.61 34.39
C SER A 185 52.94 -18.01 34.90
N THR A 186 51.98 -18.67 34.26
CA THR A 186 51.48 -19.94 34.78
C THR A 186 52.55 -21.04 34.72
N TRP A 187 53.24 -21.15 33.60
CA TRP A 187 54.14 -22.27 33.36
C TRP A 187 55.56 -21.78 33.08
N PRO A 188 56.58 -22.51 33.58
CA PRO A 188 56.50 -23.76 34.34
C PRO A 188 56.49 -23.58 35.86
N SER A 189 56.15 -22.38 36.34
CA SER A 189 56.02 -22.19 37.79
C SER A 189 54.97 -23.11 38.38
N GLN A 190 53.87 -23.31 37.66
CA GLN A 190 52.82 -24.23 38.03
C GLN A 190 52.74 -25.36 37.01
N THR A 191 52.20 -26.50 37.45
CA THR A 191 52.24 -27.71 36.64
C THR A 191 51.12 -27.70 35.59
N VAL A 192 51.48 -28.08 34.37
CA VAL A 192 50.53 -28.26 33.28
C VAL A 192 50.61 -29.71 32.83
N THR A 193 49.46 -30.39 32.81
CA THR A 193 49.40 -31.82 32.53
C THR A 193 48.30 -32.10 31.51
N CYS A 194 48.64 -32.88 30.48
CA CYS A 194 47.66 -33.39 29.54
C CYS A 194 47.32 -34.83 29.91
N SER A 195 46.04 -35.17 29.85
CA SER A 195 45.55 -36.50 30.18
C SER A 195 44.89 -37.08 28.94
N VAL A 196 45.53 -38.07 28.33
CA VAL A 196 45.04 -38.71 27.12
C VAL A 196 44.29 -39.97 27.52
N ALA A 197 43.01 -40.04 27.16
CA ALA A 197 42.16 -41.19 27.44
C ALA A 197 41.77 -41.84 26.11
N HIS A 198 42.04 -43.14 25.99
CA HIS A 198 41.66 -43.94 24.83
C HIS A 198 40.81 -45.10 25.33
N PRO A 199 39.49 -44.91 25.42
CA PRO A 199 38.65 -45.95 26.02
C PRO A 199 38.67 -47.28 25.28
N ALA A 200 38.90 -47.27 23.97
CA ALA A 200 38.89 -48.51 23.19
C ALA A 200 39.99 -49.47 23.65
N SER A 201 41.13 -48.95 24.10
CA SER A 201 42.21 -49.78 24.62
C SER A 201 42.30 -49.73 26.14
N SER A 202 41.34 -49.08 26.80
CA SER A 202 41.31 -48.96 28.26
C SER A 202 42.62 -48.34 28.78
N THR A 203 43.01 -47.23 28.17
CA THR A 203 44.29 -46.60 28.44
C THR A 203 44.09 -45.15 28.86
N THR A 204 44.84 -44.73 29.87
CA THR A 204 44.91 -43.32 30.28
C THR A 204 46.37 -42.97 30.50
N VAL A 205 46.83 -41.95 29.77
CA VAL A 205 48.22 -41.49 29.84
C VAL A 205 48.24 -40.05 30.33
N ASP A 206 49.00 -39.80 31.39
CA ASP A 206 49.18 -38.46 31.94
C ASP A 206 50.61 -38.01 31.72
N LYS A 207 50.78 -36.83 31.13
CA LYS A 207 52.09 -36.26 30.83
C LYS A 207 52.20 -34.90 31.51
N LYS A 208 53.21 -34.75 32.36
CA LYS A 208 53.52 -33.45 32.96
C LYS A 208 54.59 -32.78 32.11
N LEU A 209 54.22 -31.67 31.47
CA LEU A 209 55.11 -31.00 30.54
C LEU A 209 56.19 -30.23 31.28
N GLU A 210 57.44 -30.43 30.86
CA GLU A 210 58.61 -29.87 31.52
C GLU A 210 59.36 -28.94 30.57
N PRO A 211 59.95 -27.85 31.09
CA PRO A 211 60.72 -26.92 30.26
C PRO A 211 62.00 -27.53 29.71
N ASP B 1 -15.26 24.50 -3.01
CA ASP B 1 -15.16 25.02 -1.67
C ASP B 1 -15.25 26.54 -1.67
N VAL B 2 -15.63 27.11 -0.53
CA VAL B 2 -15.79 28.56 -0.39
C VAL B 2 -14.52 29.12 0.25
N LEU B 3 -13.92 30.08 -0.44
CA LEU B 3 -12.71 30.75 0.04
C LEU B 3 -13.08 32.04 0.76
N LEU B 4 -12.55 32.21 1.96
CA LEU B 4 -12.74 33.42 2.75
C LEU B 4 -11.41 34.17 2.81
N THR B 5 -11.41 35.42 2.33
CA THR B 5 -10.22 36.26 2.30
C THR B 5 -10.43 37.47 3.21
N GLN B 6 -9.48 37.71 4.11
CA GLN B 6 -9.56 38.79 5.07
C GLN B 6 -8.54 39.88 4.73
N THR B 7 -8.96 41.13 4.86
CA THR B 7 -8.07 42.27 4.69
C THR B 7 -8.32 43.28 5.80
N PRO B 8 -7.24 43.86 6.37
CA PRO B 8 -5.84 43.57 6.03
C PRO B 8 -5.31 42.35 6.79
N LEU B 9 -4.05 42.00 6.53
CA LEU B 9 -3.41 40.92 7.27
C LEU B 9 -2.98 41.39 8.66
N SER B 10 -2.53 42.63 8.77
CA SER B 10 -2.11 43.22 10.04
C SER B 10 -2.74 44.59 10.16
N LEU B 11 -3.32 44.88 11.33
CA LEU B 11 -4.00 46.15 11.59
C LEU B 11 -3.41 46.77 12.85
N PRO B 12 -2.33 47.55 12.72
CA PRO B 12 -1.79 48.26 13.89
C PRO B 12 -2.64 49.50 14.20
N VAL B 13 -3.10 49.59 15.45
CA VAL B 13 -3.97 50.67 15.89
C VAL B 13 -3.45 51.21 17.21
N ASN B 14 -3.98 52.37 17.59
CA ASN B 14 -3.82 52.89 18.94
C ASN B 14 -5.01 52.45 19.79
N LEU B 15 -4.77 52.28 21.09
CA LEU B 15 -5.86 51.95 22.01
C LEU B 15 -6.91 53.05 21.98
N GLY B 16 -8.17 52.66 21.75
CA GLY B 16 -9.26 53.59 21.63
C GLY B 16 -9.68 53.91 20.21
N ASP B 17 -8.86 53.54 19.22
CA ASP B 17 -9.23 53.77 17.83
C ASP B 17 -10.36 52.85 17.40
N GLN B 18 -10.99 53.19 16.28
CA GLN B 18 -11.96 52.33 15.64
C GLN B 18 -11.27 51.52 14.55
N ALA B 19 -11.49 50.21 14.55
CA ALA B 19 -10.82 49.30 13.62
C ALA B 19 -11.86 48.50 12.85
N SER B 20 -11.65 48.38 11.55
CA SER B 20 -12.53 47.62 10.66
C SER B 20 -11.76 46.48 10.03
N ILE B 21 -12.38 45.31 9.97
CA ILE B 21 -11.81 44.11 9.36
C ILE B 21 -12.78 43.63 8.29
N SER B 22 -12.25 43.38 7.09
CA SER B 22 -13.05 42.94 5.96
C SER B 22 -12.90 41.44 5.76
N CYS B 23 -14.00 40.80 5.37
CA CYS B 23 -14.01 39.38 5.06
C CYS B 23 -14.85 39.19 3.81
N ARG B 24 -14.23 38.70 2.74
CA ARG B 24 -14.88 38.50 1.46
C ARG B 24 -14.83 37.02 1.09
N SER B 25 -15.96 36.50 0.62
CA SER B 25 -16.10 35.10 0.25
C SER B 25 -16.24 34.97 -1.26
N SER B 26 -15.80 33.81 -1.78
CA SER B 26 -15.90 33.55 -3.21
C SER B 26 -17.33 33.25 -3.64
N GLN B 27 -18.16 32.74 -2.73
CA GLN B 27 -19.57 32.51 -2.98
C GLN B 27 -20.38 33.16 -1.88
N THR B 28 -21.67 33.36 -2.14
CA THR B 28 -22.55 33.97 -1.15
C THR B 28 -22.74 33.04 0.03
N ILE B 29 -22.69 33.61 1.24
CA ILE B 29 -22.92 32.84 2.47
C ILE B 29 -24.40 32.70 2.78
N LEU B 30 -25.27 33.36 2.01
CA LEU B 30 -26.71 33.20 2.20
C LEU B 30 -27.13 31.76 1.95
N HIS B 31 -27.54 31.07 3.00
CA HIS B 31 -27.97 29.68 2.88
C HIS B 31 -29.39 29.62 2.33
N SER B 32 -29.77 28.42 1.87
CA SER B 32 -31.07 28.23 1.24
C SER B 32 -32.23 28.49 2.21
N ASP B 33 -31.99 28.39 3.51
CA ASP B 33 -33.04 28.63 4.49
C ASP B 33 -33.24 30.11 4.81
N GLY B 34 -32.58 31.01 4.07
CA GLY B 34 -32.71 32.42 4.30
C GLY B 34 -31.75 33.00 5.32
N TYR B 35 -30.96 32.18 5.99
CA TYR B 35 -29.99 32.62 6.97
C TYR B 35 -28.58 32.63 6.38
N THR B 36 -27.72 33.44 7.00
CA THR B 36 -26.33 33.62 6.57
C THR B 36 -25.43 33.29 7.75
N TYR B 37 -24.75 32.14 7.67
CA TYR B 37 -23.98 31.62 8.81
C TYR B 37 -22.53 32.08 8.69
N LEU B 38 -22.31 33.35 9.01
CA LEU B 38 -20.98 33.94 9.07
C LEU B 38 -20.67 34.33 10.51
N GLU B 39 -19.53 33.87 11.01
CA GLU B 39 -19.13 34.10 12.38
C GLU B 39 -17.77 34.79 12.43
N TRP B 40 -17.51 35.47 13.55
CA TRP B 40 -16.24 36.11 13.81
C TRP B 40 -15.65 35.56 15.10
N TYR B 41 -14.36 35.25 15.08
CA TYR B 41 -13.66 34.69 16.22
C TYR B 41 -12.46 35.56 16.59
N LEU B 42 -12.09 35.52 17.87
CA LEU B 42 -10.88 36.15 18.36
C LEU B 42 -10.00 35.11 19.02
N GLN B 43 -8.72 35.10 18.66
CA GLN B 43 -7.75 34.20 19.26
C GLN B 43 -6.60 35.04 19.82
N ARG B 44 -6.57 35.18 21.14
CA ARG B 44 -5.46 35.84 21.80
C ARG B 44 -4.23 34.92 21.81
N PRO B 45 -3.04 35.49 21.91
CA PRO B 45 -1.82 34.65 21.90
C PRO B 45 -1.82 33.67 23.06
N GLY B 46 -1.61 32.39 22.73
CA GLY B 46 -1.57 31.35 23.73
C GLY B 46 -2.92 30.88 24.23
N GLN B 47 -4.01 31.22 23.54
CA GLN B 47 -5.35 30.85 23.95
C GLN B 47 -6.08 30.20 22.78
N SER B 48 -7.20 29.57 23.10
CA SER B 48 -8.08 29.03 22.07
C SER B 48 -8.93 30.14 21.47
N PRO B 49 -9.37 29.98 20.22
CA PRO B 49 -10.28 30.97 19.64
C PRO B 49 -11.58 31.03 20.42
N LYS B 50 -12.15 32.24 20.50
CA LYS B 50 -13.41 32.48 21.19
C LYS B 50 -14.40 33.11 20.23
N LEU B 51 -15.67 32.71 20.35
CA LEU B 51 -16.71 33.22 19.48
C LEU B 51 -17.10 34.63 19.88
N LEU B 52 -17.10 35.54 18.91
CA LEU B 52 -17.54 36.91 19.13
C LEU B 52 -18.90 37.16 18.51
N ILE B 53 -19.04 36.89 17.21
CA ILE B 53 -20.25 37.19 16.45
C ILE B 53 -20.69 35.92 15.74
N TYR B 54 -22.01 35.70 15.71
CA TYR B 54 -22.60 34.66 14.89
C TYR B 54 -23.76 35.25 14.11
N ARG B 55 -24.09 34.61 12.98
CA ARG B 55 -25.13 35.08 12.06
C ARG B 55 -24.90 36.55 11.69
N VAL B 56 -23.69 36.83 11.19
CA VAL B 56 -23.30 38.13 10.65
C VAL B 56 -23.15 39.19 11.73
N TYR B 57 -24.17 39.39 12.56
CA TYR B 57 -24.19 40.52 13.48
C TYR B 57 -24.47 40.17 14.93
N LYS B 58 -25.01 38.99 15.24
CA LYS B 58 -25.42 38.70 16.61
C LYS B 58 -24.21 38.55 17.52
N ARG B 59 -24.19 39.32 18.60
CA ARG B 59 -23.12 39.25 19.58
C ARG B 59 -23.34 38.06 20.51
N PHE B 60 -22.30 37.28 20.74
CA PHE B 60 -22.40 36.17 21.66
C PHE B 60 -22.48 36.67 23.10
N SER B 61 -22.94 35.80 24.00
CA SER B 61 -23.10 36.15 25.40
C SER B 61 -21.78 36.62 26.00
N GLY B 62 -21.80 37.83 26.58
CA GLY B 62 -20.64 38.39 27.21
C GLY B 62 -19.78 39.28 26.34
N ILE B 63 -20.03 39.30 25.04
CA ILE B 63 -19.25 40.13 24.12
C ILE B 63 -19.72 41.56 24.22
N PRO B 64 -18.83 42.52 24.50
CA PRO B 64 -19.27 43.91 24.68
C PRO B 64 -19.80 44.51 23.38
N ASP B 65 -20.59 45.57 23.55
CA ASP B 65 -21.25 46.22 22.42
C ASP B 65 -20.29 46.91 21.46
N ARG B 66 -19.02 47.10 21.85
CA ARG B 66 -18.08 47.77 20.96
C ARG B 66 -17.74 46.91 19.74
N PHE B 67 -18.05 45.62 19.77
CA PHE B 67 -17.88 44.75 18.62
C PHE B 67 -19.16 44.75 17.80
N ARG B 68 -19.04 45.07 16.51
CA ARG B 68 -20.18 45.12 15.60
C ARG B 68 -19.84 44.42 14.30
N GLY B 69 -20.66 43.45 13.92
CA GLY B 69 -20.52 42.74 12.67
C GLY B 69 -21.66 43.10 11.73
N SER B 70 -21.36 43.11 10.44
CA SER B 70 -22.35 43.49 9.44
C SER B 70 -21.95 42.89 8.10
N GLY B 71 -22.80 43.10 7.10
CA GLY B 71 -22.57 42.62 5.76
C GLY B 71 -23.64 41.64 5.32
N SER B 72 -23.52 41.21 4.07
CA SER B 72 -24.41 40.23 3.48
C SER B 72 -23.76 39.72 2.20
N GLY B 73 -24.30 38.61 1.68
CA GLY B 73 -23.83 38.03 0.44
C GLY B 73 -22.39 37.55 0.50
N MET B 74 -21.49 38.32 -0.10
CA MET B 74 -20.07 37.95 -0.19
C MET B 74 -19.16 38.95 0.49
N ASP B 75 -19.69 39.92 1.21
CA ASP B 75 -18.89 40.96 1.85
C ASP B 75 -19.37 41.19 3.27
N PHE B 76 -18.43 41.15 4.21
CA PHE B 76 -18.74 41.26 5.63
C PHE B 76 -17.67 42.07 6.33
N THR B 77 -18.06 42.71 7.43
CA THR B 77 -17.19 43.65 8.12
C THR B 77 -17.34 43.50 9.63
N LEU B 78 -16.22 43.52 10.33
CA LEU B 78 -16.20 43.55 11.79
C LEU B 78 -15.61 44.88 12.22
N THR B 79 -16.34 45.60 13.06
CA THR B 79 -15.93 46.92 13.53
C THR B 79 -15.77 46.90 15.04
N ILE B 80 -14.60 47.33 15.51
CA ILE B 80 -14.29 47.43 16.94
C ILE B 80 -14.12 48.91 17.26
N SER B 81 -14.88 49.40 18.24
CA SER B 81 -14.83 50.81 18.61
C SER B 81 -15.20 51.05 20.07
N GLY B 82 -14.21 51.32 20.91
CA GLY B 82 -12.81 51.40 20.49
C GLY B 82 -11.97 50.27 21.04
N VAL B 83 -10.79 50.08 20.44
CA VAL B 83 -9.97 48.91 20.75
C VAL B 83 -9.40 49.03 22.16
N GLU B 84 -9.51 47.95 22.93
CA GLU B 84 -8.88 47.84 24.24
C GLU B 84 -7.77 46.79 24.19
N ALA B 85 -6.97 46.76 25.26
CA ALA B 85 -5.85 45.84 25.30
C ALA B 85 -6.30 44.38 25.24
N GLU B 86 -7.47 44.07 25.81
CA GLU B 86 -7.98 42.71 25.79
C GLU B 86 -8.44 42.28 24.40
N ASP B 87 -8.59 43.20 23.46
CA ASP B 87 -9.01 42.89 22.10
C ASP B 87 -7.86 42.54 21.18
N LEU B 88 -6.62 42.66 21.64
CA LEU B 88 -5.47 42.36 20.81
C LEU B 88 -5.37 40.86 20.54
N GLY B 89 -5.11 40.52 19.28
CA GLY B 89 -5.03 39.13 18.87
C GLY B 89 -5.33 39.00 17.38
N ILE B 90 -5.66 37.78 16.97
CA ILE B 90 -5.96 37.47 15.58
C ILE B 90 -7.46 37.23 15.46
N TYR B 91 -8.07 37.88 14.47
CA TYR B 91 -9.50 37.78 14.22
C TYR B 91 -9.73 36.95 12.97
N TYR B 92 -10.61 35.95 13.08
CA TYR B 92 -10.97 35.08 11.97
C TYR B 92 -12.45 35.22 11.67
N CYS B 93 -12.79 35.24 10.38
CA CYS B 93 -14.17 35.05 9.96
C CYS B 93 -14.38 33.59 9.55
N PHE B 94 -15.62 33.15 9.63
CA PHE B 94 -15.94 31.74 9.49
C PHE B 94 -17.34 31.59 8.89
N GLN B 95 -17.48 30.72 7.91
CA GLN B 95 -18.76 30.43 7.28
C GLN B 95 -19.17 29.00 7.57
N GLY B 96 -20.46 28.80 7.86
CA GLY B 96 -20.99 27.49 8.13
C GLY B 96 -22.18 27.15 7.25
N SER B 97 -22.33 27.90 6.15
CA SER B 97 -23.42 27.64 5.22
C SER B 97 -23.10 26.53 4.23
N TYR B 98 -21.82 26.20 4.05
CA TYR B 98 -21.39 25.20 3.09
C TYR B 98 -20.62 24.09 3.78
N VAL B 99 -20.52 22.96 3.08
CA VAL B 99 -19.63 21.88 3.47
C VAL B 99 -18.57 21.75 2.38
N PRO B 100 -17.29 21.93 2.74
CA PRO B 100 -16.80 22.11 4.12
C PRO B 100 -16.94 23.53 4.64
N ARG B 101 -17.02 23.66 5.97
CA ARG B 101 -16.93 24.96 6.60
C ARG B 101 -15.49 25.47 6.53
N THR B 102 -15.33 26.76 6.32
CA THR B 102 -14.01 27.34 6.09
C THR B 102 -13.82 28.61 6.91
N PHE B 103 -12.57 28.88 7.25
CA PHE B 103 -12.16 30.08 7.96
C PHE B 103 -11.51 31.08 7.00
N GLY B 104 -11.40 32.32 7.46
CA GLY B 104 -10.54 33.27 6.80
C GLY B 104 -9.10 33.13 7.27
N GLY B 105 -8.19 33.78 6.55
CA GLY B 105 -6.78 33.71 6.89
C GLY B 105 -6.43 34.35 8.22
N GLY B 106 -7.27 35.25 8.73
CA GLY B 106 -7.00 35.90 9.99
C GLY B 106 -6.45 37.30 9.85
N THR B 107 -6.86 38.20 10.73
CA THR B 107 -6.37 39.57 10.78
C THR B 107 -5.79 39.83 12.16
N LYS B 108 -4.50 40.11 12.23
CA LYS B 108 -3.82 40.34 13.50
C LYS B 108 -4.00 41.80 13.91
N LEU B 109 -4.73 42.01 15.01
CA LEU B 109 -4.91 43.35 15.57
C LEU B 109 -3.77 43.63 16.54
N GLU B 110 -2.89 44.55 16.16
CA GLU B 110 -1.70 44.87 16.94
C GLU B 110 -1.67 46.36 17.27
N ILE B 111 -0.65 46.78 17.99
CA ILE B 111 -0.56 48.14 18.53
C ILE B 111 0.41 48.95 17.67
N LYS B 112 0.01 50.16 17.31
CA LYS B 112 0.86 51.09 16.60
C LYS B 112 1.63 51.94 17.61
N ARG B 113 2.93 52.12 17.38
CA ARG B 113 3.76 52.93 18.25
C ARG B 113 4.83 53.61 17.42
N ALA B 114 5.61 54.47 18.07
CA ALA B 114 6.65 55.20 17.38
C ALA B 114 7.81 54.27 17.03
N ASP B 115 8.55 54.64 15.97
CA ASP B 115 9.67 53.83 15.54
C ASP B 115 10.75 53.78 16.61
N ALA B 116 11.49 52.67 16.63
CA ALA B 116 12.56 52.48 17.59
C ALA B 116 13.66 51.67 16.94
N ALA B 117 14.91 52.07 17.17
CA ALA B 117 16.05 51.34 16.65
C ALA B 117 16.33 50.13 17.55
N PRO B 118 16.89 49.06 16.99
CA PRO B 118 17.19 47.88 17.81
C PRO B 118 18.39 48.10 18.70
N THR B 119 18.36 47.45 19.86
CA THR B 119 19.50 47.36 20.76
C THR B 119 20.19 46.02 20.51
N VAL B 120 21.40 46.08 19.96
CA VAL B 120 22.10 44.90 19.47
C VAL B 120 23.10 44.44 20.51
N SER B 121 23.10 43.13 20.79
CA SER B 121 24.05 42.51 21.70
C SER B 121 24.62 41.28 21.02
N ILE B 122 25.95 41.20 20.93
CA ILE B 122 26.64 40.07 20.31
C ILE B 122 27.27 39.22 21.41
N PHE B 123 27.23 37.90 21.22
CA PHE B 123 27.76 36.96 22.21
C PHE B 123 28.65 35.95 21.51
N PRO B 124 29.93 35.88 21.84
CA PRO B 124 30.79 34.82 21.29
C PRO B 124 30.33 33.46 21.77
N PRO B 125 30.69 32.39 21.05
CA PRO B 125 30.41 31.05 21.56
C PRO B 125 31.10 30.83 22.89
N SER B 126 30.32 30.43 23.90
CA SER B 126 30.92 30.10 25.19
C SER B 126 31.86 28.92 25.04
N SER B 127 32.95 28.94 25.80
CA SER B 127 33.90 27.83 25.76
C SER B 127 33.27 26.51 26.16
N GLU B 128 32.15 26.55 26.89
CA GLU B 128 31.45 25.30 27.23
C GLU B 128 30.81 24.67 26.00
N GLN B 129 30.31 25.49 25.07
CA GLN B 129 29.69 24.93 23.88
C GLN B 129 30.72 24.37 22.90
N LEU B 130 31.86 25.05 22.76
CA LEU B 130 32.89 24.59 21.84
C LEU B 130 33.44 23.23 22.22
N THR B 131 33.25 22.79 23.47
CA THR B 131 33.65 21.44 23.85
C THR B 131 32.82 20.39 23.13
N SER B 132 31.60 20.73 22.73
CA SER B 132 30.72 19.80 22.02
C SER B 132 31.06 19.68 20.54
N GLY B 133 32.03 20.45 20.04
CA GLY B 133 32.37 20.43 18.64
C GLY B 133 31.62 21.43 17.79
N GLY B 134 30.67 22.17 18.35
CA GLY B 134 29.93 23.17 17.61
C GLY B 134 30.13 24.56 18.16
N ALA B 135 29.76 25.57 17.37
CA ALA B 135 29.93 26.97 17.76
C ALA B 135 28.73 27.76 17.30
N SER B 136 28.05 28.42 18.23
CA SER B 136 26.91 29.28 17.93
C SER B 136 27.19 30.67 18.49
N VAL B 137 27.33 31.65 17.60
CA VAL B 137 27.47 33.04 17.98
C VAL B 137 26.09 33.69 17.89
N VAL B 138 25.61 34.22 19.00
CA VAL B 138 24.22 34.66 19.15
C VAL B 138 24.20 36.18 19.14
N CYS B 139 23.16 36.74 18.52
CA CYS B 139 23.01 38.19 18.40
CA CYS B 139 23.00 38.18 18.46
C CYS B 139 21.55 38.54 18.68
N PHE B 140 21.30 39.29 19.74
CA PHE B 140 19.95 39.72 20.10
C PHE B 140 19.70 41.11 19.53
N LEU B 141 18.56 41.27 18.86
CA LEU B 141 18.11 42.57 18.35
C LEU B 141 16.82 42.88 19.09
N ASN B 142 16.93 43.66 20.16
CA ASN B 142 15.85 43.79 21.14
C ASN B 142 15.17 45.16 21.06
N ASN B 143 13.85 45.13 21.19
CA ASN B 143 13.02 46.32 21.42
C ASN B 143 13.16 47.33 20.27
N PHE B 144 12.65 46.91 19.12
CA PHE B 144 12.63 47.75 17.94
C PHE B 144 11.21 47.77 17.36
N TYR B 145 10.96 48.76 16.50
CA TYR B 145 9.68 48.89 15.83
C TYR B 145 9.89 49.71 14.56
N PRO B 146 9.25 49.30 13.45
CA PRO B 146 8.34 48.16 13.32
C PRO B 146 9.05 46.80 13.24
N LYS B 147 8.27 45.75 12.96
CA LYS B 147 8.78 44.38 13.07
C LYS B 147 9.79 44.04 11.98
N ASP B 148 9.68 44.67 10.82
CA ASP B 148 10.56 44.36 9.71
C ASP B 148 12.00 44.78 10.04
N ILE B 149 12.93 43.84 9.94
CA ILE B 149 14.34 44.10 10.23
C ILE B 149 15.19 43.10 9.46
N ASN B 150 16.45 43.46 9.26
CA ASN B 150 17.39 42.64 8.51
C ASN B 150 18.67 42.48 9.30
N VAL B 151 19.18 41.25 9.36
CA VAL B 151 20.44 40.94 10.03
C VAL B 151 21.38 40.31 9.01
N LYS B 152 22.64 40.73 9.05
CA LYS B 152 23.66 40.22 8.15
C LYS B 152 24.90 39.83 8.95
N TRP B 153 25.35 38.60 8.76
CA TRP B 153 26.53 38.09 9.44
C TRP B 153 27.76 38.28 8.58
N LYS B 154 28.86 38.71 9.21
CA LYS B 154 30.14 38.87 8.53
C LYS B 154 31.23 38.19 9.35
N ILE B 155 32.07 37.42 8.67
CA ILE B 155 33.21 36.76 9.28
C ILE B 155 34.46 37.36 8.64
N ASP B 156 35.23 38.12 9.43
CA ASP B 156 36.40 38.85 8.94
C ASP B 156 36.02 39.73 7.75
N GLY B 157 34.81 40.29 7.79
CA GLY B 157 34.30 41.13 6.73
C GLY B 157 33.57 40.40 5.62
N SER B 158 33.68 39.07 5.56
CA SER B 158 33.03 38.29 4.52
C SER B 158 31.64 37.88 4.95
N GLU B 159 30.64 38.21 4.13
CA GLU B 159 29.25 37.93 4.48
C GLU B 159 29.03 36.42 4.60
N ARG B 160 28.27 36.04 5.63
CA ARG B 160 27.94 34.64 5.90
C ARG B 160 26.43 34.51 6.01
N GLN B 161 25.84 33.68 5.14
CA GLN B 161 24.40 33.49 5.12
C GLN B 161 23.96 32.08 5.52
N ASN B 162 24.83 31.09 5.38
CA ASN B 162 24.47 29.73 5.73
C ASN B 162 24.56 29.51 7.24
N GLY B 163 23.72 28.61 7.76
CA GLY B 163 23.74 28.30 9.17
C GLY B 163 23.14 29.37 10.05
N VAL B 164 22.30 30.24 9.51
CA VAL B 164 21.70 31.34 10.25
C VAL B 164 20.27 30.98 10.60
N LEU B 165 19.90 31.15 11.87
CA LEU B 165 18.54 30.96 12.35
C LEU B 165 18.05 32.27 12.95
N ASN B 166 16.93 32.77 12.43
CA ASN B 166 16.34 34.03 12.87
C ASN B 166 14.95 33.76 13.43
N SER B 167 14.70 34.26 14.63
CA SER B 167 13.44 34.03 15.33
C SER B 167 12.93 35.33 15.90
N TRP B 168 11.72 35.72 15.49
CA TRP B 168 11.08 36.94 15.99
C TRP B 168 10.13 36.62 17.14
N THR B 169 10.05 37.55 18.08
CA THR B 169 9.04 37.51 19.11
C THR B 169 7.76 38.18 18.62
N ASP B 170 6.68 37.98 19.37
CA ASP B 170 5.46 38.74 19.14
C ASP B 170 5.62 40.13 19.76
N GLN B 171 4.61 40.98 19.57
CA GLN B 171 4.68 42.33 20.10
C GLN B 171 4.74 42.30 21.63
N ASP B 172 5.70 43.02 22.19
CA ASP B 172 5.89 43.03 23.63
C ASP B 172 4.69 43.66 24.32
N SER B 173 4.32 43.09 25.47
CA SER B 173 3.12 43.52 26.17
C SER B 173 3.31 44.79 26.99
N LYS B 174 4.52 45.34 27.05
CA LYS B 174 4.80 46.51 27.86
C LYS B 174 5.19 47.75 27.06
N ASP B 175 6.00 47.60 26.01
CA ASP B 175 6.34 48.74 25.16
C ASP B 175 5.94 48.55 23.70
N SER B 176 5.28 47.43 23.37
CA SER B 176 4.75 47.16 22.03
C SER B 176 5.84 47.06 20.97
N THR B 177 7.09 46.87 21.38
CA THR B 177 8.19 46.70 20.43
C THR B 177 8.30 45.23 20.03
N TYR B 178 9.21 44.98 19.08
CA TYR B 178 9.53 43.63 18.65
C TYR B 178 10.99 43.34 18.95
N SER B 179 11.30 42.05 19.09
CA SER B 179 12.66 41.58 19.29
C SER B 179 12.89 40.37 18.39
N MET B 180 14.15 40.15 18.02
CA MET B 180 14.51 38.99 17.23
C MET B 180 15.88 38.48 17.65
N SER B 181 16.07 37.18 17.52
CA SER B 181 17.32 36.52 17.83
C SER B 181 17.91 35.94 16.55
N SER B 182 19.19 36.21 16.31
CA SER B 182 19.90 35.70 15.15
C SER B 182 21.09 34.87 15.62
N THR B 183 21.15 33.61 15.17
CA THR B 183 22.19 32.68 15.58
C THR B 183 22.92 32.19 14.34
N LEU B 184 24.25 32.32 14.35
CA LEU B 184 25.11 31.76 13.31
C LEU B 184 25.77 30.50 13.85
N THR B 185 25.48 29.36 13.23
CA THR B 185 25.95 28.07 13.70
C THR B 185 27.12 27.61 12.86
N LEU B 186 28.26 27.37 13.49
CA LEU B 186 29.46 26.87 12.83
C LEU B 186 30.00 25.69 13.62
N THR B 187 30.88 24.93 12.99
CA THR B 187 31.64 23.93 13.72
C THR B 187 32.75 24.62 14.52
N LYS B 188 33.28 23.88 15.50
CA LYS B 188 34.36 24.43 16.31
C LYS B 188 35.60 24.73 15.47
N ASP B 189 35.93 23.81 14.55
CA ASP B 189 37.11 24.01 13.70
C ASP B 189 36.95 25.24 12.81
N GLU B 190 35.81 25.37 12.15
CA GLU B 190 35.59 26.52 11.27
C GLU B 190 35.58 27.81 12.06
N TYR B 191 35.01 27.79 13.27
CA TYR B 191 34.95 28.99 14.09
C TYR B 191 36.34 29.48 14.48
N GLU B 192 37.30 28.58 14.64
CA GLU B 192 38.63 28.93 15.09
C GLU B 192 39.58 29.29 13.96
N ARG B 193 39.12 29.20 12.70
CA ARG B 193 39.93 29.59 11.55
C ARG B 193 39.86 31.08 11.26
N HIS B 194 39.09 31.84 12.03
CA HIS B 194 38.82 33.23 11.71
C HIS B 194 39.04 34.11 12.94
N ASN B 195 39.07 35.43 12.71
CA ASN B 195 39.44 36.40 13.73
C ASN B 195 38.23 37.14 14.29
N SER B 196 37.48 37.84 13.45
N SER B 196 37.48 37.85 13.45
CA SER B 196 36.40 38.70 13.91
CA SER B 196 36.39 38.70 13.91
C SER B 196 35.04 38.17 13.43
C SER B 196 35.04 38.15 13.44
N TYR B 197 34.02 38.41 14.25
CA TYR B 197 32.64 38.02 13.94
C TYR B 197 31.75 39.23 14.17
N THR B 198 30.85 39.47 13.23
CA THR B 198 30.13 40.74 13.17
C THR B 198 28.66 40.53 12.84
N CYS B 199 27.81 41.22 13.59
CA CYS B 199 26.36 41.22 13.40
CA CYS B 199 26.37 41.21 13.35
C CYS B 199 25.93 42.60 12.93
N GLU B 200 25.25 42.68 11.79
CA GLU B 200 24.85 43.96 11.20
C GLU B 200 23.33 44.00 11.09
N ALA B 201 22.71 44.90 11.85
CA ALA B 201 21.26 45.03 11.87
C ALA B 201 20.86 46.24 11.04
N THR B 202 20.06 46.02 10.00
CA THR B 202 19.55 47.07 9.14
C THR B 202 18.07 47.25 9.42
N HIS B 203 17.67 48.47 9.77
CA HIS B 203 16.31 48.79 10.15
C HIS B 203 15.93 50.12 9.51
N LYS B 204 14.62 50.35 9.36
CA LYS B 204 14.18 51.57 8.70
C LYS B 204 14.46 52.83 9.52
N THR B 205 14.86 52.68 10.80
CA THR B 205 15.19 53.82 11.62
C THR B 205 16.52 54.46 11.24
N SER B 206 17.28 53.88 10.31
CA SER B 206 18.53 54.46 9.86
C SER B 206 18.94 53.82 8.55
N THR B 207 19.49 54.63 7.64
CA THR B 207 20.08 54.08 6.44
C THR B 207 21.41 53.39 6.71
N SER B 208 22.03 53.69 7.85
CA SER B 208 23.27 53.04 8.27
C SER B 208 22.96 51.94 9.26
N PRO B 209 23.43 50.72 9.02
CA PRO B 209 23.12 49.62 9.93
C PRO B 209 23.96 49.65 11.20
N ILE B 210 23.38 49.10 12.27
CA ILE B 210 24.06 49.02 13.55
C ILE B 210 25.01 47.83 13.53
N VAL B 211 26.26 48.07 13.93
CA VAL B 211 27.32 47.08 13.83
C VAL B 211 27.80 46.72 15.23
N LYS B 212 27.82 45.42 15.53
CA LYS B 212 28.39 44.90 16.76
C LYS B 212 29.33 43.76 16.40
N SER B 213 30.57 43.83 16.88
CA SER B 213 31.60 42.89 16.48
C SER B 213 32.45 42.51 17.69
N PHE B 214 33.12 41.37 17.57
CA PHE B 214 34.13 40.96 18.53
C PHE B 214 35.24 40.23 17.80
N ASN B 215 36.44 40.29 18.36
CA ASN B 215 37.60 39.61 17.81
C ASN B 215 37.99 38.47 18.75
N ARG B 216 38.23 37.28 18.17
CA ARG B 216 38.60 36.13 18.99
C ARG B 216 39.95 36.34 19.67
N ASN B 217 40.85 37.10 19.06
CA ASN B 217 42.18 37.27 19.62
C ASN B 217 42.17 38.16 20.86
N GLU B 218 41.30 39.17 20.90
CA GLU B 218 41.21 40.01 22.07
C GLU B 218 40.51 39.28 23.21
N GLU C 1 -35.59 -30.87 -36.91
CA GLU C 1 -36.37 -31.51 -37.98
C GLU C 1 -37.79 -30.97 -38.01
N VAL C 2 -38.41 -30.86 -36.84
CA VAL C 2 -39.73 -30.24 -36.72
C VAL C 2 -39.57 -28.73 -36.85
N GLN C 3 -40.31 -28.13 -37.78
CA GLN C 3 -40.14 -26.71 -38.06
C GLN C 3 -41.47 -26.11 -38.48
N LEU C 4 -41.75 -24.91 -37.99
CA LEU C 4 -42.91 -24.13 -38.39
C LEU C 4 -42.43 -22.83 -39.01
N GLN C 5 -42.75 -22.64 -40.29
CA GLN C 5 -42.32 -21.46 -41.05
C GLN C 5 -43.52 -20.54 -41.23
N GLN C 6 -43.46 -19.37 -40.61
CA GLN C 6 -44.53 -18.40 -40.73
C GLN C 6 -44.24 -17.42 -41.86
N SER C 7 -45.26 -16.65 -42.23
CA SER C 7 -45.16 -15.76 -43.38
C SER C 7 -44.53 -14.42 -42.97
N GLY C 8 -44.35 -13.55 -43.96
CA GLY C 8 -43.65 -12.29 -43.77
C GLY C 8 -44.45 -11.28 -42.97
N PRO C 9 -43.81 -10.15 -42.65
CA PRO C 9 -44.49 -9.12 -41.85
C PRO C 9 -45.55 -8.40 -42.67
N GLU C 10 -46.59 -7.93 -41.96
CA GLU C 10 -47.76 -7.34 -42.60
C GLU C 10 -47.95 -5.90 -42.15
N LEU C 11 -48.33 -5.05 -43.10
CA LEU C 11 -48.73 -3.67 -42.82
C LEU C 11 -50.11 -3.49 -43.45
N ILE C 12 -51.14 -3.38 -42.61
CA ILE C 12 -52.53 -3.36 -43.05
C ILE C 12 -53.20 -2.11 -42.52
N LYS C 13 -54.09 -1.53 -43.33
CA LYS C 13 -54.86 -0.38 -42.89
C LYS C 13 -55.91 -0.81 -41.86
N PRO C 14 -56.30 0.09 -40.96
CA PRO C 14 -57.36 -0.25 -40.00
C PRO C 14 -58.68 -0.50 -40.71
N GLY C 15 -59.46 -1.44 -40.17
CA GLY C 15 -60.73 -1.81 -40.74
C GLY C 15 -60.68 -2.91 -41.76
N ALA C 16 -59.51 -3.21 -42.30
CA ALA C 16 -59.34 -4.29 -43.26
C ALA C 16 -59.07 -5.60 -42.51
N SER C 17 -58.76 -6.66 -43.26
CA SER C 17 -58.45 -7.96 -42.69
C SER C 17 -57.13 -8.46 -43.26
N VAL C 18 -56.56 -9.47 -42.60
CA VAL C 18 -55.30 -10.04 -43.02
C VAL C 18 -55.32 -11.54 -42.71
N LYS C 19 -54.62 -12.31 -43.53
CA LYS C 19 -54.48 -13.75 -43.34
C LYS C 19 -53.01 -14.09 -43.39
N MET C 20 -52.50 -14.69 -42.31
CA MET C 20 -51.12 -15.12 -42.22
C MET C 20 -51.07 -16.65 -42.15
N SER C 21 -49.96 -17.22 -42.62
CA SER C 21 -49.84 -18.66 -42.79
C SER C 21 -48.75 -19.22 -41.88
N CYS C 22 -48.75 -20.54 -41.76
CA CYS C 22 -47.82 -21.25 -40.88
C CYS C 22 -47.61 -22.64 -41.49
N GLU C 23 -46.47 -22.83 -42.14
CA GLU C 23 -46.19 -24.07 -42.85
C GLU C 23 -45.43 -25.03 -41.94
N ALA C 24 -45.95 -26.25 -41.83
CA ALA C 24 -45.36 -27.27 -40.96
C ALA C 24 -44.57 -28.27 -41.79
N SER C 25 -43.39 -28.64 -41.28
CA SER C 25 -42.54 -29.62 -41.95
C SER C 25 -41.84 -30.47 -40.90
N GLY C 26 -41.46 -31.68 -41.31
CA GLY C 26 -40.71 -32.58 -40.45
C GLY C 26 -41.54 -33.54 -39.63
N TYR C 27 -42.86 -33.56 -39.81
CA TYR C 27 -43.72 -34.49 -39.08
C TYR C 27 -45.05 -34.59 -39.81
N ILE C 28 -45.95 -35.40 -39.26
CA ILE C 28 -47.28 -35.58 -39.83
C ILE C 28 -48.16 -34.41 -39.38
N PHE C 29 -48.55 -33.55 -40.33
CA PHE C 29 -49.22 -32.31 -39.99
C PHE C 29 -50.55 -32.55 -39.28
N THR C 30 -51.29 -33.57 -39.70
CA THR C 30 -52.63 -33.82 -39.16
C THR C 30 -52.61 -34.57 -37.82
N GLU C 31 -51.45 -34.71 -37.18
CA GLU C 31 -51.37 -35.44 -35.92
C GLU C 31 -51.21 -34.55 -34.69
N TYR C 32 -51.02 -33.24 -34.87
CA TYR C 32 -50.73 -32.35 -33.75
C TYR C 32 -51.58 -31.09 -33.84
N TYR C 33 -52.08 -30.66 -32.68
CA TYR C 33 -52.76 -29.37 -32.62
C TYR C 33 -51.80 -28.24 -33.00
N ILE C 34 -52.35 -27.22 -33.64
CA ILE C 34 -51.61 -26.02 -34.01
C ILE C 34 -52.18 -24.85 -33.22
N HIS C 35 -51.36 -24.25 -32.37
CA HIS C 35 -51.76 -23.13 -31.54
C HIS C 35 -51.38 -21.80 -32.19
N TRP C 36 -52.09 -20.75 -31.81
CA TRP C 36 -51.79 -19.39 -32.24
C TRP C 36 -51.74 -18.50 -31.01
N VAL C 37 -50.66 -17.72 -30.88
CA VAL C 37 -50.41 -16.89 -29.71
C VAL C 37 -50.12 -15.47 -30.17
N LYS C 38 -50.61 -14.50 -29.40
CA LYS C 38 -50.37 -13.08 -29.64
C LYS C 38 -49.43 -12.53 -28.58
N GLN C 39 -48.43 -11.77 -29.01
CA GLN C 39 -47.48 -11.12 -28.10
C GLN C 39 -47.36 -9.65 -28.47
N ILE C 40 -47.76 -8.76 -27.57
CA ILE C 40 -47.63 -7.32 -27.75
C ILE C 40 -46.39 -6.86 -26.99
N GLN C 41 -45.66 -5.92 -27.58
CA GLN C 41 -44.49 -5.29 -26.96
C GLN C 41 -43.43 -6.32 -26.53
N GLY C 42 -43.45 -7.50 -27.14
CA GLY C 42 -42.48 -8.53 -26.82
C GLY C 42 -42.47 -8.97 -25.36
N ARG C 43 -43.65 -9.01 -24.73
N ARG C 43 -43.64 -9.02 -24.74
CA ARG C 43 -43.73 -9.42 -23.34
CA ARG C 43 -43.74 -9.37 -23.33
C ARG C 43 -44.93 -10.32 -23.09
C ARG C 43 -44.92 -10.30 -23.07
N SER C 44 -46.11 -9.73 -22.93
CA SER C 44 -47.29 -10.50 -22.59
C SER C 44 -47.71 -11.40 -23.74
N LEU C 45 -48.04 -12.66 -23.42
CA LEU C 45 -48.49 -13.64 -24.39
C LEU C 45 -49.96 -13.93 -24.19
N GLU C 46 -50.70 -14.02 -25.29
CA GLU C 46 -52.14 -14.29 -25.26
C GLU C 46 -52.44 -15.47 -26.18
N TRP C 47 -53.02 -16.51 -25.62
CA TRP C 47 -53.42 -17.68 -26.41
C TRP C 47 -54.69 -17.36 -27.17
N ILE C 48 -54.66 -17.54 -28.49
CA ILE C 48 -55.82 -17.23 -29.33
C ILE C 48 -56.70 -18.46 -29.53
N GLY C 49 -56.09 -19.61 -29.78
CA GLY C 49 -56.83 -20.83 -29.99
C GLY C 49 -55.94 -21.88 -30.60
N TYR C 50 -56.53 -23.05 -30.85
CA TYR C 50 -55.83 -24.09 -31.59
C TYR C 50 -56.81 -24.79 -32.53
N VAL C 51 -56.25 -25.40 -33.57
CA VAL C 51 -57.01 -26.12 -34.59
C VAL C 51 -56.37 -27.50 -34.75
N HIS C 52 -57.21 -28.51 -34.97
CA HIS C 52 -56.73 -29.86 -35.24
C HIS C 52 -56.75 -30.09 -36.74
N PRO C 53 -55.58 -30.17 -37.39
CA PRO C 53 -55.57 -30.33 -38.86
C PRO C 53 -56.24 -31.60 -39.35
N LYS C 54 -56.39 -32.62 -38.50
CA LYS C 54 -57.06 -33.85 -38.90
C LYS C 54 -58.50 -33.56 -39.34
N THR C 55 -59.23 -32.78 -38.55
CA THR C 55 -60.63 -32.51 -38.80
C THR C 55 -60.93 -31.05 -39.10
N GLY C 56 -60.00 -30.13 -38.84
CA GLY C 56 -60.29 -28.72 -38.94
C GLY C 56 -61.04 -28.13 -37.78
N ASP C 57 -61.32 -28.92 -36.74
CA ASP C 57 -62.01 -28.41 -35.57
C ASP C 57 -61.15 -27.39 -34.83
N VAL C 58 -61.78 -26.34 -34.32
CA VAL C 58 -61.08 -25.26 -33.66
C VAL C 58 -61.64 -25.06 -32.26
N ILE C 59 -60.76 -24.80 -31.30
CA ILE C 59 -61.13 -24.35 -29.97
C ILE C 59 -60.57 -22.95 -29.81
N TYR C 60 -61.46 -21.98 -29.61
CA TYR C 60 -61.09 -20.58 -29.54
C TYR C 60 -61.00 -20.09 -28.10
N ASN C 61 -60.07 -19.19 -27.85
CA ASN C 61 -60.20 -18.24 -26.76
C ASN C 61 -61.35 -17.31 -27.10
N GLN C 62 -62.40 -17.32 -26.27
CA GLN C 62 -63.60 -16.56 -26.58
C GLN C 62 -63.34 -15.06 -26.67
N ASN C 63 -62.24 -14.57 -26.07
CA ASN C 63 -61.86 -13.18 -26.25
C ASN C 63 -61.43 -12.89 -27.69
N PHE C 64 -61.08 -13.92 -28.46
CA PHE C 64 -60.71 -13.76 -29.86
C PHE C 64 -61.75 -14.33 -30.82
N ARG C 65 -62.83 -14.91 -30.32
CA ARG C 65 -63.88 -15.43 -31.18
C ARG C 65 -64.53 -14.28 -31.94
N GLY C 66 -64.55 -14.38 -33.27
CA GLY C 66 -64.97 -13.31 -34.14
C GLY C 66 -63.84 -12.43 -34.63
N LYS C 67 -62.78 -12.27 -33.82
CA LYS C 67 -61.60 -11.55 -34.27
C LYS C 67 -60.69 -12.43 -35.10
N ALA C 68 -60.46 -13.67 -34.67
CA ALA C 68 -59.57 -14.59 -35.37
C ALA C 68 -60.35 -15.78 -35.91
N THR C 69 -59.91 -16.28 -37.06
CA THR C 69 -60.49 -17.46 -37.69
C THR C 69 -59.35 -18.38 -38.09
N LEU C 70 -59.34 -19.58 -37.53
CA LEU C 70 -58.29 -20.56 -37.77
C LEU C 70 -58.74 -21.60 -38.79
N THR C 71 -57.93 -21.81 -39.83
CA THR C 71 -58.18 -22.83 -40.83
C THR C 71 -56.88 -23.56 -41.11
N VAL C 72 -56.98 -24.62 -41.93
CA VAL C 72 -55.84 -25.41 -42.34
C VAL C 72 -56.00 -25.82 -43.80
N ASN C 73 -54.87 -26.12 -44.44
CA ASN C 73 -54.83 -26.69 -45.78
C ASN C 73 -53.90 -27.90 -45.71
N ARG C 74 -54.48 -29.10 -45.63
CA ARG C 74 -53.68 -30.31 -45.42
C ARG C 74 -52.80 -30.62 -46.63
N SER C 75 -53.21 -30.22 -47.83
CA SER C 75 -52.41 -30.49 -49.01
C SER C 75 -51.08 -29.75 -49.02
N SER C 76 -50.99 -28.64 -48.28
CA SER C 76 -49.76 -27.88 -48.19
C SER C 76 -49.16 -27.88 -46.79
N ASN C 77 -49.73 -28.64 -45.85
CA ASN C 77 -49.26 -28.69 -44.46
C ASN C 77 -49.17 -27.29 -43.86
N THR C 78 -50.18 -26.46 -44.15
CA THR C 78 -50.17 -25.07 -43.76
C THR C 78 -51.40 -24.76 -42.91
N ALA C 79 -51.17 -24.08 -41.78
CA ALA C 79 -52.24 -23.55 -40.95
C ALA C 79 -52.36 -22.05 -41.18
N TYR C 80 -53.59 -21.55 -41.14
CA TYR C 80 -53.87 -20.14 -41.42
C TYR C 80 -54.61 -19.50 -40.24
N MET C 81 -54.43 -18.20 -40.09
CA MET C 81 -55.20 -17.40 -39.16
C MET C 81 -55.58 -16.10 -39.83
N GLU C 82 -56.87 -15.82 -39.92
CA GLU C 82 -57.37 -14.56 -40.45
C GLU C 82 -57.84 -13.69 -39.30
N LEU C 83 -57.40 -12.44 -39.30
CA LEU C 83 -57.83 -11.44 -38.32
C LEU C 83 -58.75 -10.43 -39.02
N HIS C 84 -59.92 -10.18 -38.42
CA HIS C 84 -60.96 -9.37 -39.03
C HIS C 84 -61.05 -8.01 -38.35
N SER C 85 -61.45 -7.00 -39.13
CA SER C 85 -61.72 -5.65 -38.65
C SER C 85 -60.55 -5.11 -37.82
N LEU C 86 -59.39 -5.01 -38.47
CA LEU C 86 -58.16 -4.71 -37.77
C LEU C 86 -58.18 -3.31 -37.17
N THR C 87 -57.65 -3.21 -35.96
CA THR C 87 -57.41 -1.94 -35.28
C THR C 87 -55.94 -1.86 -34.89
N SER C 88 -55.55 -0.70 -34.36
CA SER C 88 -54.16 -0.53 -33.91
C SER C 88 -53.82 -1.48 -32.77
N GLU C 89 -54.81 -1.85 -31.96
CA GLU C 89 -54.56 -2.80 -30.88
C GLU C 89 -54.16 -4.18 -31.39
N ASP C 90 -54.45 -4.48 -32.66
CA ASP C 90 -54.05 -5.76 -33.24
C ASP C 90 -52.59 -5.79 -33.66
N SER C 91 -51.89 -4.66 -33.61
CA SER C 91 -50.47 -4.61 -33.93
C SER C 91 -49.69 -5.40 -32.90
N ALA C 92 -49.06 -6.49 -33.32
CA ALA C 92 -48.34 -7.37 -32.42
C ALA C 92 -47.56 -8.39 -33.25
N VAL C 93 -46.87 -9.28 -32.56
CA VAL C 93 -46.24 -10.45 -33.17
C VAL C 93 -47.14 -11.65 -32.91
N TYR C 94 -47.49 -12.38 -33.95
CA TYR C 94 -48.35 -13.55 -33.84
C TYR C 94 -47.55 -14.81 -34.11
N TYR C 95 -47.65 -15.77 -33.19
CA TYR C 95 -46.92 -17.03 -33.25
C TYR C 95 -47.86 -18.18 -33.55
N CYS C 96 -47.40 -19.11 -34.39
CA CYS C 96 -48.00 -20.42 -34.50
C CYS C 96 -47.06 -21.42 -33.83
N ALA C 97 -47.63 -22.43 -33.19
CA ALA C 97 -46.80 -23.31 -32.38
C ALA C 97 -47.41 -24.69 -32.27
N ARG C 98 -46.54 -25.70 -32.36
CA ARG C 98 -46.85 -27.03 -31.87
C ARG C 98 -46.66 -27.03 -30.35
N TRP C 99 -47.01 -28.15 -29.72
CA TRP C 99 -46.90 -28.23 -28.26
C TRP C 99 -45.46 -28.01 -27.79
N ASP C 100 -44.48 -28.33 -28.64
CA ASP C 100 -43.08 -28.29 -28.27
C ASP C 100 -42.24 -27.43 -29.20
N SER C 101 -42.83 -26.80 -30.22
CA SER C 101 -42.06 -26.10 -31.24
C SER C 101 -42.87 -24.91 -31.74
N TRP C 102 -42.26 -23.73 -31.69
CA TRP C 102 -42.89 -22.49 -32.11
C TRP C 102 -42.33 -22.02 -33.43
N GLY C 103 -43.16 -21.31 -34.19
CA GLY C 103 -42.71 -20.63 -35.38
C GLY C 103 -41.88 -19.39 -35.03
N GLN C 104 -41.35 -18.76 -36.08
CA GLN C 104 -40.53 -17.57 -35.87
C GLN C 104 -41.37 -16.33 -35.59
N GLY C 105 -42.68 -16.39 -35.76
CA GLY C 105 -43.52 -15.24 -35.49
C GLY C 105 -43.72 -14.36 -36.71
N THR C 106 -44.87 -13.70 -36.76
CA THR C 106 -45.22 -12.80 -37.84
C THR C 106 -45.58 -11.44 -37.25
N THR C 107 -44.88 -10.40 -37.68
CA THR C 107 -45.13 -9.05 -37.18
C THR C 107 -46.26 -8.41 -37.99
N LEU C 108 -47.26 -7.91 -37.28
CA LEU C 108 -48.38 -7.21 -37.89
C LEU C 108 -48.40 -5.77 -37.39
N THR C 109 -48.44 -4.82 -38.32
CA THR C 109 -48.56 -3.41 -37.99
C THR C 109 -49.82 -2.88 -38.66
N VAL C 110 -50.78 -2.44 -37.85
CA VAL C 110 -52.04 -1.89 -38.35
C VAL C 110 -51.99 -0.39 -38.17
N SER C 111 -52.00 0.34 -39.29
CA SER C 111 -51.91 1.80 -39.26
C SER C 111 -52.37 2.35 -40.59
N SER C 112 -52.90 3.57 -40.57
CA SER C 112 -53.31 4.27 -41.78
C SER C 112 -52.28 5.28 -42.25
N ALA C 113 -51.15 5.41 -41.56
CA ALA C 113 -50.12 6.33 -41.99
C ALA C 113 -49.43 5.83 -43.25
N LYS C 114 -49.00 6.78 -44.08
CA LYS C 114 -48.30 6.47 -45.31
C LYS C 114 -46.80 6.59 -45.10
N THR C 115 -46.04 6.16 -46.11
CA THR C 115 -44.59 6.21 -46.04
C THR C 115 -44.11 7.64 -45.86
N THR C 116 -43.31 7.87 -44.81
CA THR C 116 -42.82 9.20 -44.48
C THR C 116 -41.34 9.12 -44.17
N PRO C 117 -40.49 9.85 -44.90
CA PRO C 117 -39.06 9.84 -44.57
C PRO C 117 -38.81 10.54 -43.25
N PRO C 118 -37.74 10.19 -42.55
CA PRO C 118 -37.48 10.78 -41.24
C PRO C 118 -36.83 12.15 -41.35
N SER C 119 -37.07 12.97 -40.33
CA SER C 119 -36.37 14.22 -40.13
C SER C 119 -35.21 13.96 -39.16
N VAL C 120 -33.99 14.12 -39.64
CA VAL C 120 -32.80 13.82 -38.86
C VAL C 120 -32.28 15.13 -38.27
N TYR C 121 -32.34 15.24 -36.94
CA TYR C 121 -31.92 16.44 -36.24
C TYR C 121 -30.65 16.17 -35.46
N PRO C 122 -29.59 16.96 -35.66
CA PRO C 122 -28.36 16.73 -34.90
C PRO C 122 -28.48 17.18 -33.46
N LEU C 123 -27.91 16.40 -32.55
CA LEU C 123 -27.84 16.73 -31.13
C LEU C 123 -26.38 17.07 -30.83
N ALA C 124 -26.05 18.32 -30.90
CA ALA C 124 -24.66 18.72 -30.77
C ALA C 124 -24.28 18.92 -29.31
N PRO C 125 -23.06 18.52 -28.94
CA PRO C 125 -22.61 18.76 -27.57
C PRO C 125 -22.45 20.24 -27.30
N GLY C 126 -22.43 20.58 -26.04
CA GLY C 126 -22.73 21.94 -25.63
C GLY C 126 -24.24 22.05 -25.60
N CYS C 127 -24.80 22.63 -24.54
CA CYS C 127 -24.02 23.31 -23.51
C CYS C 127 -23.41 22.37 -22.46
N GLY C 128 -24.11 21.29 -22.14
CA GLY C 128 -23.61 20.37 -21.13
C GLY C 128 -23.66 18.92 -21.54
N ASP C 129 -22.63 18.47 -22.27
CA ASP C 129 -22.57 17.10 -22.75
C ASP C 129 -21.18 16.48 -22.59
N THR C 130 -20.28 17.10 -21.86
CA THR C 130 -18.97 16.54 -21.57
C THR C 130 -18.93 16.09 -20.11
N THR C 131 -18.83 14.78 -19.90
CA THR C 131 -18.68 14.20 -18.58
C THR C 131 -17.29 13.59 -18.47
N GLY C 132 -16.46 14.16 -17.61
CA GLY C 132 -15.09 13.71 -17.50
C GLY C 132 -14.32 13.99 -18.77
N SER C 133 -13.72 12.96 -19.33
CA SER C 133 -12.93 13.06 -20.55
C SER C 133 -13.67 12.57 -21.78
N SER C 134 -15.00 12.47 -21.72
CA SER C 134 -15.80 11.98 -22.82
C SER C 134 -16.92 12.96 -23.13
N VAL C 135 -17.35 12.97 -24.38
CA VAL C 135 -18.43 13.83 -24.85
C VAL C 135 -19.42 12.99 -25.63
N THR C 136 -20.71 13.17 -25.34
CA THR C 136 -21.77 12.38 -25.95
C THR C 136 -22.47 13.19 -27.04
N LEU C 137 -22.60 12.59 -28.22
CA LEU C 137 -23.28 13.20 -29.34
C LEU C 137 -24.56 12.41 -29.64
N GLY C 138 -25.39 12.96 -30.51
CA GLY C 138 -26.64 12.28 -30.81
C GLY C 138 -27.30 12.79 -32.08
N CYS C 139 -28.30 12.03 -32.52
CA CYS C 139 -29.13 12.40 -33.65
C CYS C 139 -30.57 11.98 -33.35
N LEU C 140 -31.50 12.92 -33.54
CA LEU C 140 -32.91 12.67 -33.29
C LEU C 140 -33.60 12.35 -34.62
N VAL C 141 -34.16 11.16 -34.73
CA VAL C 141 -34.81 10.68 -35.94
C VAL C 141 -36.31 10.73 -35.70
N LYS C 142 -36.96 11.76 -36.21
CA LYS C 142 -38.32 12.12 -35.82
C LYS C 142 -39.27 12.00 -37.00
N GLY C 143 -40.42 11.38 -36.76
CA GLY C 143 -41.52 11.36 -37.71
C GLY C 143 -41.29 10.57 -38.98
N TYR C 144 -41.08 9.26 -38.85
CA TYR C 144 -40.91 8.40 -40.01
C TYR C 144 -41.89 7.24 -39.94
N PHE C 145 -42.14 6.64 -41.09
CA PHE C 145 -43.04 5.49 -41.19
C PHE C 145 -42.79 4.74 -42.50
N PRO C 146 -42.76 3.40 -42.43
CA PRO C 146 -42.87 2.63 -41.19
C PRO C 146 -41.51 2.30 -40.60
N GLU C 147 -41.48 1.33 -39.69
CA GLU C 147 -40.22 0.77 -39.20
C GLU C 147 -39.54 0.01 -40.34
N SER C 148 -38.21 0.05 -40.38
CA SER C 148 -37.40 0.74 -39.38
C SER C 148 -36.30 1.56 -40.02
N VAL C 149 -35.38 2.07 -39.20
CA VAL C 149 -34.24 2.85 -39.65
C VAL C 149 -32.97 2.21 -39.11
N THR C 150 -31.87 2.48 -39.81
CA THR C 150 -30.54 2.01 -39.41
C THR C 150 -29.64 3.22 -39.24
N VAL C 151 -29.36 3.58 -37.99
CA VAL C 151 -28.48 4.69 -37.68
C VAL C 151 -27.04 4.19 -37.62
N THR C 152 -26.17 4.83 -38.41
CA THR C 152 -24.77 4.44 -38.50
C THR C 152 -23.90 5.67 -38.26
N TRP C 153 -22.93 5.55 -37.37
CA TRP C 153 -22.04 6.65 -37.01
C TRP C 153 -20.69 6.46 -37.71
N ASN C 154 -20.31 7.45 -38.53
CA ASN C 154 -19.02 7.45 -39.22
C ASN C 154 -18.84 6.22 -40.09
N SER C 155 -19.93 5.77 -40.72
CA SER C 155 -19.93 4.61 -41.62
C SER C 155 -19.39 3.37 -40.93
N GLY C 156 -19.95 3.07 -39.75
CA GLY C 156 -19.57 1.90 -38.99
C GLY C 156 -18.28 2.01 -38.21
N SER C 157 -17.56 3.13 -38.33
CA SER C 157 -16.32 3.30 -37.59
C SER C 157 -16.56 3.33 -36.09
N LEU C 158 -17.67 3.90 -35.65
CA LEU C 158 -18.05 3.97 -34.25
C LEU C 158 -19.21 3.01 -34.01
N SER C 159 -19.09 2.18 -32.98
CA SER C 159 -20.12 1.17 -32.73
C SER C 159 -20.25 0.82 -31.25
N SER C 160 -19.14 0.53 -30.58
CA SER C 160 -19.23 0.01 -29.22
C SER C 160 -19.69 1.08 -28.25
N SER C 161 -19.46 2.36 -28.56
CA SER C 161 -19.89 3.47 -27.72
C SER C 161 -21.19 4.10 -28.20
N VAL C 162 -22.03 3.33 -28.88
CA VAL C 162 -23.28 3.81 -29.45
C VAL C 162 -24.44 3.19 -28.69
N HIS C 163 -25.47 4.01 -28.42
CA HIS C 163 -26.72 3.55 -27.85
C HIS C 163 -27.84 3.84 -28.84
N THR C 164 -28.56 2.81 -29.23
CA THR C 164 -29.70 2.94 -30.14
C THR C 164 -30.99 2.82 -29.34
N PHE C 165 -31.83 3.86 -29.43
CA PHE C 165 -33.01 3.73 -28.58
C PHE C 165 -34.24 3.31 -29.39
N PRO C 166 -35.04 2.40 -28.84
CA PRO C 166 -36.20 1.89 -29.59
C PRO C 166 -37.18 2.99 -29.94
N ALA C 167 -37.76 2.89 -31.14
CA ALA C 167 -38.70 3.89 -31.60
C ALA C 167 -40.00 3.83 -30.80
N LEU C 168 -40.64 4.98 -30.68
CA LEU C 168 -41.93 5.11 -30.04
C LEU C 168 -42.89 5.85 -30.96
N LEU C 169 -44.19 5.67 -30.71
CA LEU C 169 -45.20 6.33 -31.50
C LEU C 169 -45.41 7.76 -31.01
N GLN C 170 -45.33 8.71 -31.94
CA GLN C 170 -45.51 10.13 -31.64
C GLN C 170 -46.33 10.75 -32.76
N SER C 171 -47.60 11.06 -32.48
CA SER C 171 -48.51 11.65 -33.45
C SER C 171 -48.69 10.76 -34.67
N GLY C 172 -48.85 9.46 -34.43
CA GLY C 172 -49.06 8.50 -35.49
C GLY C 172 -47.82 8.12 -36.28
N LEU C 173 -46.66 8.69 -35.96
CA LEU C 173 -45.42 8.38 -36.64
C LEU C 173 -44.37 7.97 -35.62
N TYR C 174 -43.31 7.33 -36.12
CA TYR C 174 -42.25 6.83 -35.26
C TYR C 174 -41.16 7.87 -35.04
N THR C 175 -40.59 7.87 -33.84
CA THR C 175 -39.47 8.73 -33.49
C THR C 175 -38.50 7.93 -32.64
N MET C 176 -37.24 7.89 -33.05
CA MET C 176 -36.19 7.21 -32.30
C MET C 176 -35.02 8.16 -32.11
N SER C 177 -34.04 7.71 -31.33
CA SER C 177 -32.85 8.49 -31.08
C SER C 177 -31.65 7.57 -30.96
N SER C 178 -30.47 8.12 -31.18
CA SER C 178 -29.22 7.39 -31.11
C SER C 178 -28.14 8.29 -30.54
N SER C 179 -27.29 7.73 -29.67
CA SER C 179 -26.22 8.48 -29.04
C SER C 179 -24.88 7.81 -29.32
N VAL C 180 -23.83 8.61 -29.32
CA VAL C 180 -22.46 8.12 -29.48
C VAL C 180 -21.57 8.89 -28.53
N THR C 181 -20.59 8.21 -27.94
CA THR C 181 -19.70 8.80 -26.95
C THR C 181 -18.27 8.66 -27.44
N VAL C 182 -17.58 9.79 -27.58
CA VAL C 182 -16.19 9.80 -28.06
C VAL C 182 -15.34 10.55 -27.06
N PRO C 183 -14.02 10.35 -27.09
CA PRO C 183 -13.14 11.13 -26.22
C PRO C 183 -13.32 12.62 -26.45
N SER C 184 -13.14 13.40 -25.37
CA SER C 184 -13.36 14.83 -25.44
C SER C 184 -12.40 15.53 -26.41
N SER C 185 -11.28 14.89 -26.75
CA SER C 185 -10.31 15.48 -27.67
C SER C 185 -10.63 15.19 -29.13
N THR C 186 -11.27 14.05 -29.41
CA THR C 186 -11.56 13.70 -30.80
C THR C 186 -12.65 14.58 -31.41
N TRP C 187 -13.41 15.28 -30.59
CA TRP C 187 -14.46 16.17 -31.09
C TRP C 187 -14.36 17.53 -30.40
N PRO C 188 -14.50 18.62 -31.18
CA PRO C 188 -14.78 18.67 -32.61
C PRO C 188 -13.54 18.71 -33.48
N SER C 189 -12.42 18.23 -32.95
CA SER C 189 -11.19 18.18 -33.72
C SER C 189 -11.32 17.26 -34.93
N GLN C 190 -12.20 16.27 -34.85
CA GLN C 190 -12.47 15.36 -35.95
C GLN C 190 -13.96 15.32 -36.21
N THR C 191 -14.32 14.79 -37.38
CA THR C 191 -15.70 14.80 -37.85
C THR C 191 -16.44 13.57 -37.33
N VAL C 192 -17.64 13.79 -36.79
CA VAL C 192 -18.56 12.72 -36.40
C VAL C 192 -19.86 12.93 -37.16
N THR C 193 -20.36 11.86 -37.79
CA THR C 193 -21.52 11.94 -38.66
C THR C 193 -22.42 10.74 -38.41
N CYS C 194 -23.72 10.99 -38.22
CA CYS C 194 -24.70 9.93 -38.13
C CYS C 194 -25.35 9.76 -39.51
N SER C 195 -25.48 8.50 -39.94
CA SER C 195 -26.07 8.16 -41.23
C SER C 195 -27.37 7.42 -40.97
N VAL C 196 -28.49 8.04 -41.29
CA VAL C 196 -29.81 7.47 -41.06
C VAL C 196 -30.35 6.97 -42.39
N ALA C 197 -30.60 5.66 -42.48
CA ALA C 197 -31.11 5.03 -43.69
C ALA C 197 -32.53 4.54 -43.43
N HIS C 198 -33.46 4.93 -44.31
CA HIS C 198 -34.85 4.51 -44.22
C HIS C 198 -35.21 3.83 -45.54
N PRO C 199 -35.06 2.50 -45.61
CA PRO C 199 -35.24 1.81 -46.91
C PRO C 199 -36.66 1.88 -47.45
N ALA C 200 -37.67 1.98 -46.58
CA ALA C 200 -39.05 2.03 -47.06
C ALA C 200 -39.29 3.27 -47.91
N SER C 201 -38.67 4.39 -47.55
CA SER C 201 -38.78 5.63 -48.32
C SER C 201 -37.59 5.84 -49.24
N SER C 202 -36.63 4.91 -49.25
CA SER C 202 -35.44 5.00 -50.12
C SER C 202 -34.67 6.29 -49.89
N THR C 203 -34.49 6.65 -48.61
CA THR C 203 -33.80 7.87 -48.23
C THR C 203 -32.64 7.55 -47.31
N THR C 204 -31.60 8.39 -47.40
CA THR C 204 -30.42 8.27 -46.53
C THR C 204 -29.93 9.67 -46.24
N VAL C 205 -29.86 10.03 -44.95
CA VAL C 205 -29.44 11.36 -44.52
C VAL C 205 -28.13 11.23 -43.76
N ASP C 206 -27.18 12.11 -44.07
CA ASP C 206 -25.89 12.16 -43.39
C ASP C 206 -25.80 13.49 -42.65
N LYS C 207 -25.83 13.44 -41.33
CA LYS C 207 -25.76 14.63 -40.48
C LYS C 207 -24.37 14.67 -39.82
N LYS C 208 -23.51 15.56 -40.32
CA LYS C 208 -22.28 15.87 -39.63
C LYS C 208 -22.58 16.78 -38.45
N LEU C 209 -22.02 16.45 -37.29
CA LEU C 209 -22.31 17.20 -36.06
C LEU C 209 -21.30 18.34 -35.91
N GLU C 210 -21.82 19.57 -35.79
CA GLU C 210 -21.09 20.80 -35.60
C GLU C 210 -21.40 21.39 -34.23
N PRO C 211 -20.42 22.01 -33.56
CA PRO C 211 -20.65 22.62 -32.24
C PRO C 211 -21.64 23.79 -32.29
N GLU D 1 16.87 22.88 -24.74
CA GLU D 1 18.18 22.23 -24.62
C GLU D 1 18.67 22.28 -23.18
N VAL D 2 18.02 23.11 -22.36
CA VAL D 2 18.32 23.15 -20.93
C VAL D 2 17.91 21.81 -20.32
N GLN D 3 18.85 21.14 -19.67
CA GLN D 3 18.61 19.79 -19.20
C GLN D 3 19.44 19.52 -17.95
N LEU D 4 18.82 18.86 -16.97
CA LEU D 4 19.49 18.39 -15.77
C LEU D 4 19.32 16.88 -15.70
N GLN D 5 20.43 16.15 -15.83
CA GLN D 5 20.46 14.70 -15.83
C GLN D 5 21.00 14.21 -14.49
N GLN D 6 20.16 13.50 -13.74
CA GLN D 6 20.52 12.98 -12.43
C GLN D 6 21.01 11.53 -12.55
N SER D 7 21.70 11.08 -11.51
CA SER D 7 22.25 9.74 -11.47
C SER D 7 21.17 8.72 -11.12
N GLY D 8 21.50 7.44 -11.33
CA GLY D 8 20.54 6.38 -11.24
C GLY D 8 20.13 6.08 -9.80
N PRO D 9 19.18 5.14 -9.66
CA PRO D 9 18.65 4.84 -8.33
C PRO D 9 19.68 4.21 -7.41
N GLU D 10 19.48 4.39 -6.12
CA GLU D 10 20.43 3.95 -5.10
C GLU D 10 19.72 3.08 -4.07
N LEU D 11 20.41 2.03 -3.63
CA LEU D 11 19.98 1.18 -2.53
C LEU D 11 21.12 1.14 -1.52
N ILE D 12 20.92 1.77 -0.37
CA ILE D 12 21.99 1.98 0.60
C ILE D 12 21.57 1.40 1.95
N LYS D 13 22.55 0.86 2.68
CA LYS D 13 22.28 0.34 4.01
C LYS D 13 22.12 1.49 5.01
N PRO D 14 21.34 1.29 6.07
CA PRO D 14 21.21 2.33 7.09
C PRO D 14 22.54 2.63 7.75
N GLY D 15 22.73 3.90 8.10
CA GLY D 15 23.97 4.36 8.71
C GLY D 15 25.07 4.73 7.74
N ALA D 16 24.95 4.34 6.48
CA ALA D 16 25.96 4.66 5.48
C ALA D 16 25.65 6.02 4.86
N SER D 17 26.41 6.39 3.82
CA SER D 17 26.22 7.65 3.12
C SER D 17 26.11 7.36 1.63
N VAL D 18 25.64 8.37 0.88
CA VAL D 18 25.49 8.24 -0.56
C VAL D 18 25.64 9.64 -1.17
N LYS D 19 26.15 9.68 -2.40
CA LYS D 19 26.33 10.92 -3.13
C LYS D 19 25.72 10.76 -4.52
N MET D 20 24.73 11.59 -4.83
CA MET D 20 24.09 11.61 -6.14
C MET D 20 24.54 12.84 -6.91
N SER D 21 24.45 12.76 -8.23
CA SER D 21 24.97 13.79 -9.11
C SER D 21 23.85 14.40 -9.93
N CYS D 22 24.15 15.55 -10.54
CA CYS D 22 23.20 16.30 -11.36
C CYS D 22 24.01 17.06 -12.40
N GLU D 23 24.09 16.51 -13.61
CA GLU D 23 24.87 17.11 -14.68
C GLU D 23 24.00 18.10 -15.46
N ALA D 24 24.49 19.32 -15.60
CA ALA D 24 23.78 20.39 -16.30
C ALA D 24 24.29 20.52 -17.72
N SER D 25 23.38 20.75 -18.66
CA SER D 25 23.74 20.96 -20.06
C SER D 25 22.77 21.95 -20.68
N GLY D 26 23.23 22.61 -21.74
CA GLY D 26 22.41 23.55 -22.49
C GLY D 26 22.47 24.98 -22.01
N TYR D 27 23.28 25.28 -21.00
CA TYR D 27 23.40 26.65 -20.49
C TYR D 27 24.71 26.75 -19.72
N ILE D 28 25.01 27.96 -19.24
CA ILE D 28 26.22 28.21 -18.46
C ILE D 28 25.96 27.76 -17.02
N PHE D 29 26.69 26.72 -16.58
CA PHE D 29 26.40 26.08 -15.29
C PHE D 29 26.58 27.06 -14.13
N THR D 30 27.57 27.94 -14.20
CA THR D 30 27.89 28.83 -13.10
C THR D 30 27.03 30.09 -13.07
N GLU D 31 25.99 30.19 -13.90
CA GLU D 31 25.15 31.37 -13.94
C GLU D 31 23.81 31.18 -13.22
N TYR D 32 23.50 29.97 -12.76
CA TYR D 32 22.19 29.69 -12.20
C TYR D 32 22.31 28.89 -10.91
N TYR D 33 21.45 29.22 -9.94
CA TYR D 33 21.37 28.42 -8.73
C TYR D 33 20.90 27.00 -9.04
N ILE D 34 21.28 26.08 -8.16
CA ILE D 34 20.87 24.68 -8.27
C ILE D 34 20.22 24.29 -6.95
N HIS D 35 18.94 23.95 -7.00
CA HIS D 35 18.18 23.56 -5.82
C HIS D 35 18.09 22.04 -5.71
N TRP D 36 17.89 21.57 -4.49
CA TRP D 36 17.68 20.14 -4.21
C TRP D 36 16.42 19.98 -3.38
N VAL D 37 15.50 19.14 -3.86
CA VAL D 37 14.19 18.96 -3.26
C VAL D 37 13.97 17.49 -2.95
N LYS D 38 13.33 17.21 -1.81
CA LYS D 38 13.00 15.86 -1.38
C LYS D 38 11.50 15.63 -1.51
N GLN D 39 11.12 14.51 -2.13
CA GLN D 39 9.71 14.13 -2.26
C GLN D 39 9.53 12.71 -1.77
N ILE D 40 8.73 12.53 -0.71
CA ILE D 40 8.39 11.21 -0.20
C ILE D 40 6.99 10.85 -0.69
N GLN D 41 6.79 9.58 -1.02
CA GLN D 41 5.51 9.04 -1.48
C GLN D 41 4.96 9.77 -2.69
N GLY D 42 5.82 10.48 -3.43
CA GLY D 42 5.39 11.14 -4.65
C GLY D 42 4.39 12.25 -4.46
N ARG D 43 4.42 12.93 -3.31
N ARG D 43 4.41 12.91 -3.30
CA ARG D 43 3.47 13.99 -3.04
CA ARG D 43 3.49 14.03 -3.08
C ARG D 43 4.14 15.18 -2.35
C ARG D 43 4.18 15.18 -2.36
N SER D 44 4.42 15.03 -1.06
CA SER D 44 4.97 16.13 -0.27
C SER D 44 6.38 16.48 -0.73
N LEU D 45 6.58 17.75 -1.07
CA LEU D 45 7.88 18.27 -1.50
C LEU D 45 8.54 19.03 -0.36
N GLU D 46 9.86 18.89 -0.25
CA GLU D 46 10.61 19.51 0.84
C GLU D 46 11.91 20.08 0.28
N TRP D 47 12.11 21.38 0.47
CA TRP D 47 13.29 22.06 -0.05
C TRP D 47 14.46 21.84 0.89
N ILE D 48 15.55 21.30 0.36
CA ILE D 48 16.73 21.00 1.17
C ILE D 48 17.71 22.17 1.16
N GLY D 49 17.97 22.76 0.00
CA GLY D 49 18.87 23.89 -0.08
C GLY D 49 19.23 24.18 -1.52
N TYR D 50 20.16 25.11 -1.70
CA TYR D 50 20.68 25.39 -3.02
C TYR D 50 22.17 25.72 -2.93
N VAL D 51 22.83 25.64 -4.09
CA VAL D 51 24.25 25.98 -4.23
C VAL D 51 24.41 26.82 -5.48
N HIS D 52 25.29 27.82 -5.41
CA HIS D 52 25.62 28.62 -6.59
C HIS D 52 26.95 28.14 -7.15
N PRO D 53 26.98 27.53 -8.33
CA PRO D 53 28.23 26.98 -8.85
C PRO D 53 29.31 28.02 -9.12
N LYS D 54 28.93 29.31 -9.26
CA LYS D 54 29.95 30.34 -9.49
C LYS D 54 30.95 30.39 -8.35
N THR D 55 30.48 30.27 -7.11
CA THR D 55 31.34 30.35 -5.94
C THR D 55 31.33 29.08 -5.09
N GLY D 56 30.35 28.20 -5.25
CA GLY D 56 30.21 27.07 -4.37
C GLY D 56 29.50 27.39 -3.07
N ASP D 57 28.98 28.60 -2.91
CA ASP D 57 28.26 28.97 -1.70
C ASP D 57 26.93 28.23 -1.63
N VAL D 58 26.53 27.89 -0.41
CA VAL D 58 25.35 27.07 -0.16
C VAL D 58 24.46 27.75 0.87
N ILE D 59 23.16 27.56 0.71
CA ILE D 59 22.16 27.89 1.73
C ILE D 59 21.34 26.63 1.98
N TYR D 60 21.42 26.10 3.19
CA TYR D 60 20.69 24.90 3.56
C TYR D 60 19.42 25.25 4.33
N ASN D 61 18.37 24.46 4.11
CA ASN D 61 17.32 24.31 5.09
C ASN D 61 17.97 23.75 6.35
N GLN D 62 17.97 24.54 7.42
CA GLN D 62 18.73 24.18 8.62
C GLN D 62 18.25 22.88 9.25
N ASN D 63 17.03 22.43 8.91
CA ASN D 63 16.59 21.11 9.34
C ASN D 63 17.49 20.01 8.78
N PHE D 64 18.12 20.26 7.63
CA PHE D 64 18.98 19.29 6.98
C PHE D 64 20.47 19.55 7.24
N ARG D 65 20.80 20.35 8.25
CA ARG D 65 22.19 20.59 8.58
C ARG D 65 22.81 19.32 9.14
N GLY D 66 23.91 18.88 8.52
CA GLY D 66 24.53 17.61 8.84
C GLY D 66 24.00 16.43 8.06
N LYS D 67 22.77 16.53 7.54
CA LYS D 67 22.22 15.44 6.75
C LYS D 67 22.63 15.56 5.28
N ALA D 68 22.62 16.78 4.74
CA ALA D 68 22.88 17.01 3.33
C ALA D 68 24.08 17.93 3.16
N THR D 69 24.91 17.62 2.15
CA THR D 69 26.06 18.43 1.81
C THR D 69 26.03 18.67 0.31
N LEU D 70 25.99 19.94 -0.09
CA LEU D 70 25.90 20.32 -1.50
C LEU D 70 27.26 20.80 -2.00
N THR D 71 27.70 20.23 -3.11
CA THR D 71 28.95 20.63 -3.74
C THR D 71 28.73 20.71 -5.25
N VAL D 72 29.72 21.23 -5.96
CA VAL D 72 29.70 21.30 -7.42
C VAL D 72 31.09 20.95 -7.94
N ASN D 73 31.11 20.52 -9.20
CA ASN D 73 32.36 20.36 -9.96
C ASN D 73 32.16 21.13 -11.26
N ARG D 74 32.73 22.33 -11.33
CA ARG D 74 32.54 23.19 -12.50
C ARG D 74 33.17 22.58 -13.74
N SER D 75 34.20 21.75 -13.58
CA SER D 75 34.89 21.18 -14.73
C SER D 75 34.02 20.18 -15.49
N SER D 76 33.00 19.62 -14.84
CA SER D 76 32.10 18.67 -15.49
C SER D 76 30.65 19.14 -15.48
N ASN D 77 30.39 20.38 -15.06
CA ASN D 77 29.05 20.95 -15.02
C ASN D 77 28.10 20.07 -14.20
N THR D 78 28.58 19.64 -13.03
CA THR D 78 27.86 18.68 -12.21
C THR D 78 27.69 19.21 -10.79
N ALA D 79 26.47 19.16 -10.28
CA ALA D 79 26.19 19.43 -8.88
C ALA D 79 26.02 18.12 -8.14
N TYR D 80 26.49 18.08 -6.90
CA TYR D 80 26.43 16.87 -6.08
C TYR D 80 25.70 17.14 -4.78
N MET D 81 25.03 16.11 -4.27
CA MET D 81 24.44 16.14 -2.94
C MET D 81 24.82 14.85 -2.22
N GLU D 82 25.46 14.98 -1.06
CA GLU D 82 25.81 13.85 -0.22
C GLU D 82 24.87 13.81 0.97
N LEU D 83 24.32 12.63 1.25
CA LEU D 83 23.45 12.42 2.39
C LEU D 83 24.16 11.52 3.39
N HIS D 84 24.20 11.95 4.65
CA HIS D 84 24.98 11.30 5.69
C HIS D 84 24.06 10.58 6.67
N SER D 85 24.59 9.50 7.26
CA SER D 85 23.93 8.74 8.33
C SER D 85 22.49 8.39 7.96
N LEU D 86 22.37 7.64 6.86
CA LEU D 86 21.06 7.38 6.28
C LEU D 86 20.20 6.51 7.18
N THR D 87 18.91 6.84 7.25
CA THR D 87 17.89 6.03 7.88
C THR D 87 16.79 5.74 6.86
N SER D 88 15.82 4.92 7.26
CA SER D 88 14.71 4.59 6.37
C SER D 88 13.89 5.82 5.99
N GLU D 89 13.90 6.87 6.80
CA GLU D 89 13.15 8.07 6.47
C GLU D 89 13.81 8.89 5.37
N ASP D 90 15.08 8.63 5.07
CA ASP D 90 15.72 9.25 3.93
C ASP D 90 15.28 8.64 2.60
N SER D 91 14.52 7.56 2.64
CA SER D 91 14.00 6.94 1.41
C SER D 91 13.01 7.89 0.76
N ALA D 92 13.35 8.39 -0.42
CA ALA D 92 12.53 9.37 -1.13
C ALA D 92 13.10 9.53 -2.53
N VAL D 93 12.45 10.37 -3.32
CA VAL D 93 12.95 10.80 -4.62
C VAL D 93 13.53 12.20 -4.45
N TYR D 94 14.80 12.37 -4.81
CA TYR D 94 15.49 13.64 -4.65
C TYR D 94 15.65 14.30 -6.01
N TYR D 95 15.28 15.57 -6.08
CA TYR D 95 15.28 16.31 -7.34
C TYR D 95 16.33 17.40 -7.30
N CYS D 96 17.04 17.55 -8.41
CA CYS D 96 17.89 18.71 -8.63
CA CYS D 96 17.91 18.68 -8.65
C CYS D 96 17.21 19.61 -9.63
N ALA D 97 17.20 20.92 -9.35
CA ALA D 97 16.39 21.81 -10.16
C ALA D 97 17.04 23.17 -10.33
N ARG D 98 16.89 23.72 -11.53
CA ARG D 98 17.08 25.13 -11.79
C ARG D 98 15.78 25.85 -11.42
N TRP D 99 15.78 27.18 -11.53
CA TRP D 99 14.58 27.92 -11.18
C TRP D 99 13.41 27.59 -12.10
N ASP D 100 13.69 27.02 -13.28
CA ASP D 100 12.67 26.76 -14.28
C ASP D 100 12.73 25.36 -14.87
N SER D 101 13.66 24.52 -14.45
CA SER D 101 13.81 23.18 -15.00
CA SER D 101 13.81 23.18 -15.00
C SER D 101 14.26 22.22 -13.92
N TRP D 102 13.57 21.09 -13.79
CA TRP D 102 13.88 20.07 -12.81
C TRP D 102 14.52 18.87 -13.49
N GLY D 103 15.38 18.19 -12.73
CA GLY D 103 15.89 16.91 -13.19
C GLY D 103 14.84 15.83 -13.12
N GLN D 104 15.18 14.65 -13.65
CA GLN D 104 14.23 13.54 -13.66
C GLN D 104 14.08 12.89 -12.28
N GLY D 105 14.98 13.17 -11.35
CA GLY D 105 14.87 12.63 -10.00
C GLY D 105 15.72 11.39 -9.82
N THR D 106 16.13 11.17 -8.57
CA THR D 106 16.89 9.99 -8.17
C THR D 106 16.16 9.33 -7.02
N THR D 107 15.84 8.05 -7.17
CA THR D 107 15.17 7.27 -6.13
C THR D 107 16.21 6.70 -5.18
N LEU D 108 16.05 7.01 -3.90
CA LEU D 108 16.91 6.48 -2.84
C LEU D 108 16.09 5.56 -1.94
N THR D 109 16.54 4.32 -1.80
CA THR D 109 15.93 3.37 -0.88
C THR D 109 16.97 2.99 0.17
N VAL D 110 16.67 3.31 1.43
CA VAL D 110 17.54 2.97 2.55
C VAL D 110 16.88 1.84 3.33
N SER D 111 17.55 0.68 3.37
CA SER D 111 17.00 -0.49 4.05
C SER D 111 18.12 -1.49 4.28
N SER D 112 17.95 -2.29 5.33
CA SER D 112 18.89 -3.35 5.65
C SER D 112 18.41 -4.72 5.15
N ALA D 113 17.30 -4.74 4.42
CA ALA D 113 16.74 -6.00 3.95
C ALA D 113 17.58 -6.60 2.83
N LYS D 114 17.64 -7.93 2.81
CA LYS D 114 18.37 -8.66 1.78
C LYS D 114 17.48 -8.92 0.57
N THR D 115 18.13 -9.13 -0.57
CA THR D 115 17.41 -9.44 -1.80
C THR D 115 16.62 -10.74 -1.62
N THR D 116 15.30 -10.65 -1.74
CA THR D 116 14.42 -11.79 -1.50
C THR D 116 13.46 -11.96 -2.67
N PRO D 117 13.37 -13.16 -3.24
CA PRO D 117 12.37 -13.42 -4.29
C PRO D 117 10.98 -13.46 -3.70
N PRO D 118 9.95 -13.18 -4.51
CA PRO D 118 8.60 -13.15 -3.98
C PRO D 118 7.97 -14.53 -3.88
N SER D 119 7.00 -14.64 -2.98
CA SER D 119 6.11 -15.79 -2.91
C SER D 119 4.84 -15.45 -3.68
N VAL D 120 4.58 -16.23 -4.73
CA VAL D 120 3.45 -15.97 -5.63
C VAL D 120 2.30 -16.88 -5.21
N TYR D 121 1.21 -16.28 -4.76
CA TYR D 121 0.05 -17.02 -4.28
C TYR D 121 -1.13 -16.81 -5.23
N PRO D 122 -1.72 -17.87 -5.78
CA PRO D 122 -2.88 -17.68 -6.66
C PRO D 122 -4.12 -17.33 -5.87
N LEU D 123 -4.91 -16.41 -6.41
CA LEU D 123 -6.18 -15.99 -5.83
C LEU D 123 -7.28 -16.55 -6.75
N ALA D 124 -7.79 -17.72 -6.40
CA ALA D 124 -8.73 -18.44 -7.24
C ALA D 124 -10.17 -18.23 -6.77
N PRO D 125 -11.11 -18.14 -7.70
CA PRO D 125 -12.52 -17.94 -7.34
C PRO D 125 -13.13 -19.23 -6.83
N GLY D 126 -14.40 -19.12 -6.46
CA GLY D 126 -15.12 -20.19 -5.79
C GLY D 126 -15.93 -19.58 -4.67
N CYS D 127 -15.39 -18.51 -4.10
CA CYS D 127 -16.14 -17.66 -3.18
C CYS D 127 -16.82 -16.57 -3.99
N GLY D 128 -17.17 -15.46 -3.35
CA GLY D 128 -17.80 -14.35 -4.06
C GLY D 128 -16.85 -13.63 -5.00
N ASP D 129 -16.59 -14.22 -6.17
CA ASP D 129 -15.69 -13.61 -7.14
C ASP D 129 -16.34 -13.46 -8.52
N THR D 130 -17.63 -13.76 -8.65
CA THR D 130 -18.36 -13.60 -9.91
C THR D 130 -19.39 -12.51 -9.71
N THR D 131 -19.23 -11.40 -10.43
CA THR D 131 -20.18 -10.30 -10.43
C THR D 131 -20.77 -10.21 -11.82
N GLY D 132 -22.05 -10.58 -11.95
CA GLY D 132 -22.71 -10.61 -13.24
C GLY D 132 -22.20 -11.71 -14.14
N SER D 133 -21.65 -11.33 -15.30
CA SER D 133 -21.09 -12.28 -16.25
C SER D 133 -19.57 -12.23 -16.31
N SER D 134 -18.94 -11.75 -15.24
CA SER D 134 -17.48 -11.62 -15.18
C SER D 134 -16.96 -12.24 -13.90
N VAL D 135 -15.83 -12.93 -13.99
CA VAL D 135 -15.16 -13.52 -12.83
C VAL D 135 -13.80 -12.86 -12.67
N THR D 136 -13.43 -12.54 -11.43
CA THR D 136 -12.19 -11.85 -11.12
C THR D 136 -11.18 -12.82 -10.54
N LEU D 137 -9.96 -12.81 -11.10
CA LEU D 137 -8.87 -13.64 -10.63
C LEU D 137 -7.75 -12.74 -10.12
N GLY D 138 -6.81 -13.34 -9.39
CA GLY D 138 -5.73 -12.56 -8.83
C GLY D 138 -4.51 -13.38 -8.49
N CYS D 139 -3.43 -12.67 -8.21
CA CYS D 139 -2.17 -13.26 -7.76
C CYS D 139 -1.55 -12.35 -6.72
N LEU D 140 -1.23 -12.90 -5.56
CA LEU D 140 -0.65 -12.16 -4.45
C LEU D 140 0.86 -12.34 -4.46
N VAL D 141 1.59 -11.23 -4.52
CA VAL D 141 3.04 -11.23 -4.61
C VAL D 141 3.57 -10.69 -3.29
N LYS D 142 4.01 -11.57 -2.41
CA LYS D 142 4.29 -11.23 -1.02
C LYS D 142 5.74 -11.51 -0.64
N GLY D 143 6.33 -10.56 0.10
CA GLY D 143 7.62 -10.75 0.72
C GLY D 143 8.81 -10.74 -0.23
N TYR D 144 8.91 -9.71 -1.06
CA TYR D 144 10.03 -9.60 -1.99
C TYR D 144 10.80 -8.30 -1.74
N PHE D 145 12.06 -8.30 -2.14
CA PHE D 145 12.92 -7.14 -2.01
C PHE D 145 14.10 -7.24 -2.97
N PRO D 146 14.45 -6.13 -3.61
CA PRO D 146 13.74 -4.85 -3.53
C PRO D 146 12.68 -4.71 -4.62
N GLU D 147 12.26 -3.48 -4.87
CA GLU D 147 11.39 -3.17 -6.00
C GLU D 147 12.19 -3.31 -7.30
N SER D 148 11.55 -3.75 -8.36
CA SER D 148 10.13 -4.09 -8.36
C SER D 148 9.87 -5.41 -9.08
N VAL D 149 8.59 -5.73 -9.25
CA VAL D 149 8.17 -6.92 -9.97
C VAL D 149 7.26 -6.50 -11.11
N THR D 150 7.13 -7.38 -12.09
CA THR D 150 6.25 -7.17 -13.23
C THR D 150 5.32 -8.37 -13.36
N VAL D 151 4.03 -8.13 -13.20
CA VAL D 151 3.01 -9.18 -13.29
C VAL D 151 2.45 -9.20 -14.70
N THR D 152 2.41 -10.38 -15.32
CA THR D 152 1.99 -10.54 -16.69
C THR D 152 0.97 -11.67 -16.77
N TRP D 153 -0.20 -11.37 -17.32
CA TRP D 153 -1.30 -12.34 -17.43
C TRP D 153 -1.38 -12.87 -18.86
N ASN D 154 -1.28 -14.19 -19.01
CA ASN D 154 -1.42 -14.88 -20.30
C ASN D 154 -0.49 -14.29 -21.36
N SER D 155 0.78 -14.14 -21.00
CA SER D 155 1.80 -13.58 -21.89
C SER D 155 1.46 -12.17 -22.33
N GLY D 156 0.77 -11.41 -21.48
CA GLY D 156 0.36 -10.08 -21.82
C GLY D 156 -0.87 -9.98 -22.70
N SER D 157 -1.45 -11.11 -23.09
CA SER D 157 -2.69 -11.07 -23.87
C SER D 157 -3.80 -10.39 -23.09
N LEU D 158 -3.90 -10.67 -21.79
CA LEU D 158 -4.79 -9.94 -20.90
C LEU D 158 -4.03 -8.76 -20.33
N SER D 159 -4.50 -7.55 -20.62
CA SER D 159 -3.83 -6.34 -20.12
C SER D 159 -4.84 -5.22 -19.87
N SER D 160 -5.96 -5.24 -20.60
CA SER D 160 -6.95 -4.18 -20.47
C SER D 160 -7.72 -4.29 -19.16
N SER D 161 -8.10 -5.51 -18.78
CA SER D 161 -8.89 -5.76 -17.57
C SER D 161 -8.03 -6.08 -16.36
N VAL D 162 -6.82 -5.54 -16.29
CA VAL D 162 -5.88 -5.82 -15.21
C VAL D 162 -5.77 -4.60 -14.30
N HIS D 163 -5.68 -4.83 -12.99
CA HIS D 163 -5.41 -3.79 -12.01
C HIS D 163 -4.16 -4.20 -11.23
N THR D 164 -3.08 -3.46 -11.41
CA THR D 164 -1.84 -3.68 -10.67
C THR D 164 -1.82 -2.74 -9.47
N PHE D 165 -1.72 -3.31 -8.27
CA PHE D 165 -1.79 -2.46 -7.09
C PHE D 165 -0.39 -2.16 -6.58
N PRO D 166 -0.11 -0.90 -6.25
CA PRO D 166 1.25 -0.53 -5.83
C PRO D 166 1.67 -1.28 -4.58
N ALA D 167 2.96 -1.60 -4.51
CA ALA D 167 3.48 -2.38 -3.39
C ALA D 167 3.50 -1.55 -2.11
N LEU D 168 3.39 -2.24 -0.98
CA LEU D 168 3.51 -1.64 0.32
C LEU D 168 4.51 -2.43 1.16
N LEU D 169 5.07 -1.77 2.17
CA LEU D 169 6.04 -2.41 3.04
C LEU D 169 5.34 -3.25 4.09
N GLN D 170 5.72 -4.52 4.17
CA GLN D 170 5.15 -5.45 5.15
C GLN D 170 6.30 -6.26 5.73
N SER D 171 6.65 -6.01 6.99
CA SER D 171 7.72 -6.71 7.69
C SER D 171 9.05 -6.55 6.96
N GLY D 172 9.37 -5.31 6.60
CA GLY D 172 10.62 -5.01 5.92
C GLY D 172 10.69 -5.46 4.47
N LEU D 173 9.68 -6.18 3.97
CA LEU D 173 9.65 -6.63 2.59
C LEU D 173 8.41 -6.04 1.90
N TYR D 174 8.42 -6.10 0.57
CA TYR D 174 7.34 -5.54 -0.22
C TYR D 174 6.27 -6.58 -0.52
N THR D 175 5.03 -6.12 -0.58
CA THR D 175 3.90 -6.96 -0.93
C THR D 175 3.00 -6.19 -1.88
N MET D 176 2.64 -6.81 -3.01
CA MET D 176 1.72 -6.23 -3.97
C MET D 176 0.76 -7.32 -4.44
N SER D 177 -0.26 -6.90 -5.17
CA SER D 177 -1.23 -7.84 -5.73
C SER D 177 -1.62 -7.36 -7.13
N SER D 178 -2.30 -8.23 -7.86
CA SER D 178 -2.72 -7.94 -9.22
C SER D 178 -3.99 -8.74 -9.51
N SER D 179 -5.00 -8.06 -10.05
CA SER D 179 -6.27 -8.68 -10.38
C SER D 179 -6.48 -8.69 -11.88
N VAL D 180 -7.24 -9.68 -12.35
CA VAL D 180 -7.63 -9.78 -13.76
C VAL D 180 -9.08 -10.24 -13.80
N THR D 181 -9.84 -9.71 -14.75
CA THR D 181 -11.26 -10.00 -14.89
C THR D 181 -11.53 -10.51 -16.30
N VAL D 182 -12.18 -11.66 -16.39
CA VAL D 182 -12.51 -12.28 -17.68
C VAL D 182 -13.99 -12.65 -17.67
N PRO D 183 -14.57 -12.90 -18.84
CA PRO D 183 -15.95 -13.38 -18.88
C PRO D 183 -16.11 -14.67 -18.09
N SER D 184 -17.29 -14.83 -17.48
CA SER D 184 -17.53 -15.97 -16.61
C SER D 184 -17.51 -17.29 -17.37
N SER D 185 -17.66 -17.26 -18.69
CA SER D 185 -17.64 -18.47 -19.50
C SER D 185 -16.23 -18.88 -19.91
N THR D 186 -15.27 -17.96 -19.87
CA THR D 186 -13.90 -18.28 -20.27
C THR D 186 -13.17 -19.09 -19.21
N TRP D 187 -13.44 -18.85 -17.94
CA TRP D 187 -12.77 -19.55 -16.85
C TRP D 187 -13.76 -20.44 -16.11
N PRO D 188 -13.33 -21.66 -15.73
CA PRO D 188 -12.00 -22.23 -15.93
C PRO D 188 -11.85 -23.03 -17.21
N SER D 189 -12.72 -22.78 -18.20
CA SER D 189 -12.63 -23.50 -19.46
C SER D 189 -11.35 -23.17 -20.21
N GLN D 190 -10.74 -22.01 -19.95
CA GLN D 190 -9.47 -21.63 -20.56
C GLN D 190 -8.48 -21.24 -19.47
N THR D 191 -7.21 -21.46 -19.76
CA THR D 191 -6.15 -21.28 -18.77
C THR D 191 -5.85 -19.81 -18.55
N VAL D 192 -5.75 -19.41 -17.28
CA VAL D 192 -5.28 -18.09 -16.89
C VAL D 192 -4.07 -18.27 -15.98
N THR D 193 -2.98 -17.59 -16.32
CA THR D 193 -1.72 -17.72 -15.60
C THR D 193 -1.08 -16.36 -15.42
N CYS D 194 -0.67 -16.05 -14.19
CA CYS D 194 0.08 -14.84 -13.91
C CYS D 194 1.57 -15.16 -13.90
N SER D 195 2.36 -14.29 -14.52
CA SER D 195 3.80 -14.45 -14.62
C SER D 195 4.47 -13.34 -13.84
N VAL D 196 5.11 -13.69 -12.73
CA VAL D 196 5.75 -12.73 -11.83
C VAL D 196 7.25 -12.82 -12.03
N ALA D 197 7.85 -11.73 -12.50
CA ALA D 197 9.29 -11.64 -12.70
C ALA D 197 9.90 -10.66 -11.72
N HIS D 198 11.01 -11.04 -11.11
CA HIS D 198 11.74 -10.20 -10.17
C HIS D 198 13.19 -10.15 -10.61
N PRO D 199 13.56 -9.15 -11.43
CA PRO D 199 14.93 -9.13 -11.99
C PRO D 199 16.03 -9.02 -10.95
N ALA D 200 15.74 -8.42 -9.79
CA ALA D 200 16.77 -8.27 -8.77
C ALA D 200 17.24 -9.63 -8.25
N SER D 201 16.33 -10.59 -8.16
CA SER D 201 16.66 -11.95 -7.76
C SER D 201 16.75 -12.90 -8.95
N SER D 202 16.50 -12.40 -10.16
CA SER D 202 16.58 -13.21 -11.39
C SER D 202 15.66 -14.42 -11.31
N THR D 203 14.43 -14.21 -10.81
CA THR D 203 13.46 -15.28 -10.66
C THR D 203 12.19 -14.94 -11.42
N THR D 204 11.59 -15.95 -12.05
CA THR D 204 10.31 -15.82 -12.74
C THR D 204 9.42 -16.95 -12.29
N VAL D 205 8.25 -16.61 -11.76
CA VAL D 205 7.31 -17.59 -11.20
C VAL D 205 6.00 -17.46 -11.95
N ASP D 206 5.59 -18.55 -12.61
CA ASP D 206 4.30 -18.63 -13.29
C ASP D 206 3.37 -19.50 -12.46
N LYS D 207 2.23 -18.93 -12.07
CA LYS D 207 1.27 -19.61 -11.20
C LYS D 207 -0.05 -19.75 -11.95
N LYS D 208 -0.36 -20.96 -12.38
CA LYS D 208 -1.62 -21.23 -13.04
C LYS D 208 -2.75 -21.33 -12.02
N LEU D 209 -3.82 -20.58 -12.24
CA LEU D 209 -4.93 -20.52 -11.29
C LEU D 209 -5.87 -21.69 -11.53
N GLU D 210 -6.10 -22.49 -10.49
CA GLU D 210 -6.94 -23.69 -10.53
C GLU D 210 -8.22 -23.48 -9.72
N PRO D 211 -9.33 -24.11 -10.11
CA PRO D 211 -10.60 -23.98 -9.38
C PRO D 211 -10.59 -24.71 -8.03
N ASP E 1 9.20 28.41 10.28
CA ASP E 1 9.00 28.23 8.85
C ASP E 1 7.65 28.77 8.41
N VAL E 2 7.57 29.19 7.14
CA VAL E 2 6.33 29.67 6.55
C VAL E 2 5.71 28.51 5.79
N LEU E 3 4.59 27.99 6.29
CA LEU E 3 3.96 26.80 5.75
C LEU E 3 2.81 27.17 4.82
N LEU E 4 2.71 26.46 3.71
CA LEU E 4 1.64 26.64 2.73
C LEU E 4 0.64 25.51 2.85
N THR E 5 -0.65 25.86 2.84
CA THR E 5 -1.73 24.89 2.89
C THR E 5 -2.65 25.10 1.69
N GLN E 6 -2.94 24.02 0.96
CA GLN E 6 -3.75 24.07 -0.24
C GLN E 6 -5.11 23.42 0.00
N THR E 7 -6.08 23.83 -0.80
CA THR E 7 -7.41 23.25 -0.75
C THR E 7 -8.11 23.52 -2.10
N PRO E 8 -8.91 22.56 -2.57
CA PRO E 8 -9.16 21.25 -1.96
C PRO E 8 -8.02 20.26 -2.20
N LEU E 9 -8.01 19.17 -1.43
CA LEU E 9 -7.03 18.12 -1.65
C LEU E 9 -7.16 17.52 -3.04
N SER E 10 -8.39 17.24 -3.47
CA SER E 10 -8.68 16.72 -4.80
C SER E 10 -9.78 17.56 -5.44
N LEU E 11 -9.63 17.81 -6.74
CA LEU E 11 -10.62 18.58 -7.49
C LEU E 11 -10.99 17.82 -8.76
N PRO E 12 -12.08 17.06 -8.74
CA PRO E 12 -12.55 16.40 -9.97
C PRO E 12 -13.26 17.40 -10.87
N VAL E 13 -12.92 17.37 -12.16
CA VAL E 13 -13.50 18.30 -13.14
C VAL E 13 -13.80 17.54 -14.41
N ASN E 14 -14.64 18.14 -15.25
CA ASN E 14 -14.83 17.70 -16.62
C ASN E 14 -13.87 18.47 -17.51
N LEU E 15 -13.35 17.80 -18.54
CA LEU E 15 -12.43 18.45 -19.46
C LEU E 15 -13.14 19.60 -20.16
N GLY E 16 -12.60 20.81 -20.00
CA GLY E 16 -13.19 22.02 -20.52
C GLY E 16 -13.76 22.93 -19.45
N ASP E 17 -13.94 22.43 -18.24
CA ASP E 17 -14.45 23.25 -17.14
C ASP E 17 -13.38 24.23 -16.67
N GLN E 18 -13.83 25.26 -15.96
CA GLN E 18 -12.94 26.18 -15.27
C GLN E 18 -12.73 25.71 -13.84
N ALA E 19 -11.48 25.53 -13.45
CA ALA E 19 -11.12 25.05 -12.13
C ALA E 19 -10.34 26.12 -11.38
N SER E 20 -10.60 26.23 -10.07
CA SER E 20 -9.92 27.18 -9.21
C SER E 20 -9.46 26.47 -7.95
N ILE E 21 -8.17 26.60 -7.64
CA ILE E 21 -7.58 26.05 -6.43
C ILE E 21 -6.85 27.16 -5.70
N SER E 22 -6.80 27.05 -4.38
CA SER E 22 -6.26 28.13 -3.55
C SER E 22 -5.06 27.66 -2.74
N CYS E 23 -4.30 28.63 -2.25
CA CYS E 23 -3.09 28.40 -1.48
C CYS E 23 -3.03 29.46 -0.39
N ARG E 24 -2.80 29.03 0.85
CA ARG E 24 -2.74 29.94 1.98
C ARG E 24 -1.43 29.74 2.73
N SER E 25 -0.83 30.84 3.16
CA SER E 25 0.42 30.81 3.91
C SER E 25 0.19 31.26 5.34
N SER E 26 1.04 30.77 6.25
CA SER E 26 0.93 31.12 7.66
C SER E 26 1.30 32.57 7.92
N GLN E 27 2.01 33.22 7.00
CA GLN E 27 2.25 34.66 7.07
C GLN E 27 2.45 35.17 5.65
N THR E 28 2.55 36.50 5.54
CA THR E 28 2.53 37.13 4.22
C THR E 28 3.73 36.74 3.38
N ILE E 29 3.49 36.49 2.09
CA ILE E 29 4.54 36.20 1.13
C ILE E 29 5.16 37.46 0.55
N LEU E 30 4.54 38.62 0.77
CA LEU E 30 5.11 39.88 0.31
C LEU E 30 6.49 40.09 0.92
N HIS E 31 7.50 40.19 0.06
CA HIS E 31 8.88 40.39 0.51
C HIS E 31 9.15 41.87 0.73
N SER E 32 10.26 42.15 1.41
CA SER E 32 10.65 43.54 1.71
C SER E 32 11.04 44.33 0.47
N ASP E 33 11.29 43.68 -0.66
CA ASP E 33 11.63 44.39 -1.89
C ASP E 33 10.40 44.77 -2.71
N GLY E 34 9.19 44.50 -2.21
CA GLY E 34 7.97 44.83 -2.89
C GLY E 34 7.37 43.70 -3.71
N TYR E 35 8.16 42.68 -4.01
CA TYR E 35 7.68 41.55 -4.81
C TYR E 35 7.16 40.44 -3.90
N THR E 36 6.28 39.61 -4.48
CA THR E 36 5.68 38.47 -3.79
C THR E 36 6.08 37.21 -4.55
N TYR E 37 6.98 36.41 -3.97
CA TYR E 37 7.55 35.25 -4.65
C TYR E 37 6.71 34.02 -4.33
N LEU E 38 5.56 33.93 -5.01
CA LEU E 38 4.71 32.75 -4.95
C LEU E 38 4.64 32.13 -6.34
N GLU E 39 4.86 30.82 -6.41
CA GLU E 39 4.92 30.12 -7.68
C GLU E 39 3.98 28.92 -7.66
N TRP E 40 3.59 28.48 -8.86
CA TRP E 40 2.73 27.33 -9.04
C TRP E 40 3.43 26.31 -9.93
N TYR E 41 3.39 25.04 -9.53
CA TYR E 41 4.01 23.95 -10.26
C TYR E 41 2.97 22.88 -10.59
N LEU E 42 3.19 22.18 -11.70
CA LEU E 42 2.36 21.05 -12.10
C LEU E 42 3.24 19.82 -12.22
N GLN E 43 2.87 18.75 -11.52
CA GLN E 43 3.56 17.47 -11.59
C GLN E 43 2.62 16.44 -12.18
N ARG E 44 2.94 15.94 -13.36
CA ARG E 44 2.18 14.87 -13.98
C ARG E 44 2.63 13.52 -13.44
N PRO E 45 1.78 12.49 -13.55
CA PRO E 45 2.20 11.16 -13.10
C PRO E 45 3.43 10.67 -13.83
N GLY E 46 4.46 10.30 -13.06
CA GLY E 46 5.70 9.81 -13.62
C GLY E 46 6.65 10.86 -14.13
N GLN E 47 6.35 12.14 -13.92
CA GLN E 47 7.18 13.23 -14.41
C GLN E 47 7.60 14.13 -13.26
N SER E 48 8.60 14.97 -13.52
CA SER E 48 9.06 15.96 -12.56
C SER E 48 8.12 17.16 -12.56
N PRO E 49 8.11 17.93 -11.46
CA PRO E 49 7.29 19.15 -11.44
C PRO E 49 7.72 20.13 -12.52
N LYS E 50 6.74 20.82 -13.09
CA LYS E 50 6.96 21.81 -14.14
C LYS E 50 6.51 23.18 -13.65
N LEU E 51 7.33 24.19 -13.87
CA LEU E 51 6.98 25.54 -13.46
C LEU E 51 5.89 26.11 -14.37
N LEU E 52 4.85 26.67 -13.75
CA LEU E 52 3.75 27.30 -14.48
C LEU E 52 3.72 28.81 -14.27
N ILE E 53 3.62 29.25 -13.02
CA ILE E 53 3.48 30.65 -12.67
C ILE E 53 4.57 31.01 -11.66
N TYR E 54 5.10 32.23 -11.77
CA TYR E 54 5.98 32.78 -10.75
C TYR E 54 5.58 34.21 -10.46
N ARG E 55 5.92 34.67 -9.27
CA ARG E 55 5.51 35.98 -8.76
C ARG E 55 4.02 36.21 -8.94
N VAL E 56 3.24 35.25 -8.43
CA VAL E 56 1.78 35.30 -8.31
C VAL E 56 1.08 35.11 -9.64
N TYR E 57 1.45 35.88 -10.67
CA TYR E 57 0.70 35.87 -11.92
C TYR E 57 1.54 35.80 -13.19
N LYS E 58 2.86 35.93 -13.11
CA LYS E 58 3.69 35.87 -14.30
C LYS E 58 3.74 34.44 -14.83
N ARG E 59 3.30 34.25 -16.07
CA ARG E 59 3.33 32.94 -16.69
C ARG E 59 4.74 32.63 -17.20
N PHE E 60 5.20 31.42 -16.95
CA PHE E 60 6.47 30.97 -17.49
C PHE E 60 6.38 30.80 -19.00
N SER E 61 7.52 30.90 -19.67
CA SER E 61 7.56 30.80 -21.11
C SER E 61 7.04 29.45 -21.58
N GLY E 62 6.07 29.48 -22.50
CA GLY E 62 5.46 28.29 -23.03
C GLY E 62 4.14 27.91 -22.39
N ILE E 63 3.76 28.59 -21.32
CA ILE E 63 2.52 28.25 -20.62
C ILE E 63 1.35 28.92 -21.33
N PRO E 64 0.29 28.19 -21.68
CA PRO E 64 -0.86 28.81 -22.32
C PRO E 64 -1.57 29.76 -21.37
N ASP E 65 -2.23 30.76 -21.96
CA ASP E 65 -2.86 31.81 -21.16
C ASP E 65 -4.09 31.33 -20.40
N ARG E 66 -4.48 30.06 -20.51
CA ARG E 66 -5.58 29.55 -19.71
C ARG E 66 -5.21 29.37 -18.25
N PHE E 67 -3.91 29.38 -17.92
CA PHE E 67 -3.43 29.37 -16.54
C PHE E 67 -3.27 30.79 -16.06
N ARG E 68 -3.97 31.14 -14.97
CA ARG E 68 -3.96 32.49 -14.45
C ARG E 68 -3.84 32.43 -12.93
N GLY E 69 -2.82 33.09 -12.39
CA GLY E 69 -2.63 33.18 -10.96
C GLY E 69 -3.03 34.55 -10.45
N SER E 70 -3.47 34.58 -9.18
CA SER E 70 -3.88 35.83 -8.56
C SER E 70 -3.69 35.71 -7.06
N GLY E 71 -3.89 36.82 -6.36
CA GLY E 71 -3.84 36.86 -4.91
C GLY E 71 -2.71 37.76 -4.41
N SER E 72 -2.69 37.91 -3.09
CA SER E 72 -1.69 38.72 -2.41
C SER E 72 -1.71 38.37 -0.94
N GLY E 73 -0.66 38.80 -0.25
CA GLY E 73 -0.55 38.55 1.19
C GLY E 73 -0.39 37.09 1.53
N MET E 74 -1.47 36.44 1.96
CA MET E 74 -1.43 35.03 2.33
C MET E 74 -2.54 34.22 1.69
N ASP E 75 -3.18 34.75 0.64
CA ASP E 75 -4.23 34.04 -0.07
C ASP E 75 -3.95 34.14 -1.56
N PHE E 76 -3.81 32.99 -2.22
CA PHE E 76 -3.48 32.93 -3.64
C PHE E 76 -4.36 31.89 -4.31
N THR E 77 -4.54 32.05 -5.63
CA THR E 77 -5.45 31.20 -6.38
C THR E 77 -4.88 30.96 -7.76
N LEU E 78 -5.03 29.72 -8.24
CA LEU E 78 -4.70 29.35 -9.61
C LEU E 78 -5.99 28.97 -10.34
N THR E 79 -6.23 29.60 -11.48
CA THR E 79 -7.41 29.34 -12.28
C THR E 79 -7.01 28.75 -13.63
N ILE E 80 -7.72 27.71 -14.06
CA ILE E 80 -7.50 27.06 -15.34
C ILE E 80 -8.79 27.13 -16.13
N SER E 81 -8.74 27.73 -17.32
CA SER E 81 -9.93 27.92 -18.14
C SER E 81 -9.66 27.65 -19.63
N GLY E 82 -9.92 26.43 -20.09
CA GLY E 82 -10.42 25.36 -19.26
C GLY E 82 -9.51 24.15 -19.25
N VAL E 83 -9.80 23.20 -18.36
CA VAL E 83 -8.89 22.08 -18.12
C VAL E 83 -8.84 21.18 -19.35
N GLU E 84 -7.62 20.87 -19.79
CA GLU E 84 -7.38 19.88 -20.83
C GLU E 84 -6.80 18.62 -20.20
N ALA E 85 -6.64 17.59 -21.03
CA ALA E 85 -6.09 16.33 -20.53
C ALA E 85 -4.64 16.49 -20.08
N GLU E 86 -3.88 17.36 -20.74
CA GLU E 86 -2.49 17.58 -20.36
C GLU E 86 -2.34 18.39 -19.09
N ASP E 87 -3.44 18.90 -18.53
CA ASP E 87 -3.40 19.65 -17.27
C ASP E 87 -3.63 18.77 -16.06
N LEU E 88 -4.01 17.50 -16.26
CA LEU E 88 -4.29 16.62 -15.13
C LEU E 88 -3.00 16.30 -14.38
N GLY E 89 -3.08 16.36 -13.05
CA GLY E 89 -1.93 16.09 -12.21
C GLY E 89 -2.09 16.78 -10.87
N ILE E 90 -0.97 16.94 -10.18
CA ILE E 90 -0.91 17.55 -8.85
C ILE E 90 -0.31 18.94 -8.99
N TYR E 91 -1.00 19.93 -8.42
CA TYR E 91 -0.54 21.31 -8.46
C TYR E 91 -0.03 21.73 -7.09
N TYR E 92 1.16 22.30 -7.06
CA TYR E 92 1.78 22.77 -5.82
C TYR E 92 1.98 24.27 -5.89
N CYS E 93 1.69 24.95 -4.78
CA CYS E 93 2.16 26.31 -4.62
C CYS E 93 3.49 26.31 -3.88
N PHE E 94 4.27 27.37 -4.09
CA PHE E 94 5.64 27.43 -3.63
C PHE E 94 6.00 28.88 -3.34
N GLN E 95 6.61 29.13 -2.18
CA GLN E 95 7.04 30.47 -1.79
C GLN E 95 8.56 30.54 -1.79
N GLY E 96 9.09 31.67 -2.24
CA GLY E 96 10.53 31.88 -2.26
C GLY E 96 10.94 33.14 -1.53
N SER E 97 10.03 33.70 -0.74
CA SER E 97 10.30 34.92 0.01
C SER E 97 11.02 34.67 1.33
N TYR E 98 11.04 33.43 1.81
CA TYR E 98 11.65 33.10 3.10
C TYR E 98 12.58 31.90 2.95
N VAL E 99 13.51 31.80 3.91
CA VAL E 99 14.34 30.62 4.06
C VAL E 99 13.92 29.94 5.36
N PRO E 100 13.58 28.65 5.30
CA PRO E 100 13.61 27.80 4.10
C PRO E 100 12.44 28.03 3.16
N ARG E 101 12.62 27.70 1.88
CA ARG E 101 11.53 27.71 0.93
C ARG E 101 10.64 26.48 1.18
N THR E 102 9.34 26.66 1.00
CA THR E 102 8.37 25.63 1.35
C THR E 102 7.37 25.44 0.22
N PHE E 103 6.84 24.22 0.12
CA PHE E 103 5.82 23.86 -0.85
C PHE E 103 4.49 23.63 -0.15
N GLY E 104 3.41 23.83 -0.89
CA GLY E 104 2.11 23.41 -0.40
C GLY E 104 1.94 21.91 -0.48
N GLY E 105 0.93 21.41 0.23
CA GLY E 105 0.67 19.98 0.24
C GLY E 105 0.27 19.42 -1.11
N GLY E 106 -0.25 20.26 -2.00
CA GLY E 106 -0.60 19.80 -3.33
C GLY E 106 -2.08 19.60 -3.54
N THR E 107 -2.56 19.93 -4.74
CA THR E 107 -3.95 19.73 -5.13
C THR E 107 -3.98 18.89 -6.39
N LYS E 108 -4.60 17.72 -6.32
CA LYS E 108 -4.69 16.81 -7.45
C LYS E 108 -5.90 17.17 -8.30
N LEU E 109 -5.67 17.47 -9.57
CA LEU E 109 -6.74 17.72 -10.52
C LEU E 109 -7.12 16.40 -11.18
N GLU E 110 -8.38 16.00 -11.03
CA GLU E 110 -8.84 14.69 -11.45
C GLU E 110 -10.01 14.81 -12.43
N ILE E 111 -10.39 13.66 -12.99
CA ILE E 111 -11.49 13.57 -13.93
C ILE E 111 -12.76 13.20 -13.18
N LYS E 112 -13.83 13.97 -13.41
CA LYS E 112 -15.11 13.74 -12.75
C LYS E 112 -15.99 12.90 -13.68
N ARG E 113 -16.21 11.65 -13.30
CA ARG E 113 -17.07 10.73 -14.04
C ARG E 113 -18.33 10.43 -13.23
N ALA E 114 -19.23 9.67 -13.83
CA ALA E 114 -20.43 9.23 -13.13
C ALA E 114 -20.06 8.28 -12.00
N ASP E 115 -20.83 8.35 -10.91
CA ASP E 115 -20.57 7.51 -9.75
C ASP E 115 -20.74 6.04 -10.10
N ALA E 116 -19.89 5.19 -9.52
CA ALA E 116 -19.90 3.76 -9.78
C ALA E 116 -19.55 3.01 -8.51
N ALA E 117 -20.34 2.00 -8.18
CA ALA E 117 -20.06 1.17 -7.03
C ALA E 117 -18.94 0.18 -7.35
N PRO E 118 -18.17 -0.23 -6.34
CA PRO E 118 -17.06 -1.16 -6.60
C PRO E 118 -17.56 -2.57 -6.91
N THR E 119 -16.79 -3.24 -7.76
CA THR E 119 -16.95 -4.68 -7.99
C THR E 119 -16.09 -5.40 -6.96
N VAL E 120 -16.74 -6.08 -6.02
CA VAL E 120 -16.07 -6.64 -4.85
C VAL E 120 -15.89 -8.14 -5.04
N SER E 121 -14.68 -8.62 -4.81
CA SER E 121 -14.35 -10.04 -4.87
C SER E 121 -13.47 -10.38 -3.68
N ILE E 122 -13.77 -11.49 -3.02
CA ILE E 122 -13.04 -11.92 -1.82
C ILE E 122 -12.41 -13.28 -2.10
N PHE E 123 -11.17 -13.44 -1.65
CA PHE E 123 -10.43 -14.66 -1.91
C PHE E 123 -9.89 -15.24 -0.61
N PRO E 124 -9.97 -16.56 -0.43
CA PRO E 124 -9.39 -17.19 0.76
C PRO E 124 -7.90 -17.35 0.62
N PRO E 125 -7.19 -17.67 1.69
CA PRO E 125 -5.76 -17.97 1.57
C PRO E 125 -5.52 -19.16 0.66
N SER E 126 -4.50 -19.06 -0.17
CA SER E 126 -4.14 -20.16 -1.06
C SER E 126 -3.57 -21.33 -0.26
N SER E 127 -3.69 -22.53 -0.83
CA SER E 127 -3.11 -23.70 -0.18
C SER E 127 -1.59 -23.59 -0.13
N GLU E 128 -0.98 -22.85 -1.07
CA GLU E 128 0.46 -22.64 -1.02
C GLU E 128 0.85 -21.81 0.20
N GLN E 129 0.11 -20.72 0.47
CA GLN E 129 0.45 -19.87 1.60
C GLN E 129 0.14 -20.55 2.92
N LEU E 130 -0.96 -21.31 2.99
CA LEU E 130 -1.27 -22.05 4.20
C LEU E 130 -0.18 -23.07 4.52
N THR E 131 0.39 -23.70 3.48
CA THR E 131 1.51 -24.61 3.70
C THR E 131 2.70 -23.88 4.30
N SER E 132 2.93 -22.63 3.89
CA SER E 132 4.04 -21.84 4.39
C SER E 132 3.78 -21.27 5.79
N GLY E 133 2.58 -21.42 6.32
CA GLY E 133 2.27 -20.92 7.64
C GLY E 133 1.51 -19.61 7.69
N GLY E 134 1.25 -18.99 6.55
CA GLY E 134 0.53 -17.73 6.50
C GLY E 134 -0.92 -17.90 6.06
N ALA E 135 -1.68 -16.81 6.16
CA ALA E 135 -3.07 -16.80 5.75
C ALA E 135 -3.47 -15.36 5.44
N SER E 136 -3.44 -15.01 4.14
CA SER E 136 -3.83 -13.68 3.68
C SER E 136 -5.17 -13.80 2.97
N VAL E 137 -6.20 -13.16 3.54
CA VAL E 137 -7.51 -13.07 2.91
C VAL E 137 -7.55 -11.78 2.11
N VAL E 138 -7.73 -11.89 0.80
CA VAL E 138 -7.64 -10.76 -0.12
C VAL E 138 -9.04 -10.37 -0.56
N CYS E 139 -9.28 -9.07 -0.67
CA CYS E 139 -10.54 -8.53 -1.14
C CYS E 139 -10.25 -7.42 -2.14
N PHE E 140 -10.71 -7.61 -3.38
CA PHE E 140 -10.54 -6.63 -4.44
C PHE E 140 -11.80 -5.76 -4.55
N LEU E 141 -11.59 -4.46 -4.72
CA LEU E 141 -12.66 -3.48 -4.89
C LEU E 141 -12.31 -2.67 -6.13
N ASN E 142 -12.86 -3.06 -7.27
CA ASN E 142 -12.39 -2.58 -8.56
C ASN E 142 -13.42 -1.67 -9.22
N ASN E 143 -12.91 -0.62 -9.88
CA ASN E 143 -13.69 0.25 -10.78
C ASN E 143 -14.87 0.90 -10.05
N PHE E 144 -14.52 1.77 -9.12
CA PHE E 144 -15.51 2.55 -8.40
C PHE E 144 -15.18 4.04 -8.50
N TYR E 145 -16.21 4.86 -8.27
CA TYR E 145 -16.05 6.30 -8.25
C TYR E 145 -17.18 6.92 -7.45
N PRO E 146 -16.85 7.90 -6.58
CA PRO E 146 -15.53 8.49 -6.33
C PRO E 146 -14.58 7.59 -5.55
N LYS E 147 -13.36 8.08 -5.31
CA LYS E 147 -12.34 7.27 -4.67
C LYS E 147 -12.58 7.11 -3.17
N ASP E 148 -13.43 7.95 -2.57
CA ASP E 148 -13.73 7.82 -1.15
C ASP E 148 -14.49 6.52 -0.91
N ILE E 149 -13.91 5.64 -0.09
CA ILE E 149 -14.51 4.34 0.19
C ILE E 149 -13.96 3.85 1.51
N ASN E 150 -14.79 3.15 2.27
CA ASN E 150 -14.41 2.57 3.55
C ASN E 150 -14.54 1.06 3.49
N VAL E 151 -13.53 0.35 3.98
CA VAL E 151 -13.49 -1.11 3.95
C VAL E 151 -13.35 -1.62 5.38
N LYS E 152 -14.20 -2.57 5.74
CA LYS E 152 -14.20 -3.15 7.09
C LYS E 152 -14.21 -4.66 6.98
N TRP E 153 -13.29 -5.31 7.71
CA TRP E 153 -13.21 -6.76 7.78
C TRP E 153 -13.94 -7.27 9.01
N LYS E 154 -14.60 -8.41 8.87
CA LYS E 154 -15.31 -9.06 9.98
C LYS E 154 -14.93 -10.52 10.02
N ILE E 155 -14.55 -11.00 11.20
CA ILE E 155 -14.21 -12.40 11.43
C ILE E 155 -15.24 -12.96 12.41
N ASP E 156 -16.08 -13.88 11.93
CA ASP E 156 -17.19 -14.42 12.72
C ASP E 156 -18.11 -13.30 13.20
N GLY E 157 -18.33 -12.31 12.35
CA GLY E 157 -19.18 -11.18 12.67
C GLY E 157 -18.55 -10.10 13.51
N SER E 158 -17.32 -10.28 13.97
CA SER E 158 -16.65 -9.31 14.81
C SER E 158 -15.63 -8.53 13.99
N GLU E 159 -15.64 -7.20 14.14
CA GLU E 159 -14.77 -6.34 13.35
C GLU E 159 -13.31 -6.59 13.67
N ARG E 160 -12.48 -6.61 12.63
CA ARG E 160 -11.05 -6.85 12.75
C ARG E 160 -10.31 -5.71 12.06
N GLN E 161 -9.47 -5.00 12.80
CA GLN E 161 -8.69 -3.89 12.27
C GLN E 161 -7.21 -4.17 12.13
N ASN E 162 -6.61 -4.85 13.10
CA ASN E 162 -5.18 -5.11 13.04
C ASN E 162 -4.86 -6.16 11.98
N GLY E 163 -3.81 -5.91 11.21
CA GLY E 163 -3.41 -6.82 10.15
C GLY E 163 -4.01 -6.51 8.80
N VAL E 164 -4.63 -5.36 8.63
CA VAL E 164 -5.26 -4.97 7.37
C VAL E 164 -4.33 -4.02 6.63
N LEU E 165 -4.01 -4.35 5.38
CA LEU E 165 -3.19 -3.52 4.52
C LEU E 165 -3.98 -3.18 3.26
N ASN E 166 -4.04 -1.89 2.93
CA ASN E 166 -4.82 -1.41 1.81
C ASN E 166 -3.91 -0.71 0.80
N SER E 167 -4.19 -0.92 -0.48
CA SER E 167 -3.41 -0.33 -1.56
C SER E 167 -4.37 0.22 -2.61
N TRP E 168 -4.25 1.51 -2.91
CA TRP E 168 -5.10 2.17 -3.89
C TRP E 168 -4.35 2.35 -5.20
N THR E 169 -5.05 2.17 -6.31
CA THR E 169 -4.53 2.56 -7.61
C THR E 169 -4.85 4.02 -7.88
N ASP E 170 -4.17 4.59 -8.88
CA ASP E 170 -4.53 5.92 -9.33
C ASP E 170 -5.73 5.83 -10.27
N GLN E 171 -6.26 7.00 -10.63
CA GLN E 171 -7.42 7.04 -11.51
C GLN E 171 -7.08 6.40 -12.85
N ASP E 172 -7.92 5.47 -13.28
CA ASP E 172 -7.65 4.72 -14.51
C ASP E 172 -7.70 5.64 -15.72
N SER E 173 -6.76 5.42 -16.65
CA SER E 173 -6.64 6.28 -17.82
C SER E 173 -7.73 6.05 -18.86
N LYS E 174 -8.49 4.96 -18.74
CA LYS E 174 -9.52 4.65 -19.72
C LYS E 174 -10.93 4.99 -19.26
N ASP E 175 -11.35 4.50 -18.10
CA ASP E 175 -12.69 4.73 -17.60
C ASP E 175 -12.74 5.65 -16.38
N SER E 176 -11.59 6.17 -15.95
CA SER E 176 -11.49 7.21 -14.89
C SER E 176 -12.02 6.72 -13.55
N THR E 177 -11.97 5.41 -13.32
CA THR E 177 -12.40 4.84 -12.04
C THR E 177 -11.19 4.58 -11.16
N TYR E 178 -11.47 4.16 -9.92
CA TYR E 178 -10.44 3.77 -8.97
C TYR E 178 -10.64 2.32 -8.57
N SER E 179 -9.55 1.70 -8.12
CA SER E 179 -9.57 0.31 -7.67
C SER E 179 -8.76 0.20 -6.39
N MET E 180 -9.18 -0.73 -5.53
CA MET E 180 -8.57 -0.89 -4.22
C MET E 180 -8.38 -2.37 -3.91
N SER E 181 -7.33 -2.68 -3.16
CA SER E 181 -7.02 -4.04 -2.75
C SER E 181 -6.80 -4.06 -1.24
N SER E 182 -7.60 -4.86 -0.54
CA SER E 182 -7.51 -4.98 0.91
C SER E 182 -7.12 -6.41 1.27
N THR E 183 -6.08 -6.55 2.08
CA THR E 183 -5.57 -7.85 2.49
C THR E 183 -5.58 -7.95 4.01
N LEU E 184 -6.20 -9.01 4.53
CA LEU E 184 -6.20 -9.33 5.95
C LEU E 184 -5.25 -10.50 6.16
N THR E 185 -4.12 -10.25 6.83
CA THR E 185 -3.10 -11.26 7.04
C THR E 185 -3.19 -11.80 8.47
N LEU E 186 -3.31 -13.12 8.59
CA LEU E 186 -3.34 -13.78 9.88
C LEU E 186 -2.39 -14.97 9.84
N THR E 187 -2.08 -15.49 11.02
CA THR E 187 -1.40 -16.77 11.09
C THR E 187 -2.34 -17.88 10.64
N LYS E 188 -1.75 -18.96 10.10
CA LYS E 188 -2.56 -20.08 9.67
C LYS E 188 -3.40 -20.63 10.82
N ASP E 189 -2.85 -20.61 12.03
CA ASP E 189 -3.56 -21.17 13.18
C ASP E 189 -4.70 -20.27 13.64
N GLU E 190 -4.53 -18.95 13.59
CA GLU E 190 -5.65 -18.06 13.90
C GLU E 190 -6.71 -18.13 12.81
N TYR E 191 -6.30 -18.34 11.56
CA TYR E 191 -7.27 -18.49 10.48
C TYR E 191 -8.14 -19.73 10.68
N GLU E 192 -7.55 -20.82 11.17
CA GLU E 192 -8.29 -22.06 11.39
C GLU E 192 -9.18 -22.01 12.62
N ARG E 193 -8.93 -21.08 13.54
CA ARG E 193 -9.77 -20.94 14.72
C ARG E 193 -11.09 -20.24 14.45
N HIS E 194 -11.33 -19.80 13.20
CA HIS E 194 -12.54 -19.08 12.85
C HIS E 194 -13.11 -19.64 11.55
N ASN E 195 -14.38 -19.31 11.29
CA ASN E 195 -15.13 -19.88 10.18
C ASN E 195 -15.45 -18.86 9.10
N SER E 196 -16.17 -17.79 9.44
CA SER E 196 -16.67 -16.84 8.45
C SER E 196 -15.76 -15.60 8.40
N TYR E 197 -15.42 -15.20 7.19
CA TYR E 197 -14.61 -14.00 6.95
C TYR E 197 -15.36 -13.11 5.96
N THR E 198 -15.53 -11.84 6.31
CA THR E 198 -16.39 -10.95 5.57
C THR E 198 -15.63 -9.68 5.17
N CYS E 199 -15.80 -9.29 3.92
CA CYS E 199 -15.27 -8.03 3.39
C CYS E 199 -16.44 -7.10 3.10
N GLU E 200 -16.50 -5.99 3.83
CA GLU E 200 -17.59 -5.02 3.72
C GLU E 200 -17.07 -3.70 3.15
N ALA E 201 -17.76 -3.19 2.13
CA ALA E 201 -17.38 -1.95 1.47
C ALA E 201 -18.50 -0.93 1.64
N THR E 202 -18.15 0.26 2.13
CA THR E 202 -19.08 1.36 2.28
C THR E 202 -18.74 2.42 1.24
N HIS E 203 -19.70 2.72 0.37
CA HIS E 203 -19.51 3.68 -0.70
C HIS E 203 -20.77 4.53 -0.84
N LYS E 204 -20.59 5.77 -1.31
CA LYS E 204 -21.73 6.69 -1.39
C LYS E 204 -22.78 6.22 -2.40
N THR E 205 -22.42 5.32 -3.32
CA THR E 205 -23.38 4.84 -4.31
C THR E 205 -24.45 3.95 -3.70
N SER E 206 -24.34 3.60 -2.42
CA SER E 206 -25.33 2.73 -1.79
C SER E 206 -25.42 3.08 -0.31
N THR E 207 -26.65 3.10 0.20
CA THR E 207 -26.86 3.38 1.62
C THR E 207 -26.45 2.20 2.49
N SER E 208 -26.60 0.96 1.97
CA SER E 208 -26.19 -0.26 2.65
C SER E 208 -24.86 -0.75 2.09
N PRO E 209 -23.98 -1.26 2.94
CA PRO E 209 -22.64 -1.64 2.47
C PRO E 209 -22.67 -2.88 1.58
N ILE E 210 -21.66 -2.98 0.73
CA ILE E 210 -21.49 -4.17 -0.11
C ILE E 210 -20.79 -5.24 0.72
N VAL E 211 -21.44 -6.38 0.88
CA VAL E 211 -20.96 -7.44 1.77
C VAL E 211 -20.53 -8.63 0.92
N LYS E 212 -19.26 -8.99 1.03
CA LYS E 212 -18.72 -10.22 0.43
C LYS E 212 -18.11 -11.07 1.53
N SER E 213 -18.55 -12.32 1.64
CA SER E 213 -18.12 -13.18 2.72
C SER E 213 -18.06 -14.62 2.24
N PHE E 214 -17.27 -15.43 2.94
CA PHE E 214 -17.21 -16.85 2.69
C PHE E 214 -16.99 -17.56 4.02
N ASN E 215 -17.24 -18.88 4.01
CA ASN E 215 -16.97 -19.73 5.15
C ASN E 215 -15.77 -20.63 4.85
N ARG E 216 -14.85 -20.73 5.81
CA ARG E 216 -13.66 -21.55 5.63
C ARG E 216 -14.01 -23.00 5.30
N ASN E 217 -15.23 -23.44 5.61
CA ASN E 217 -15.63 -24.81 5.33
C ASN E 217 -15.68 -25.10 3.83
N GLU E 218 -16.21 -24.16 3.04
CA GLU E 218 -16.25 -24.34 1.60
C GLU E 218 -15.31 -23.36 0.89
N ASP F 1 14.12 -41.49 -6.26
CA ASP F 1 14.32 -40.85 -4.96
C ASP F 1 14.26 -39.33 -5.09
N VAL F 2 13.77 -38.66 -4.05
CA VAL F 2 13.66 -37.21 -4.03
C VAL F 2 14.95 -36.63 -3.48
N LEU F 3 15.56 -35.72 -4.23
CA LEU F 3 16.84 -35.12 -3.87
C LEU F 3 16.62 -33.74 -3.28
N LEU F 4 17.28 -33.46 -2.15
CA LEU F 4 17.26 -32.16 -1.52
C LEU F 4 18.61 -31.49 -1.70
N THR F 5 18.59 -30.27 -2.23
CA THR F 5 19.80 -29.50 -2.50
C THR F 5 19.73 -28.19 -1.72
N GLN F 6 20.71 -27.96 -0.86
CA GLN F 6 20.74 -26.76 -0.03
C GLN F 6 21.74 -25.75 -0.59
N THR F 7 21.38 -24.48 -0.53
CA THR F 7 22.27 -23.38 -0.92
C THR F 7 22.17 -22.25 0.10
N PRO F 8 23.33 -21.71 0.53
CA PRO F 8 24.67 -22.13 0.10
C PRO F 8 25.21 -23.32 0.89
N LEU F 9 26.42 -23.77 0.54
CA LEU F 9 27.07 -24.81 1.31
C LEU F 9 27.63 -24.27 2.62
N SER F 10 28.21 -23.07 2.58
CA SER F 10 28.71 -22.40 3.77
C SER F 10 28.17 -20.98 3.78
N LEU F 11 27.59 -20.57 4.91
CA LEU F 11 26.94 -19.27 5.04
C LEU F 11 27.71 -18.43 6.04
N PRO F 12 28.68 -17.62 5.61
CA PRO F 12 29.31 -16.67 6.55
C PRO F 12 28.38 -15.50 6.80
N VAL F 13 28.20 -15.17 8.08
CA VAL F 13 27.24 -14.14 8.47
C VAL F 13 27.73 -13.46 9.74
N ASN F 14 27.47 -12.16 9.85
CA ASN F 14 27.74 -11.43 11.07
C ASN F 14 26.69 -11.75 12.12
N LEU F 15 27.09 -11.65 13.39
CA LEU F 15 26.14 -11.81 14.48
C LEU F 15 25.15 -10.65 14.47
N GLY F 16 23.88 -10.97 14.69
CA GLY F 16 22.82 -9.98 14.65
C GLY F 16 22.23 -9.74 13.28
N ASP F 17 22.85 -10.25 12.23
CA ASP F 17 22.33 -10.10 10.88
C ASP F 17 21.41 -11.27 10.55
N GLN F 18 20.81 -11.22 9.36
CA GLN F 18 19.86 -12.23 8.92
C GLN F 18 20.55 -13.22 7.98
N ALA F 19 20.32 -14.51 8.21
CA ALA F 19 20.81 -15.57 7.35
C ALA F 19 19.63 -16.32 6.76
N SER F 20 19.73 -16.67 5.48
CA SER F 20 18.69 -17.40 4.76
C SER F 20 19.30 -18.63 4.11
N ILE F 21 18.65 -19.77 4.29
CA ILE F 21 19.10 -21.05 3.73
C ILE F 21 18.02 -21.58 2.81
N SER F 22 18.41 -21.97 1.60
CA SER F 22 17.47 -22.49 0.61
C SER F 22 17.53 -24.01 0.59
N CYS F 23 16.37 -24.63 0.37
CA CYS F 23 16.26 -26.08 0.21
C CYS F 23 15.33 -26.35 -0.96
N ARG F 24 15.88 -26.86 -2.06
CA ARG F 24 15.11 -27.16 -3.26
C ARG F 24 15.07 -28.67 -3.48
N SER F 25 13.89 -29.19 -3.78
CA SER F 25 13.69 -30.62 -3.97
C SER F 25 13.44 -30.93 -5.44
N SER F 26 13.82 -32.15 -5.84
CA SER F 26 13.61 -32.58 -7.21
C SER F 26 12.14 -32.85 -7.52
N GLN F 27 11.34 -33.14 -6.50
CA GLN F 27 9.91 -33.34 -6.64
C GLN F 27 9.20 -32.58 -5.53
N THR F 28 7.88 -32.43 -5.69
CA THR F 28 7.10 -31.68 -4.72
C THR F 28 6.98 -32.45 -3.41
N ILE F 29 7.15 -31.74 -2.29
CA ILE F 29 7.04 -32.35 -0.97
C ILE F 29 5.60 -32.41 -0.49
N LEU F 30 4.66 -31.83 -1.24
CA LEU F 30 3.25 -31.92 -0.88
C LEU F 30 2.79 -33.37 -0.99
N HIS F 31 2.39 -33.95 0.14
CA HIS F 31 1.90 -35.32 0.16
C HIS F 31 0.44 -35.37 -0.26
N SER F 32 -0.02 -36.59 -0.59
CA SER F 32 -1.39 -36.77 -1.04
C SER F 32 -2.42 -36.43 0.03
N ASP F 33 -2.04 -36.49 1.31
CA ASP F 33 -2.95 -36.13 2.39
C ASP F 33 -3.07 -34.63 2.60
N GLY F 34 -2.47 -33.82 1.74
CA GLY F 34 -2.54 -32.38 1.85
C GLY F 34 -1.46 -31.74 2.70
N TYR F 35 -0.60 -32.52 3.33
CA TYR F 35 0.45 -32.01 4.19
C TYR F 35 1.81 -32.05 3.47
N THR F 36 2.73 -31.24 3.97
CA THR F 36 4.08 -31.11 3.41
C THR F 36 5.06 -31.38 4.54
N TYR F 37 5.64 -32.58 4.56
CA TYR F 37 6.49 -33.02 5.68
C TYR F 37 7.94 -32.65 5.40
N LEU F 38 8.21 -31.35 5.48
CA LEU F 38 9.56 -30.82 5.37
C LEU F 38 10.00 -30.33 6.75
N GLU F 39 11.19 -30.72 7.16
CA GLU F 39 11.70 -30.40 8.49
C GLU F 39 13.08 -29.78 8.38
N TRP F 40 13.45 -29.03 9.41
CA TRP F 40 14.76 -28.39 9.51
C TRP F 40 15.44 -28.86 10.79
N TYR F 41 16.72 -29.20 10.68
CA TYR F 41 17.51 -29.68 11.80
C TYR F 41 18.77 -28.83 11.93
N LEU F 42 19.27 -28.73 13.17
CA LEU F 42 20.55 -28.10 13.46
C LEU F 42 21.42 -29.11 14.18
N GLN F 43 22.68 -29.23 13.75
CA GLN F 43 23.64 -30.11 14.39
C GLN F 43 24.85 -29.27 14.80
N ARG F 44 24.99 -29.02 16.10
CA ARG F 44 26.18 -28.35 16.60
C ARG F 44 27.35 -29.34 16.62
N PRO F 45 28.58 -28.84 16.54
CA PRO F 45 29.75 -29.75 16.56
C PRO F 45 29.77 -30.61 17.81
N GLY F 46 29.93 -31.92 17.61
CA GLY F 46 29.99 -32.87 18.70
C GLY F 46 28.65 -33.30 19.26
N GLN F 47 27.54 -32.84 18.69
CA GLN F 47 26.22 -33.15 19.19
C GLN F 47 25.39 -33.85 18.12
N SER F 48 24.28 -34.44 18.55
CA SER F 48 23.32 -35.03 17.64
C SER F 48 22.47 -33.94 17.00
N PRO F 49 21.89 -34.20 15.82
CA PRO F 49 20.98 -33.23 15.21
C PRO F 49 19.76 -33.01 16.10
N LYS F 50 19.31 -31.76 16.16
CA LYS F 50 18.13 -31.39 16.93
C LYS F 50 17.09 -30.77 16.00
N LEU F 51 15.83 -31.02 16.30
CA LEU F 51 14.74 -30.56 15.44
C LEU F 51 14.47 -29.08 15.70
N LEU F 52 14.45 -28.29 14.62
CA LEU F 52 14.09 -26.88 14.68
C LEU F 52 12.67 -26.65 14.19
N ILE F 53 12.39 -27.05 12.95
CA ILE F 53 11.12 -26.78 12.29
C ILE F 53 10.56 -28.09 11.74
N TYR F 54 9.25 -28.25 11.82
CA TYR F 54 8.57 -29.39 11.21
C TYR F 54 7.32 -28.89 10.51
N ARG F 55 6.89 -29.64 9.48
CA ARG F 55 5.78 -29.24 8.63
C ARG F 55 5.97 -27.81 8.13
N VAL F 56 7.15 -27.56 7.55
CA VAL F 56 7.50 -26.34 6.82
C VAL F 56 7.76 -25.16 7.76
N TYR F 57 6.81 -24.86 8.65
CA TYR F 57 6.89 -23.64 9.45
C TYR F 57 6.79 -23.84 10.94
N LYS F 58 6.23 -24.96 11.42
CA LYS F 58 5.94 -25.11 12.85
C LYS F 58 7.23 -25.21 13.66
N ARG F 59 7.43 -24.27 14.58
CA ARG F 59 8.60 -24.30 15.43
C ARG F 59 8.46 -25.37 16.50
N PHE F 60 9.54 -26.14 16.71
CA PHE F 60 9.55 -27.10 17.80
C PHE F 60 9.60 -26.38 19.14
N SER F 61 9.15 -27.08 20.19
CA SER F 61 9.12 -26.49 21.51
C SER F 61 10.52 -26.14 21.98
N GLY F 62 10.67 -24.95 22.55
CA GLY F 62 11.96 -24.47 23.01
C GLY F 62 12.82 -23.83 21.94
N ILE F 63 12.34 -23.73 20.71
CA ILE F 63 13.08 -23.09 19.63
C ILE F 63 12.72 -21.62 19.59
N PRO F 64 13.70 -20.71 19.63
CA PRO F 64 13.39 -19.29 19.64
C PRO F 64 12.72 -18.84 18.35
N ASP F 65 11.98 -17.73 18.46
CA ASP F 65 11.19 -17.22 17.34
C ASP F 65 12.03 -16.64 16.22
N ARG F 66 13.34 -16.44 16.43
CA ARG F 66 14.18 -15.92 15.36
C ARG F 66 14.38 -16.95 14.24
N PHE F 67 14.10 -18.22 14.51
CA PHE F 67 14.11 -19.26 13.47
C PHE F 67 12.73 -19.31 12.84
N ARG F 68 12.67 -19.11 11.52
CA ARG F 68 11.42 -19.12 10.79
C ARG F 68 11.57 -19.96 9.53
N GLY F 69 10.59 -20.81 9.28
CA GLY F 69 10.59 -21.68 8.10
C GLY F 69 9.41 -21.38 7.22
N SER F 70 9.61 -21.47 5.91
CA SER F 70 8.59 -21.12 4.94
C SER F 70 8.82 -21.91 3.66
N GLY F 71 7.87 -21.79 2.74
CA GLY F 71 7.97 -22.40 1.43
C GLY F 71 6.81 -23.35 1.16
N SER F 72 6.85 -23.93 -0.04
CA SER F 72 5.87 -24.91 -0.48
C SER F 72 6.39 -25.56 -1.75
N GLY F 73 5.76 -26.66 -2.13
CA GLY F 73 6.12 -27.37 -3.35
C GLY F 73 7.54 -27.88 -3.36
N MET F 74 8.40 -27.22 -4.13
CA MET F 74 9.78 -27.62 -4.28
C MET F 74 10.78 -26.60 -3.74
N ASP F 75 10.31 -25.51 -3.16
CA ASP F 75 11.18 -24.44 -2.67
C ASP F 75 10.84 -24.14 -1.22
N PHE F 76 11.87 -24.18 -0.37
CA PHE F 76 11.70 -23.95 1.06
C PHE F 76 12.87 -23.11 1.57
N THR F 77 12.63 -22.37 2.65
CA THR F 77 13.60 -21.42 3.15
C THR F 77 13.58 -21.43 4.67
N LEU F 78 14.78 -21.44 5.25
CA LEU F 78 14.98 -21.27 6.68
C LEU F 78 15.66 -19.94 6.92
N THR F 79 15.03 -19.07 7.71
CA THR F 79 15.53 -17.73 7.97
C THR F 79 15.88 -17.60 9.45
N ILE F 80 17.05 -17.05 9.73
CA ILE F 80 17.50 -16.77 11.09
C ILE F 80 17.77 -15.27 11.19
N SER F 81 17.07 -14.60 12.11
CA SER F 81 17.24 -13.16 12.29
C SER F 81 16.95 -12.72 13.72
N GLY F 82 17.99 -12.30 14.45
CA GLY F 82 19.35 -12.28 13.93
C GLY F 82 20.22 -13.38 14.53
N VAL F 83 21.35 -13.64 13.89
CA VAL F 83 22.18 -14.78 14.25
C VAL F 83 22.83 -14.54 15.61
N GLU F 84 22.75 -15.54 16.48
CA GLU F 84 23.43 -15.56 17.77
C GLU F 84 24.63 -16.51 17.69
N ALA F 85 25.53 -16.37 18.66
CA ALA F 85 26.73 -17.19 18.67
C ALA F 85 26.41 -18.67 18.81
N GLU F 86 25.34 -19.01 19.54
CA GLU F 86 24.96 -20.41 19.73
C GLU F 86 24.35 -21.03 18.48
N ASP F 87 24.09 -20.25 17.43
CA ASP F 87 23.53 -20.77 16.19
C ASP F 87 24.59 -21.39 15.29
N LEU F 88 25.86 -21.35 15.67
CA LEU F 88 26.92 -21.96 14.89
C LEU F 88 26.70 -23.47 14.76
N GLY F 89 26.78 -23.96 13.54
CA GLY F 89 26.57 -25.38 13.28
C GLY F 89 26.18 -25.61 11.83
N ILE F 90 25.65 -26.80 11.58
CA ILE F 90 25.22 -27.22 10.25
C ILE F 90 23.71 -27.40 10.26
N TYR F 91 23.05 -26.82 9.27
CA TYR F 91 21.59 -26.88 9.15
C TYR F 91 21.20 -27.79 8.00
N TYR F 92 20.29 -28.72 8.26
CA TYR F 92 19.82 -29.68 7.27
C TYR F 92 18.32 -29.53 7.07
N CYS F 93 17.87 -29.68 5.84
CA CYS F 93 16.45 -29.87 5.56
C CYS F 93 16.17 -31.34 5.29
N PHE F 94 14.92 -31.74 5.51
CA PHE F 94 14.55 -33.14 5.51
C PHE F 94 13.10 -33.27 5.08
N GLN F 95 12.83 -34.22 4.18
CA GLN F 95 11.48 -34.50 3.71
C GLN F 95 11.05 -35.88 4.17
N GLY F 96 9.78 -35.99 4.58
CA GLY F 96 9.23 -37.25 5.02
C GLY F 96 7.97 -37.62 4.26
N SER F 97 7.79 -37.01 3.10
CA SER F 97 6.62 -37.27 2.26
C SER F 97 6.79 -38.48 1.34
N TYR F 98 8.03 -38.92 1.12
CA TYR F 98 8.31 -40.02 0.21
C TYR F 98 9.07 -41.12 0.93
N VAL F 99 9.12 -42.28 0.28
CA VAL F 99 10.01 -43.36 0.66
C VAL F 99 10.96 -43.59 -0.51
N PRO F 100 12.27 -43.42 -0.28
CA PRO F 100 12.89 -43.15 1.02
C PRO F 100 12.86 -41.70 1.45
N ARG F 101 12.96 -41.47 2.75
CA ARG F 101 13.13 -40.12 3.28
C ARG F 101 14.57 -39.68 3.08
N THR F 102 14.76 -38.40 2.74
CA THR F 102 16.06 -37.89 2.34
C THR F 102 16.36 -36.57 3.04
N PHE F 103 17.65 -36.32 3.25
CA PHE F 103 18.16 -35.09 3.84
C PHE F 103 18.81 -34.22 2.78
N GLY F 104 18.91 -32.93 3.08
CA GLY F 104 19.79 -32.06 2.33
C GLY F 104 21.25 -32.28 2.72
N GLY F 105 22.14 -31.76 1.88
CA GLY F 105 23.56 -31.93 2.13
C GLY F 105 24.09 -31.15 3.32
N GLY F 106 23.33 -30.19 3.82
CA GLY F 106 23.76 -29.42 4.97
C GLY F 106 24.30 -28.06 4.58
N THR F 107 24.04 -27.07 5.43
CA THR F 107 24.56 -25.72 5.25
C THR F 107 25.29 -25.33 6.53
N LYS F 108 26.58 -25.03 6.40
CA LYS F 108 27.42 -24.68 7.55
C LYS F 108 27.35 -23.18 7.78
N LEU F 109 26.77 -22.78 8.91
CA LEU F 109 26.76 -21.38 9.30
C LEU F 109 28.12 -20.98 9.86
N GLU F 110 28.62 -19.83 9.45
CA GLU F 110 29.94 -19.36 9.84
C GLU F 110 29.84 -17.93 10.35
N ILE F 111 30.48 -17.65 11.48
CA ILE F 111 30.43 -16.34 12.12
C ILE F 111 31.60 -15.51 11.59
N LYS F 112 31.27 -14.34 11.04
CA LYS F 112 32.31 -13.45 10.52
C LYS F 112 32.92 -12.62 11.64
N ARG F 113 34.21 -12.33 11.50
CA ARG F 113 34.93 -11.51 12.46
C ARG F 113 36.07 -10.82 11.74
N ALA F 114 36.80 -9.98 12.49
CA ALA F 114 37.94 -9.26 11.92
C ALA F 114 39.08 -10.22 11.64
N ASP F 115 39.92 -9.84 10.66
CA ASP F 115 41.05 -10.68 10.29
C ASP F 115 42.02 -10.82 11.45
N ALA F 116 42.61 -12.00 11.58
CA ALA F 116 43.57 -12.29 12.63
C ALA F 116 44.70 -13.13 12.07
N ALA F 117 45.93 -12.71 12.31
CA ALA F 117 47.08 -13.50 11.89
C ALA F 117 47.25 -14.70 12.81
N PRO F 118 47.78 -15.80 12.30
CA PRO F 118 47.97 -16.99 13.15
C PRO F 118 49.13 -16.81 14.12
N THR F 119 49.01 -17.49 15.26
CA THR F 119 50.10 -17.60 16.23
C THR F 119 50.81 -18.92 15.97
N VAL F 120 52.07 -18.85 15.55
CA VAL F 120 52.79 -20.02 15.08
C VAL F 120 53.77 -20.48 16.16
N SER F 121 53.68 -21.75 16.53
CA SER F 121 54.58 -22.36 17.50
C SER F 121 55.12 -23.65 16.90
N ILE F 122 56.45 -23.78 16.88
CA ILE F 122 57.12 -24.95 16.33
C ILE F 122 57.75 -25.73 17.46
N PHE F 123 57.69 -27.06 17.37
CA PHE F 123 58.16 -27.94 18.44
C PHE F 123 59.11 -28.97 17.87
N PRO F 124 60.38 -28.99 18.29
CA PRO F 124 61.29 -30.05 17.89
C PRO F 124 60.80 -31.40 18.39
N PRO F 125 61.20 -32.50 17.75
CA PRO F 125 60.79 -33.82 18.22
C PRO F 125 61.23 -34.05 19.66
N SER F 126 60.29 -34.55 20.47
CA SER F 126 60.61 -34.88 21.85
C SER F 126 61.68 -35.95 21.91
N SER F 127 62.57 -35.84 22.90
CA SER F 127 63.61 -36.84 23.07
C SER F 127 63.02 -38.21 23.35
N GLU F 128 61.88 -38.28 24.04
CA GLU F 128 61.18 -39.55 24.24
C GLU F 128 60.86 -40.23 22.92
N GLN F 129 60.64 -39.44 21.87
CA GLN F 129 60.15 -39.99 20.61
C GLN F 129 61.28 -40.65 19.82
N LEU F 130 62.50 -40.11 19.92
CA LEU F 130 63.61 -40.58 19.11
C LEU F 130 63.99 -42.02 19.42
N THR F 131 63.59 -42.55 20.58
CA THR F 131 63.86 -43.94 20.90
C THR F 131 63.13 -44.90 19.97
N SER F 132 62.04 -44.46 19.33
CA SER F 132 61.28 -45.32 18.43
C SER F 132 61.85 -45.36 17.02
N GLY F 133 62.85 -44.54 16.71
CA GLY F 133 63.41 -44.49 15.37
C GLY F 133 62.79 -43.47 14.45
N GLY F 134 61.82 -42.68 14.93
CA GLY F 134 61.19 -41.67 14.11
C GLY F 134 61.21 -40.32 14.80
N ALA F 135 60.87 -39.28 14.03
CA ALA F 135 60.87 -37.92 14.53
C ALA F 135 59.72 -37.15 13.89
N SER F 136 58.86 -36.59 14.72
CA SER F 136 57.74 -35.77 14.26
C SER F 136 57.96 -34.33 14.74
N VAL F 137 58.04 -33.40 13.80
CA VAL F 137 58.16 -31.98 14.08
C VAL F 137 56.77 -31.37 13.98
N VAL F 138 56.29 -30.77 15.07
CA VAL F 138 54.92 -30.28 15.16
C VAL F 138 54.92 -28.76 15.08
N CYS F 139 53.98 -28.21 14.32
CA CYS F 139 53.81 -26.77 14.18
C CYS F 139 52.34 -26.43 14.39
N PHE F 140 52.06 -25.56 15.34
CA PHE F 140 50.70 -25.11 15.62
C PHE F 140 50.46 -23.74 15.01
N LEU F 141 49.36 -23.60 14.29
CA LEU F 141 48.92 -22.32 13.70
C LEU F 141 47.55 -22.02 14.28
N ASN F 142 47.49 -21.20 15.33
CA ASN F 142 46.29 -21.07 16.14
C ASN F 142 45.67 -19.68 16.04
N ASN F 143 44.34 -19.64 16.05
CA ASN F 143 43.55 -18.42 16.22
C ASN F 143 43.81 -17.42 15.09
N PHE F 144 43.46 -17.84 13.88
CA PHE F 144 43.56 -16.98 12.71
C PHE F 144 42.20 -16.91 12.02
N TYR F 145 42.03 -15.87 11.21
CA TYR F 145 40.81 -15.65 10.44
C TYR F 145 41.15 -14.80 9.21
N PRO F 146 40.63 -15.18 8.04
CA PRO F 146 39.72 -16.31 7.78
C PRO F 146 40.42 -17.68 7.74
N LYS F 147 39.67 -18.71 7.35
CA LYS F 147 40.15 -20.08 7.49
C LYS F 147 41.17 -20.49 6.43
N ASP F 148 41.25 -19.77 5.32
CA ASP F 148 42.19 -20.13 4.26
C ASP F 148 43.61 -19.78 4.70
N ILE F 149 44.49 -20.80 4.74
CA ILE F 149 45.86 -20.63 5.19
C ILE F 149 46.72 -21.69 4.52
N ASN F 150 48.02 -21.43 4.44
CA ASN F 150 48.98 -22.32 3.80
C ASN F 150 50.19 -22.49 4.70
N VAL F 151 50.63 -23.73 4.87
CA VAL F 151 51.81 -24.06 5.65
C VAL F 151 52.86 -24.66 4.72
N LYS F 152 54.11 -24.26 4.91
CA LYS F 152 55.22 -24.75 4.13
C LYS F 152 56.38 -25.09 5.06
N TRP F 153 56.88 -26.32 4.95
CA TRP F 153 58.02 -26.77 5.73
C TRP F 153 59.30 -26.61 4.93
N LYS F 154 60.38 -26.23 5.60
CA LYS F 154 61.70 -26.14 5.01
C LYS F 154 62.71 -26.84 5.89
N ILE F 155 63.61 -27.59 5.26
CA ILE F 155 64.69 -28.28 5.95
C ILE F 155 66.00 -27.75 5.38
N ASP F 156 66.77 -27.06 6.22
CA ASP F 156 68.02 -26.43 5.81
C ASP F 156 67.82 -25.47 4.63
N GLY F 157 66.70 -24.75 4.65
CA GLY F 157 66.41 -23.73 3.66
C GLY F 157 65.68 -24.23 2.42
N SER F 158 65.48 -25.53 2.27
CA SER F 158 64.82 -26.09 1.11
C SER F 158 63.46 -26.65 1.49
N GLU F 159 62.46 -26.38 0.64
CA GLU F 159 61.09 -26.79 0.93
C GLU F 159 60.98 -28.31 1.03
N ARG F 160 60.22 -28.77 2.00
CA ARG F 160 59.99 -30.19 2.24
C ARG F 160 58.50 -30.47 2.16
N GLN F 161 58.12 -31.44 1.33
CA GLN F 161 56.73 -31.86 1.20
C GLN F 161 56.46 -33.27 1.69
N ASN F 162 57.42 -34.18 1.55
CA ASN F 162 57.23 -35.55 2.01
C ASN F 162 57.14 -35.60 3.53
N GLY F 163 56.16 -36.35 4.03
CA GLY F 163 55.99 -36.53 5.46
C GLY F 163 55.20 -35.46 6.17
N VAL F 164 54.53 -34.57 5.44
CA VAL F 164 53.75 -33.49 6.02
C VAL F 164 52.29 -33.90 6.06
N LEU F 165 51.66 -33.78 7.24
CA LEU F 165 50.24 -34.05 7.42
C LEU F 165 49.63 -32.91 8.22
N ASN F 166 48.41 -32.52 7.86
CA ASN F 166 47.77 -31.33 8.41
C ASN F 166 46.37 -31.66 8.91
N SER F 167 45.96 -30.96 9.97
CA SER F 167 44.62 -31.09 10.53
C SER F 167 44.08 -29.70 10.84
N TRP F 168 42.83 -29.46 10.45
CA TRP F 168 42.18 -28.17 10.65
C TRP F 168 41.02 -28.30 11.61
N THR F 169 40.93 -27.38 12.56
CA THR F 169 39.81 -27.37 13.49
C THR F 169 38.60 -26.70 12.85
N ASP F 170 37.42 -26.95 13.45
CA ASP F 170 36.24 -26.18 13.11
C ASP F 170 36.35 -24.79 13.72
N GLN F 171 35.40 -23.93 13.36
CA GLN F 171 35.41 -22.56 13.85
C GLN F 171 35.21 -22.53 15.36
N ASP F 172 36.09 -21.83 16.06
CA ASP F 172 36.00 -21.73 17.51
C ASP F 172 34.71 -21.02 17.91
N SER F 173 34.03 -21.57 18.92
CA SER F 173 32.73 -21.06 19.31
C SER F 173 32.81 -19.76 20.10
N LYS F 174 33.97 -19.42 20.65
CA LYS F 174 34.10 -18.25 21.53
C LYS F 174 34.68 -17.03 20.80
N ASP F 175 35.77 -17.20 20.06
CA ASP F 175 36.39 -16.08 19.37
C ASP F 175 36.25 -16.18 17.85
N SER F 176 35.57 -17.20 17.34
CA SER F 176 35.24 -17.34 15.92
C SER F 176 36.47 -17.50 15.04
N THR F 177 37.59 -17.94 15.58
CA THR F 177 38.81 -18.12 14.81
C THR F 177 38.98 -19.59 14.42
N TYR F 178 40.00 -19.84 13.61
CA TYR F 178 40.37 -21.18 13.19
C TYR F 178 41.79 -21.49 13.63
N SER F 179 42.06 -22.78 13.83
CA SER F 179 43.38 -23.25 14.21
C SER F 179 43.79 -24.39 13.28
N MET F 180 45.09 -24.67 13.25
CA MET F 180 45.63 -25.68 12.36
C MET F 180 46.91 -26.25 12.95
N SER F 181 47.11 -27.55 12.76
CA SER F 181 48.30 -28.25 13.21
CA SER F 181 48.31 -28.24 13.22
C SER F 181 48.96 -28.92 12.03
N SER F 182 50.28 -28.74 11.91
CA SER F 182 51.07 -29.35 10.83
C SER F 182 52.17 -30.18 11.45
N THR F 183 52.36 -31.40 10.93
CA THR F 183 53.33 -32.34 11.49
C THR F 183 54.22 -32.87 10.37
N LEU F 184 55.53 -32.68 10.52
CA LEU F 184 56.52 -33.25 9.62
C LEU F 184 57.13 -34.47 10.30
N THR F 185 56.88 -35.66 9.72
CA THR F 185 57.38 -36.91 10.28
C THR F 185 58.51 -37.43 9.40
N LEU F 186 59.70 -37.54 9.99
CA LEU F 186 60.87 -38.09 9.34
C LEU F 186 61.38 -39.28 10.16
N THR F 187 62.32 -40.02 9.58
CA THR F 187 63.06 -40.98 10.37
C THR F 187 64.04 -40.25 11.30
N LYS F 188 64.43 -40.94 12.37
CA LYS F 188 65.42 -40.37 13.28
C LYS F 188 66.73 -40.07 12.56
N ASP F 189 67.13 -40.97 11.66
CA ASP F 189 68.41 -40.78 10.96
C ASP F 189 68.38 -39.54 10.07
N GLU F 190 67.28 -39.34 9.33
CA GLU F 190 67.20 -38.16 8.47
C GLU F 190 67.08 -36.89 9.29
N TYR F 191 66.36 -36.95 10.42
CA TYR F 191 66.20 -35.76 11.26
C TYR F 191 67.53 -35.27 11.80
N GLU F 192 68.46 -36.18 12.09
CA GLU F 192 69.75 -35.82 12.66
C GLU F 192 70.79 -35.45 11.62
N ARG F 193 70.52 -35.68 10.34
CA ARG F 193 71.40 -35.24 9.27
C ARG F 193 71.16 -33.80 8.84
N HIS F 194 70.25 -33.09 9.50
CA HIS F 194 69.91 -31.72 9.12
C HIS F 194 69.84 -30.85 10.36
N ASN F 195 69.98 -29.53 10.13
CA ASN F 195 70.13 -28.59 11.24
C ASN F 195 68.86 -27.79 11.49
N SER F 196 68.48 -26.97 10.51
CA SER F 196 67.39 -26.01 10.68
C SER F 196 66.10 -26.57 10.10
N TYR F 197 65.02 -26.44 10.87
CA TYR F 197 63.68 -26.85 10.47
C TYR F 197 62.75 -25.66 10.59
N THR F 198 62.00 -25.38 9.53
CA THR F 198 61.24 -24.14 9.40
C THR F 198 59.78 -24.43 9.11
N CYS F 199 58.88 -23.71 9.79
CA CYS F 199 57.45 -23.75 9.54
C CYS F 199 57.01 -22.36 9.09
N GLU F 200 56.48 -22.26 7.88
CA GLU F 200 56.09 -20.99 7.28
C GLU F 200 54.58 -20.94 7.09
N ALA F 201 53.94 -19.93 7.68
CA ALA F 201 52.50 -19.74 7.61
C ALA F 201 52.19 -18.58 6.68
N THR F 202 51.51 -18.88 5.57
CA THR F 202 51.07 -17.87 4.62
C THR F 202 49.58 -17.64 4.80
N HIS F 203 49.21 -16.41 5.12
CA HIS F 203 47.82 -16.05 5.43
C HIS F 203 47.53 -14.69 4.81
N LYS F 204 46.26 -14.44 4.53
CA LYS F 204 45.89 -13.19 3.87
C LYS F 204 46.14 -11.96 4.71
N THR F 205 46.40 -12.11 6.02
CA THR F 205 46.67 -10.97 6.87
C THR F 205 48.02 -10.33 6.58
N SER F 206 48.84 -10.91 5.72
CA SER F 206 50.11 -10.32 5.33
C SER F 206 50.58 -10.95 4.03
N THR F 207 51.21 -10.14 3.17
CA THR F 207 51.78 -10.67 1.95
C THR F 207 53.06 -11.46 2.18
N SER F 208 53.61 -11.43 3.40
CA SER F 208 54.80 -12.18 3.74
C SER F 208 54.45 -13.28 4.75
N PRO F 209 55.07 -14.45 4.65
CA PRO F 209 54.76 -15.53 5.57
C PRO F 209 55.38 -15.32 6.94
N ILE F 210 54.73 -15.91 7.95
CA ILE F 210 55.27 -15.94 9.30
C ILE F 210 56.19 -17.15 9.40
N VAL F 211 57.45 -16.91 9.77
CA VAL F 211 58.49 -17.92 9.75
C VAL F 211 58.91 -18.23 11.18
N LYS F 212 58.73 -19.48 11.59
CA LYS F 212 59.21 -19.98 12.88
C LYS F 212 60.11 -21.19 12.63
N SER F 213 61.31 -21.15 13.20
CA SER F 213 62.29 -22.20 12.94
C SER F 213 63.07 -22.49 14.21
N PHE F 214 63.86 -23.56 14.15
CA PHE F 214 64.80 -23.89 15.21
C PHE F 214 65.99 -24.61 14.59
N ASN F 215 67.11 -24.58 15.29
CA ASN F 215 68.31 -25.31 14.91
C ASN F 215 68.46 -26.52 15.82
N ARG F 216 68.60 -27.70 15.22
CA ARG F 216 68.66 -28.94 16.00
C ARG F 216 69.84 -28.95 16.96
N ASN F 217 70.92 -28.23 16.63
CA ASN F 217 72.10 -28.17 17.48
C ASN F 217 71.94 -27.18 18.63
N GLU F 218 70.73 -26.67 18.87
CA GLU F 218 70.51 -25.72 19.95
C GLU F 218 69.35 -26.17 20.83
N GLU G 1 -20.65 27.60 31.94
CA GLU G 1 -20.29 26.45 32.75
C GLU G 1 -19.84 25.29 31.86
N VAL G 2 -20.00 25.47 30.54
CA VAL G 2 -19.59 24.47 29.58
C VAL G 2 -18.07 24.43 29.50
N GLN G 3 -17.52 23.22 29.36
CA GLN G 3 -16.08 23.09 29.16
C GLN G 3 -15.77 21.80 28.42
N LEU G 4 -14.79 21.88 27.52
CA LEU G 4 -14.27 20.72 26.80
C LEU G 4 -12.83 20.49 27.22
N GLN G 5 -12.54 19.29 27.71
CA GLN G 5 -11.19 18.93 28.14
C GLN G 5 -10.58 17.99 27.11
N GLN G 6 -9.46 18.39 26.54
CA GLN G 6 -8.77 17.60 25.53
C GLN G 6 -7.59 16.86 26.13
N SER G 7 -7.20 15.77 25.46
CA SER G 7 -6.08 14.96 25.92
C SER G 7 -4.77 15.71 25.71
N GLY G 8 -3.71 15.18 26.33
CA GLY G 8 -2.43 15.85 26.35
C GLY G 8 -1.72 15.78 25.01
N PRO G 9 -0.54 16.37 24.95
CA PRO G 9 0.22 16.39 23.69
C PRO G 9 0.68 15.00 23.28
N GLU G 10 0.94 14.85 21.98
CA GLU G 10 1.27 13.55 21.40
C GLU G 10 2.51 13.68 20.53
N LEU G 11 3.39 12.69 20.64
CA LEU G 11 4.54 12.51 19.76
C LEU G 11 4.42 11.14 19.13
N ILE G 12 4.14 11.09 17.83
CA ILE G 12 3.84 9.85 17.14
C ILE G 12 4.80 9.69 15.97
N LYS G 13 5.23 8.46 15.73
CA LYS G 13 6.08 8.15 14.60
C LYS G 13 5.31 8.34 13.30
N PRO G 14 6.00 8.68 12.21
CA PRO G 14 5.34 8.76 10.91
C PRO G 14 4.82 7.39 10.47
N GLY G 15 3.67 7.41 9.79
CA GLY G 15 3.03 6.20 9.34
C GLY G 15 2.14 5.53 10.36
N ALA G 16 2.18 5.96 11.62
CA ALA G 16 1.37 5.37 12.67
C ALA G 16 0.06 6.15 12.80
N SER G 17 -0.75 5.79 13.79
CA SER G 17 -2.01 6.46 14.06
C SER G 17 -2.01 7.00 15.49
N VAL G 18 -3.02 7.80 15.79
CA VAL G 18 -3.20 8.35 17.13
C VAL G 18 -4.67 8.71 17.30
N LYS G 19 -5.16 8.62 18.53
CA LYS G 19 -6.52 9.00 18.86
C LYS G 19 -6.48 9.95 20.04
N MET G 20 -7.06 11.14 19.86
CA MET G 20 -7.19 12.13 20.91
C MET G 20 -8.65 12.27 21.30
N SER G 21 -8.87 12.69 22.55
CA SER G 21 -10.21 12.69 23.12
C SER G 21 -10.62 14.11 23.50
N CYS G 22 -11.94 14.30 23.60
CA CYS G 22 -12.52 15.59 23.95
C CYS G 22 -13.63 15.30 24.97
N GLU G 23 -13.32 15.49 26.25
CA GLU G 23 -14.27 15.21 27.31
C GLU G 23 -15.09 16.46 27.62
N ALA G 24 -16.41 16.34 27.47
CA ALA G 24 -17.33 17.43 27.70
C ALA G 24 -17.93 17.35 29.10
N SER G 25 -18.17 18.52 29.69
CA SER G 25 -18.79 18.60 31.00
C SER G 25 -19.54 19.92 31.11
N GLY G 26 -20.43 19.98 32.10
CA GLY G 26 -21.17 21.20 32.35
C GLY G 26 -22.33 21.46 31.43
N TYR G 27 -22.67 20.52 30.55
CA TYR G 27 -23.81 20.69 29.66
C TYR G 27 -24.31 19.33 29.21
N ILE G 28 -25.50 19.32 28.63
CA ILE G 28 -26.11 18.08 28.16
C ILE G 28 -25.37 17.65 26.90
N PHE G 29 -24.67 16.51 26.97
CA PHE G 29 -23.72 16.15 25.93
C PHE G 29 -24.39 15.97 24.58
N THR G 30 -25.53 15.29 24.54
CA THR G 30 -26.30 15.23 23.30
C THR G 30 -27.01 16.55 23.07
N GLU G 31 -27.44 16.75 21.82
CA GLU G 31 -28.11 17.94 21.27
C GLU G 31 -27.14 19.05 20.90
N TYR G 32 -25.83 18.86 21.06
CA TYR G 32 -24.83 19.85 20.67
C TYR G 32 -23.76 19.16 19.84
N TYR G 33 -23.42 19.76 18.69
CA TYR G 33 -22.39 19.21 17.83
C TYR G 33 -21.01 19.44 18.42
N ILE G 34 -20.08 18.55 18.08
CA ILE G 34 -18.68 18.66 18.45
C ILE G 34 -17.87 18.70 17.16
N HIS G 35 -17.26 19.86 16.88
CA HIS G 35 -16.43 20.04 15.70
C HIS G 35 -14.96 19.82 16.05
N TRP G 36 -14.18 19.50 15.02
CA TRP G 36 -12.74 19.35 15.15
C TRP G 36 -12.05 20.26 14.15
N VAL G 37 -11.09 21.05 14.64
CA VAL G 37 -10.42 22.06 13.84
C VAL G 37 -8.91 21.86 13.96
N LYS G 38 -8.21 22.02 12.84
CA LYS G 38 -6.76 21.94 12.78
C LYS G 38 -6.18 23.33 12.58
N GLN G 39 -5.15 23.66 13.34
CA GLN G 39 -4.46 24.96 13.23
C GLN G 39 -2.96 24.71 13.13
N ILE G 40 -2.35 25.25 12.08
CA ILE G 40 -0.91 25.16 11.88
C ILE G 40 -0.30 26.52 12.11
N GLN G 41 0.87 26.53 12.75
CA GLN G 41 1.64 27.76 12.99
C GLN G 41 0.86 28.80 13.77
N GLY G 42 -0.16 28.37 14.52
CA GLY G 42 -0.99 29.28 15.27
C GLY G 42 -1.78 30.27 14.44
N ARG G 43 -1.99 29.98 13.16
CA ARG G 43 -2.70 30.90 12.27
C ARG G 43 -3.78 30.18 11.47
N SER G 44 -3.38 29.49 10.41
CA SER G 44 -4.33 28.93 9.46
C SER G 44 -5.21 27.88 10.12
N LEU G 45 -6.52 28.07 10.04
CA LEU G 45 -7.50 27.18 10.64
C LEU G 45 -8.15 26.33 9.56
N GLU G 46 -8.38 25.05 9.87
CA GLU G 46 -8.95 24.11 8.92
C GLU G 46 -10.01 23.28 9.64
N TRP G 47 -11.24 23.32 9.13
CA TRP G 47 -12.34 22.57 9.71
C TRP G 47 -12.29 21.13 9.22
N ILE G 48 -12.25 20.18 10.15
CA ILE G 48 -12.12 18.76 9.82
C ILE G 48 -13.48 18.09 9.69
N GLY G 49 -14.37 18.35 10.64
CA GLY G 49 -15.69 17.76 10.61
C GLY G 49 -16.35 17.84 11.96
N TYR G 50 -17.56 17.28 12.03
CA TYR G 50 -18.29 17.21 13.28
C TYR G 50 -19.13 15.94 13.32
N VAL G 51 -19.58 15.58 14.52
CA VAL G 51 -20.33 14.36 14.74
C VAL G 51 -21.59 14.68 15.54
N HIS G 52 -22.71 14.10 15.12
CA HIS G 52 -24.00 14.19 15.80
C HIS G 52 -24.03 13.18 16.94
N PRO G 53 -23.83 13.62 18.19
CA PRO G 53 -23.61 12.65 19.29
C PRO G 53 -24.70 11.61 19.45
N LYS G 54 -25.98 12.00 19.36
CA LYS G 54 -27.06 11.02 19.48
C LYS G 54 -26.94 9.92 18.44
N THR G 55 -26.93 10.31 17.15
CA THR G 55 -26.86 9.32 16.08
C THR G 55 -25.46 8.78 15.88
N GLY G 56 -24.44 9.53 16.28
CA GLY G 56 -23.08 9.22 15.88
C GLY G 56 -22.78 9.53 14.43
N ASP G 57 -23.72 10.13 13.71
CA ASP G 57 -23.52 10.50 12.32
C ASP G 57 -22.43 11.56 12.20
N VAL G 58 -21.63 11.47 11.14
CA VAL G 58 -20.47 12.32 10.96
C VAL G 58 -20.56 13.04 9.62
N ILE G 59 -20.19 14.31 9.61
CA ILE G 59 -20.05 15.11 8.40
C ILE G 59 -18.59 15.50 8.30
N TYR G 60 -17.94 15.10 7.21
CA TYR G 60 -16.51 15.28 7.03
C TYR G 60 -16.19 16.39 6.02
N ASN G 61 -15.13 17.12 6.30
CA ASN G 61 -14.42 17.85 5.26
C ASN G 61 -13.73 16.84 4.36
N GLN G 62 -13.99 16.93 3.05
CA GLN G 62 -13.46 15.94 2.11
C GLN G 62 -11.93 15.91 2.12
N ASN G 63 -11.29 17.01 2.48
CA ASN G 63 -9.82 17.03 2.53
C ASN G 63 -9.27 16.08 3.58
N PHE G 64 -10.06 15.73 4.59
CA PHE G 64 -9.62 14.85 5.66
C PHE G 64 -10.16 13.43 5.52
N ARG G 65 -10.73 13.09 4.37
CA ARG G 65 -11.10 11.72 4.08
C ARG G 65 -9.95 11.01 3.35
N GLY G 66 -9.48 9.90 3.91
CA GLY G 66 -9.93 9.41 5.19
C GLY G 66 -8.86 9.58 6.24
N LYS G 67 -8.33 10.80 6.34
CA LYS G 67 -7.28 11.09 7.32
C LYS G 67 -7.82 11.00 8.74
N ALA G 68 -9.02 11.51 8.97
CA ALA G 68 -9.58 11.60 10.31
C ALA G 68 -10.83 10.74 10.42
N THR G 69 -11.00 10.11 11.58
CA THR G 69 -12.19 9.34 11.92
C THR G 69 -12.78 9.90 13.20
N LEU G 70 -13.99 10.44 13.11
CA LEU G 70 -14.66 11.06 14.25
C LEU G 70 -15.64 10.06 14.85
N THR G 71 -15.46 9.78 16.14
CA THR G 71 -16.36 8.91 16.88
C THR G 71 -16.76 9.60 18.17
N VAL G 72 -17.69 8.97 18.89
CA VAL G 72 -18.20 9.54 20.14
C VAL G 72 -18.61 8.42 21.07
N ASN G 73 -18.44 8.66 22.37
CA ASN G 73 -18.93 7.77 23.42
C ASN G 73 -19.90 8.57 24.27
N ARG G 74 -21.20 8.27 24.14
CA ARG G 74 -22.23 9.01 24.85
C ARG G 74 -22.20 8.73 26.36
N SER G 75 -21.65 7.59 26.77
CA SER G 75 -21.61 7.24 28.19
C SER G 75 -20.59 8.05 28.97
N SER G 76 -19.44 8.36 28.35
CA SER G 76 -18.38 9.09 29.01
C SER G 76 -18.35 10.57 28.64
N ASN G 77 -19.36 11.04 27.90
CA ASN G 77 -19.42 12.44 27.47
C ASN G 77 -18.14 12.86 26.75
N THR G 78 -17.61 11.96 25.93
CA THR G 78 -16.31 12.14 25.30
C THR G 78 -16.41 11.91 23.80
N ALA G 79 -15.84 12.84 23.02
CA ALA G 79 -15.69 12.68 21.58
C ALA G 79 -14.25 12.35 21.26
N TYR G 80 -14.06 11.56 20.20
CA TYR G 80 -12.73 11.09 19.81
C TYR G 80 -12.48 11.41 18.34
N MET G 81 -11.22 11.68 18.03
CA MET G 81 -10.76 11.81 16.65
C MET G 81 -9.50 10.97 16.47
N GLU G 82 -9.49 10.13 15.44
CA GLU G 82 -8.33 9.31 15.12
C GLU G 82 -7.76 9.75 13.78
N LEU G 83 -6.45 10.01 13.76
CA LEU G 83 -5.75 10.40 12.56
C LEU G 83 -4.91 9.22 12.06
N HIS G 84 -5.06 8.89 10.78
CA HIS G 84 -4.46 7.70 10.19
C HIS G 84 -3.29 8.07 9.29
N SER G 85 -2.31 7.16 9.23
CA SER G 85 -1.14 7.29 8.36
C SER G 85 -0.51 8.68 8.50
N LEU G 86 0.00 8.94 9.69
CA LEU G 86 0.47 10.28 10.04
C LEU G 86 1.74 10.63 9.28
N THR G 87 1.76 11.84 8.73
CA THR G 87 2.94 12.42 8.09
C THR G 87 3.30 13.71 8.80
N SER G 88 4.45 14.28 8.41
CA SER G 88 4.88 15.53 9.03
C SER G 88 3.86 16.65 8.82
N GLU G 89 3.10 16.59 7.73
CA GLU G 89 2.09 17.62 7.47
C GLU G 89 0.94 17.57 8.47
N ASP G 90 0.81 16.48 9.23
CA ASP G 90 -0.23 16.38 10.24
C ASP G 90 0.16 17.03 11.56
N SER G 91 1.42 17.42 11.72
CA SER G 91 1.86 18.10 12.94
C SER G 91 1.17 19.45 13.06
N ALA G 92 0.31 19.61 14.06
CA ALA G 92 -0.45 20.84 14.26
C ALA G 92 -1.10 20.78 15.63
N VAL G 93 -1.85 21.84 15.95
CA VAL G 93 -2.69 21.88 17.14
C VAL G 93 -4.12 21.58 16.71
N TYR G 94 -4.77 20.65 17.40
CA TYR G 94 -6.11 20.20 17.06
C TYR G 94 -7.07 20.60 18.19
N TYR G 95 -8.10 21.37 17.84
CA TYR G 95 -9.13 21.78 18.77
C TYR G 95 -10.41 20.99 18.54
N CYS G 96 -11.12 20.71 19.63
CA CYS G 96 -12.51 20.29 19.57
C CYS G 96 -13.37 21.43 20.10
N ALA G 97 -14.58 21.54 19.56
CA ALA G 97 -15.42 22.68 19.91
C ALA G 97 -16.87 22.40 19.56
N ARG G 98 -17.76 22.85 20.44
CA ARG G 98 -19.14 23.09 20.06
C ARG G 98 -19.25 24.49 19.48
N TRP G 99 -20.49 24.92 19.21
CA TRP G 99 -20.67 26.15 18.45
C TRP G 99 -20.17 27.38 19.20
N ASP G 100 -19.99 27.28 20.52
CA ASP G 100 -19.67 28.45 21.33
C ASP G 100 -18.53 28.24 22.31
N SER G 101 -17.94 27.04 22.36
CA SER G 101 -16.89 26.76 23.34
C SER G 101 -15.86 25.83 22.73
N TRP G 102 -14.59 26.19 22.87
CA TRP G 102 -13.49 25.42 22.32
C TRP G 102 -12.68 24.79 23.43
N GLY G 103 -12.04 23.65 23.11
CA GLY G 103 -11.09 23.06 24.03
C GLY G 103 -9.75 23.77 24.00
N GLN G 104 -8.88 23.38 24.93
CA GLN G 104 -7.57 24.01 25.02
C GLN G 104 -6.63 23.58 23.91
N GLY G 105 -7.01 22.61 23.10
CA GLY G 105 -6.16 22.18 22.00
C GLY G 105 -5.24 21.03 22.39
N THR G 106 -4.95 20.19 21.41
CA THR G 106 -4.02 19.07 21.57
C THR G 106 -2.92 19.20 20.52
N THR G 107 -1.67 19.29 20.98
CA THR G 107 -0.53 19.43 20.09
C THR G 107 -0.07 18.04 19.64
N LEU G 108 0.07 17.87 18.33
CA LEU G 108 0.56 16.63 17.75
C LEU G 108 1.84 16.91 16.96
N THR G 109 2.87 16.12 17.21
CA THR G 109 4.13 16.19 16.48
C THR G 109 4.39 14.82 15.85
N VAL G 110 4.52 14.80 14.53
CA VAL G 110 4.76 13.57 13.78
C VAL G 110 6.23 13.57 13.35
N SER G 111 7.03 12.73 13.99
CA SER G 111 8.45 12.66 13.69
C SER G 111 9.01 11.38 14.30
N SER G 112 10.06 10.85 13.68
CA SER G 112 10.79 9.73 14.26
C SER G 112 11.85 10.20 15.25
N ALA G 113 12.10 11.49 15.36
CA ALA G 113 13.01 12.01 16.36
C ALA G 113 12.50 11.65 17.75
N LYS G 114 13.42 11.25 18.62
CA LYS G 114 13.07 10.78 19.95
C LYS G 114 13.20 11.91 20.96
N THR G 115 12.48 11.76 22.07
CA THR G 115 12.49 12.76 23.12
C THR G 115 13.90 12.96 23.67
N THR G 116 14.40 14.19 23.57
CA THR G 116 15.77 14.52 23.92
C THR G 116 15.79 15.78 24.77
N PRO G 117 16.46 15.77 25.92
CA PRO G 117 16.57 16.98 26.73
C PRO G 117 17.46 18.01 26.06
N PRO G 118 17.27 19.29 26.37
CA PRO G 118 18.05 20.33 25.68
C PRO G 118 19.46 20.47 26.24
N SER G 119 20.32 21.04 25.42
CA SER G 119 21.63 21.52 25.84
C SER G 119 21.54 23.02 26.03
N VAL G 120 21.83 23.50 27.24
CA VAL G 120 21.69 24.89 27.61
C VAL G 120 23.08 25.51 27.72
N TYR G 121 23.28 26.65 27.06
CA TYR G 121 24.56 27.33 27.06
C TYR G 121 24.36 28.78 27.48
N PRO G 122 25.18 29.29 28.39
CA PRO G 122 25.00 30.68 28.86
C PRO G 122 25.50 31.69 27.84
N LEU G 123 24.84 32.83 27.82
CA LEU G 123 25.20 33.95 26.95
C LEU G 123 25.53 35.15 27.82
N ALA G 124 26.83 35.38 28.04
CA ALA G 124 27.33 36.47 28.85
C ALA G 124 28.24 37.36 28.01
N PRO G 125 28.29 38.66 28.29
CA PRO G 125 29.10 39.57 27.46
C PRO G 125 30.59 39.34 27.65
N GLY G 126 31.33 39.54 26.57
CA GLY G 126 32.78 39.44 26.61
C GLY G 126 33.43 40.77 26.93
N CYS G 127 32.81 41.86 26.50
CA CYS G 127 33.31 43.21 26.76
C CYS G 127 32.17 44.15 27.14
N THR G 131 30.80 48.56 29.53
CA THR G 131 29.39 48.26 29.71
C THR G 131 28.58 49.54 29.94
N GLY G 132 27.28 49.45 29.67
CA GLY G 132 26.37 50.56 29.92
C GLY G 132 25.65 50.41 31.25
N SER G 133 24.59 51.20 31.40
CA SER G 133 23.77 51.11 32.61
C SER G 133 23.00 49.80 32.69
N SER G 134 22.79 49.13 31.55
CA SER G 134 22.12 47.85 31.51
C SER G 134 23.01 46.82 30.83
N VAL G 135 22.82 45.55 31.20
CA VAL G 135 23.54 44.44 30.59
C VAL G 135 22.51 43.42 30.12
N THR G 136 22.72 42.88 28.93
CA THR G 136 21.83 41.87 28.36
C THR G 136 22.48 40.50 28.50
N LEU G 137 21.76 39.58 29.13
CA LEU G 137 22.20 38.21 29.31
C LEU G 137 21.30 37.27 28.51
N GLY G 138 21.71 36.02 28.40
CA GLY G 138 20.91 35.07 27.65
C GLY G 138 21.29 33.63 27.94
N CYS G 139 20.45 32.73 27.44
CA CYS G 139 20.69 31.31 27.49
C CYS G 139 20.24 30.68 26.18
N LEU G 140 21.13 29.91 25.56
CA LEU G 140 20.85 29.24 24.29
C LEU G 140 20.41 27.81 24.58
N VAL G 141 19.18 27.48 24.18
CA VAL G 141 18.58 26.17 24.41
C VAL G 141 18.58 25.43 23.08
N LYS G 142 19.40 24.38 22.98
CA LYS G 142 19.74 23.79 21.69
C LYS G 142 19.59 22.27 21.73
N GLY G 143 18.99 21.73 20.68
CA GLY G 143 19.01 20.29 20.47
C GLY G 143 18.02 19.47 21.25
N TYR G 144 16.83 20.00 21.54
CA TYR G 144 15.82 19.26 22.28
C TYR G 144 14.68 18.83 21.36
N PHE G 145 13.86 17.93 21.88
CA PHE G 145 12.72 17.39 21.16
C PHE G 145 11.83 16.61 22.10
N PRO G 146 10.51 16.78 22.00
CA PRO G 146 9.85 17.77 21.14
C PRO G 146 9.58 19.08 21.89
N GLU G 147 8.77 19.95 21.30
CA GLU G 147 8.28 21.14 21.99
C GLU G 147 7.41 20.72 23.18
N SER G 148 7.40 21.53 24.25
CA SER G 148 8.13 22.79 24.33
C SER G 148 9.03 22.85 25.57
N VAL G 149 9.73 23.98 25.72
CA VAL G 149 10.52 24.25 26.91
C VAL G 149 10.05 25.56 27.52
N THR G 150 10.31 25.71 28.82
CA THR G 150 10.01 26.93 29.56
C THR G 150 11.29 27.44 30.17
N VAL G 151 11.66 28.68 29.87
CA VAL G 151 12.86 29.32 30.39
C VAL G 151 12.45 30.30 31.47
N THR G 152 12.92 30.05 32.69
CA THR G 152 12.59 30.88 33.85
C THR G 152 13.87 31.54 34.36
N TRP G 153 13.79 32.85 34.62
CA TRP G 153 14.93 33.63 35.09
C TRP G 153 14.71 34.00 36.55
N ASN G 154 15.60 33.51 37.43
CA ASN G 154 15.61 33.85 38.84
C ASN G 154 14.27 33.52 39.51
N SER G 155 13.78 32.31 39.26
CA SER G 155 12.51 31.82 39.83
C SER G 155 11.35 32.76 39.51
N GLY G 156 11.34 33.28 38.29
CA GLY G 156 10.28 34.18 37.86
C GLY G 156 10.35 35.58 38.42
N SER G 157 11.40 35.92 39.17
CA SER G 157 11.52 37.28 39.69
C SER G 157 11.65 38.30 38.56
N LEU G 158 12.20 37.90 37.43
CA LEU G 158 12.37 38.76 36.27
C LEU G 158 11.47 38.28 35.15
N SER G 159 10.71 39.20 34.56
CA SER G 159 9.80 38.86 33.46
C SER G 159 9.60 40.04 32.52
N SER G 160 9.57 41.25 33.07
CA SER G 160 9.36 42.43 32.23
C SER G 160 10.49 42.62 31.23
N SER G 161 11.70 42.23 31.60
CA SER G 161 12.89 42.43 30.79
C SER G 161 13.30 41.18 30.01
N VAL G 162 12.44 40.18 29.95
CA VAL G 162 12.76 38.90 29.31
C VAL G 162 12.12 38.83 27.94
N HIS G 163 12.87 38.33 26.96
CA HIS G 163 12.36 38.01 25.63
C HIS G 163 12.53 36.51 25.40
N THR G 164 11.45 35.85 25.01
CA THR G 164 11.46 34.42 24.70
C THR G 164 11.28 34.25 23.19
N PHE G 165 12.29 33.67 22.54
CA PHE G 165 12.27 33.54 21.10
C PHE G 165 11.77 32.16 20.70
N PRO G 166 10.77 32.08 19.84
CA PRO G 166 10.20 30.78 19.46
C PRO G 166 11.25 29.87 18.83
N ALA G 167 11.08 28.57 19.07
CA ALA G 167 12.05 27.59 18.63
C ALA G 167 12.00 27.43 17.11
N LEU G 168 13.12 26.95 16.57
CA LEU G 168 13.23 26.60 15.16
C LEU G 168 13.92 25.25 15.04
N LEU G 169 13.73 24.61 13.90
CA LEU G 169 14.32 23.30 13.65
C LEU G 169 15.73 23.44 13.10
N GLN G 170 16.62 22.59 13.61
CA GLN G 170 17.99 22.50 13.09
C GLN G 170 18.48 21.08 13.33
N SER G 171 18.83 20.39 12.25
CA SER G 171 19.31 19.01 12.31
C SER G 171 18.27 18.09 12.95
N GLY G 172 17.00 18.38 12.69
CA GLY G 172 15.90 17.60 13.22
C GLY G 172 15.55 17.85 14.66
N LEU G 173 16.21 18.81 15.31
CA LEU G 173 15.94 19.13 16.71
C LEU G 173 15.59 20.60 16.84
N TYR G 174 15.02 20.96 17.98
CA TYR G 174 14.59 22.33 18.24
C TYR G 174 15.69 23.14 18.90
N THR G 175 15.79 24.41 18.51
CA THR G 175 16.72 25.36 19.10
C THR G 175 15.98 26.66 19.36
N MET G 176 16.04 27.15 20.60
CA MET G 176 15.45 28.43 20.96
C MET G 176 16.43 29.20 21.83
N SER G 177 16.09 30.45 22.12
CA SER G 177 16.91 31.31 22.94
C SER G 177 16.03 32.18 23.81
N SER G 178 16.64 32.78 24.83
CA SER G 178 15.93 33.67 25.75
C SER G 178 16.91 34.68 26.30
N SER G 179 16.55 35.96 26.24
CA SER G 179 17.39 37.04 26.73
C SER G 179 16.76 37.69 27.96
N VAL G 180 17.60 38.31 28.77
CA VAL G 180 17.17 39.06 29.95
C VAL G 180 18.09 40.27 30.10
N THR G 181 17.50 41.42 30.45
CA THR G 181 18.22 42.66 30.59
C THR G 181 18.06 43.16 32.03
N VAL G 182 19.17 43.30 32.73
CA VAL G 182 19.15 43.71 34.14
C VAL G 182 20.05 44.92 34.28
N PRO G 183 19.84 45.73 35.32
CA PRO G 183 20.75 46.85 35.57
C PRO G 183 22.18 46.36 35.77
N SER G 184 23.14 47.19 35.34
CA SER G 184 24.55 46.83 35.48
C SER G 184 24.94 46.67 36.95
N SER G 185 24.24 47.34 37.86
CA SER G 185 24.52 47.16 39.28
C SER G 185 24.10 45.78 39.77
N THR G 186 23.07 45.19 39.14
CA THR G 186 22.60 43.89 39.59
C THR G 186 23.55 42.77 39.19
N TRP G 187 24.02 42.76 37.95
CA TRP G 187 24.88 41.68 37.49
C TRP G 187 26.30 42.19 37.19
N PRO G 188 27.32 41.40 37.55
CA PRO G 188 27.26 40.09 38.21
C PRO G 188 27.21 40.15 39.74
N SER G 189 26.98 41.34 40.30
CA SER G 189 26.90 41.47 41.77
C SER G 189 25.83 40.54 42.34
N GLN G 190 24.69 40.43 41.68
CA GLN G 190 23.67 39.45 42.03
C GLN G 190 23.79 38.24 41.12
N THR G 191 23.17 37.14 41.55
CA THR G 191 23.17 35.92 40.77
C THR G 191 22.02 35.95 39.77
N VAL G 192 22.34 35.66 38.51
CA VAL G 192 21.35 35.50 37.45
C VAL G 192 21.42 34.07 36.95
N THR G 193 20.26 33.39 36.97
CA THR G 193 20.18 31.98 36.57
C THR G 193 18.99 31.80 35.65
N CYS G 194 19.20 31.08 34.55
CA CYS G 194 18.11 30.63 33.69
C CYS G 194 17.80 29.18 34.00
N SER G 195 16.51 28.88 34.18
CA SER G 195 16.04 27.54 34.47
C SER G 195 15.22 27.05 33.29
N VAL G 196 15.71 26.02 32.61
CA VAL G 196 15.08 25.49 31.40
C VAL G 196 14.41 24.18 31.77
N ALA G 197 13.08 24.18 31.77
CA ALA G 197 12.30 22.99 32.05
C ALA G 197 11.79 22.39 30.73
N HIS G 198 11.99 21.08 30.58
CA HIS G 198 11.53 20.34 29.40
C HIS G 198 10.67 19.19 29.88
N PRO G 199 9.36 19.39 30.01
CA PRO G 199 8.50 18.35 30.59
C PRO G 199 8.46 17.06 29.80
N ALA G 200 8.69 17.11 28.48
CA ALA G 200 8.63 15.90 27.66
C ALA G 200 9.70 14.90 28.08
N SER G 201 10.89 15.39 28.45
CA SER G 201 11.97 14.53 28.91
C SER G 201 12.11 14.51 30.42
N SER G 202 11.20 15.18 31.15
CA SER G 202 11.24 15.23 32.61
C SER G 202 12.58 15.75 33.12
N THR G 203 13.11 16.76 32.44
CA THR G 203 14.46 17.25 32.70
C THR G 203 14.43 18.77 32.85
N THR G 204 15.09 19.28 33.89
CA THR G 204 15.27 20.70 34.10
C THR G 204 16.75 21.00 34.20
N VAL G 205 17.22 22.00 33.47
CA VAL G 205 18.62 22.41 33.47
C VAL G 205 18.70 23.85 33.96
N ASP G 206 19.58 24.09 34.93
CA ASP G 206 19.81 25.42 35.48
C ASP G 206 21.25 25.84 35.21
N LYS G 207 21.42 27.06 34.71
CA LYS G 207 22.74 27.61 34.41
C LYS G 207 22.87 28.96 35.11
N LYS G 208 23.87 29.07 35.99
CA LYS G 208 24.20 30.34 36.62
C LYS G 208 25.16 31.09 35.71
N LEU G 209 24.75 32.27 35.24
CA LEU G 209 25.55 33.01 34.28
C LEU G 209 26.70 33.72 34.97
N GLU G 210 27.91 33.49 34.48
CA GLU G 210 29.14 34.02 35.04
C GLU G 210 29.80 34.98 34.06
N PRO G 211 30.49 36.01 34.55
CA PRO G 211 31.19 36.96 33.68
C PRO G 211 32.39 36.33 32.98
N ASP H 1 -61.77 -18.23 -16.85
CA ASP H 1 -60.34 -18.10 -17.12
C ASP H 1 -59.49 -18.32 -15.87
N VAL H 2 -58.59 -19.30 -15.95
CA VAL H 2 -57.59 -19.52 -14.91
C VAL H 2 -56.36 -18.73 -15.27
N LEU H 3 -55.95 -17.82 -14.38
CA LEU H 3 -54.88 -16.89 -14.65
C LEU H 3 -53.64 -17.22 -13.82
N LEU H 4 -52.47 -16.95 -14.40
CA LEU H 4 -51.19 -17.25 -13.79
C LEU H 4 -50.50 -15.93 -13.45
N THR H 5 -50.08 -15.79 -12.19
CA THR H 5 -49.33 -14.63 -11.74
C THR H 5 -47.94 -15.08 -11.32
N GLN H 6 -46.92 -14.41 -11.86
CA GLN H 6 -45.53 -14.76 -11.61
C GLN H 6 -44.88 -13.73 -10.68
N THR H 7 -43.80 -14.16 -10.04
CA THR H 7 -43.00 -13.28 -9.19
C THR H 7 -41.60 -13.88 -9.02
N PRO H 8 -40.57 -13.02 -8.99
CA PRO H 8 -40.64 -11.56 -9.16
C PRO H 8 -40.79 -11.14 -10.61
N LEU H 9 -41.05 -9.85 -10.85
CA LEU H 9 -41.11 -9.35 -12.22
C LEU H 9 -39.74 -9.44 -12.89
N SER H 10 -38.68 -9.11 -12.17
CA SER H 10 -37.31 -9.21 -12.67
C SER H 10 -36.44 -9.84 -11.59
N LEU H 11 -35.48 -10.66 -12.03
CA LEU H 11 -34.57 -11.36 -11.12
C LEU H 11 -33.14 -11.17 -11.61
N PRO H 12 -32.42 -10.18 -11.07
CA PRO H 12 -31.00 -10.03 -11.40
C PRO H 12 -30.16 -11.05 -10.65
N VAL H 13 -29.27 -11.73 -11.38
CA VAL H 13 -28.43 -12.78 -10.81
C VAL H 13 -27.02 -12.65 -11.37
N ASN H 14 -26.08 -13.28 -10.68
CA ASN H 14 -24.74 -13.49 -11.20
C ASN H 14 -24.68 -14.85 -11.88
N LEU H 15 -23.87 -14.93 -12.94
CA LEU H 15 -23.73 -16.20 -13.64
C LEU H 15 -23.14 -17.25 -12.72
N GLY H 16 -23.90 -18.32 -12.49
CA GLY H 16 -23.53 -19.36 -11.55
C GLY H 16 -24.40 -19.41 -10.31
N ASP H 17 -25.19 -18.38 -10.05
CA ASP H 17 -26.08 -18.40 -8.91
C ASP H 17 -27.25 -19.35 -9.15
N GLN H 18 -27.94 -19.70 -8.07
CA GLN H 18 -29.17 -20.47 -8.13
C GLN H 18 -30.35 -19.50 -8.10
N ALA H 19 -31.20 -19.57 -9.10
CA ALA H 19 -32.34 -18.68 -9.24
C ALA H 19 -33.64 -19.47 -9.08
N SER H 20 -34.64 -18.83 -8.48
CA SER H 20 -35.94 -19.44 -8.25
C SER H 20 -37.02 -18.49 -8.73
N ILE H 21 -37.95 -18.99 -9.54
CA ILE H 21 -39.03 -18.21 -10.12
C ILE H 21 -40.35 -18.87 -9.76
N SER H 22 -41.31 -18.08 -9.26
CA SER H 22 -42.56 -18.59 -8.76
C SER H 22 -43.70 -18.30 -9.73
N CYS H 23 -44.70 -19.19 -9.71
CA CYS H 23 -45.90 -19.06 -10.54
C CYS H 23 -47.09 -19.52 -9.72
N ARG H 24 -48.13 -18.68 -9.66
CA ARG H 24 -49.34 -18.99 -8.91
C ARG H 24 -50.55 -18.90 -9.83
N SER H 25 -51.45 -19.87 -9.69
CA SER H 25 -52.66 -19.93 -10.49
C SER H 25 -53.87 -19.52 -9.66
N SER H 26 -54.91 -19.04 -10.34
CA SER H 26 -56.13 -18.63 -9.65
C SER H 26 -56.95 -19.83 -9.19
N GLN H 27 -56.68 -21.01 -9.73
CA GLN H 27 -57.27 -22.25 -9.21
C GLN H 27 -56.34 -23.39 -9.58
N THR H 28 -56.67 -24.58 -9.08
CA THR H 28 -55.77 -25.72 -9.22
C THR H 28 -55.54 -26.06 -10.69
N ILE H 29 -54.29 -26.44 -11.01
CA ILE H 29 -53.94 -26.87 -12.35
C ILE H 29 -54.04 -28.38 -12.51
N LEU H 30 -54.20 -29.13 -11.41
CA LEU H 30 -54.40 -30.56 -11.48
C LEU H 30 -55.67 -30.87 -12.27
N HIS H 31 -55.50 -31.55 -13.40
CA HIS H 31 -56.62 -31.89 -14.26
C HIS H 31 -57.33 -33.14 -13.75
N SER H 32 -58.54 -33.38 -14.28
CA SER H 32 -59.34 -34.51 -13.84
C SER H 32 -58.71 -35.85 -14.20
N ASP H 33 -57.76 -35.87 -15.12
CA ASP H 33 -57.08 -37.11 -15.48
C ASP H 33 -55.94 -37.47 -14.52
N GLY H 34 -55.73 -36.69 -13.46
CA GLY H 34 -54.69 -36.95 -12.50
C GLY H 34 -53.37 -36.26 -12.78
N TYR H 35 -53.26 -35.53 -13.87
CA TYR H 35 -52.02 -34.85 -14.24
C TYR H 35 -52.19 -33.34 -14.16
N THR H 36 -51.07 -32.66 -13.96
CA THR H 36 -51.03 -31.20 -13.81
C THR H 36 -50.24 -30.62 -14.99
N TYR H 37 -50.94 -29.92 -15.87
CA TYR H 37 -50.33 -29.42 -17.10
C TYR H 37 -49.81 -27.98 -16.89
N LEU H 38 -48.74 -27.90 -16.11
CA LEU H 38 -48.03 -26.66 -15.87
C LEU H 38 -46.68 -26.73 -16.60
N GLU H 39 -46.40 -25.71 -17.41
CA GLU H 39 -45.23 -25.70 -18.27
C GLU H 39 -44.43 -24.43 -18.06
N TRP H 40 -43.15 -24.49 -18.42
CA TRP H 40 -42.24 -23.36 -18.32
C TRP H 40 -41.58 -23.12 -19.67
N TYR H 41 -41.57 -21.86 -20.11
CA TYR H 41 -40.97 -21.47 -21.38
C TYR H 41 -39.87 -20.44 -21.15
N LEU H 42 -38.88 -20.46 -22.03
CA LEU H 42 -37.82 -19.44 -22.05
C LEU H 42 -37.85 -18.74 -23.40
N GLN H 43 -37.92 -17.41 -23.37
CA GLN H 43 -37.86 -16.59 -24.58
C GLN H 43 -36.63 -15.71 -24.50
N ARG H 44 -35.61 -16.01 -25.29
CA ARG H 44 -34.45 -15.16 -25.40
C ARG H 44 -34.77 -13.94 -26.27
N PRO H 45 -34.03 -12.85 -26.10
CA PRO H 45 -34.30 -11.65 -26.90
C PRO H 45 -34.16 -11.94 -28.39
N GLY H 46 -35.18 -11.54 -29.15
CA GLY H 46 -35.21 -11.74 -30.58
C GLY H 46 -35.55 -13.14 -31.03
N GLN H 47 -35.78 -14.07 -30.10
CA GLN H 47 -36.10 -15.46 -30.42
C GLN H 47 -37.52 -15.79 -30.01
N SER H 48 -38.03 -16.89 -30.55
CA SER H 48 -39.33 -17.40 -30.15
C SER H 48 -39.23 -18.11 -28.80
N PRO H 49 -40.33 -18.19 -28.05
CA PRO H 49 -40.31 -18.97 -26.81
C PRO H 49 -40.03 -20.45 -27.11
N LYS H 50 -39.28 -21.09 -26.21
CA LYS H 50 -38.97 -22.50 -26.36
C LYS H 50 -39.32 -23.23 -25.07
N LEU H 51 -39.77 -24.47 -25.22
CA LEU H 51 -40.26 -25.25 -24.10
C LEU H 51 -39.11 -25.75 -23.24
N LEU H 52 -39.23 -25.58 -21.92
CA LEU H 52 -38.26 -26.09 -20.97
C LEU H 52 -38.82 -27.26 -20.17
N ILE H 53 -39.92 -27.05 -19.46
CA ILE H 53 -40.50 -28.05 -18.57
C ILE H 53 -41.97 -28.22 -18.93
N TYR H 54 -42.45 -29.46 -18.91
CA TYR H 54 -43.88 -29.74 -19.00
C TYR H 54 -44.26 -30.70 -17.89
N ARG H 55 -45.54 -30.72 -17.55
CA ARG H 55 -46.07 -31.46 -16.41
C ARG H 55 -45.23 -31.20 -15.16
N VAL H 56 -45.22 -29.92 -14.77
CA VAL H 56 -44.54 -29.31 -13.62
C VAL H 56 -43.06 -29.68 -13.51
N TYR H 57 -42.66 -30.92 -13.81
CA TYR H 57 -41.27 -31.33 -13.55
C TYR H 57 -40.58 -32.06 -14.69
N LYS H 58 -41.27 -32.45 -15.75
CA LYS H 58 -40.64 -33.21 -16.83
C LYS H 58 -39.85 -32.26 -17.73
N ARG H 59 -38.56 -32.52 -17.86
CA ARG H 59 -37.71 -31.72 -18.75
C ARG H 59 -37.99 -32.10 -20.21
N PHE H 60 -38.04 -31.09 -21.06
CA PHE H 60 -38.13 -31.33 -22.49
C PHE H 60 -36.80 -31.85 -23.02
N SER H 61 -36.86 -32.48 -24.19
CA SER H 61 -35.65 -33.03 -24.81
C SER H 61 -34.60 -31.95 -25.02
N GLY H 62 -33.37 -32.25 -24.60
CA GLY H 62 -32.26 -31.34 -24.76
C GLY H 62 -32.13 -30.28 -23.68
N ILE H 63 -32.98 -30.32 -22.65
CA ILE H 63 -32.92 -29.34 -21.57
C ILE H 63 -31.94 -29.83 -20.51
N PRO H 64 -30.94 -29.03 -20.12
CA PRO H 64 -29.97 -29.50 -19.13
C PRO H 64 -30.59 -29.70 -17.76
N ASP H 65 -29.91 -30.52 -16.96
CA ASP H 65 -30.41 -30.90 -15.64
C ASP H 65 -30.44 -29.73 -14.65
N ARG H 66 -29.82 -28.59 -14.97
CA ARG H 66 -29.86 -27.46 -14.07
C ARG H 66 -31.24 -26.81 -13.98
N PHE H 67 -32.15 -27.14 -14.89
CA PHE H 67 -33.52 -26.67 -14.84
C PHE H 67 -34.37 -27.70 -14.11
N ARG H 68 -34.96 -27.30 -12.98
CA ARG H 68 -35.79 -28.20 -12.18
C ARG H 68 -37.10 -27.49 -11.86
N GLY H 69 -38.21 -28.12 -12.22
CA GLY H 69 -39.53 -27.62 -11.90
C GLY H 69 -40.14 -28.43 -10.77
N SER H 70 -40.91 -27.74 -9.92
CA SER H 70 -41.54 -28.39 -8.78
C SER H 70 -42.85 -27.65 -8.47
N GLY H 71 -43.54 -28.13 -7.45
CA GLY H 71 -44.80 -27.57 -7.02
C GLY H 71 -45.97 -28.46 -7.36
N SER H 72 -47.14 -28.04 -6.88
CA SER H 72 -48.36 -28.80 -7.11
C SER H 72 -49.56 -27.89 -6.94
N GLY H 73 -50.64 -28.23 -7.62
CA GLY H 73 -51.90 -27.54 -7.46
C GLY H 73 -51.89 -26.09 -7.89
N MET H 74 -51.43 -25.21 -7.01
CA MET H 74 -51.58 -23.78 -7.20
C MET H 74 -50.26 -23.02 -7.22
N ASP H 75 -49.22 -23.52 -6.56
CA ASP H 75 -47.93 -22.86 -6.49
C ASP H 75 -46.89 -23.72 -7.17
N PHE H 76 -46.14 -23.12 -8.10
CA PHE H 76 -45.11 -23.82 -8.86
C PHE H 76 -43.85 -22.98 -8.87
N THR H 77 -42.70 -23.66 -8.98
CA THR H 77 -41.40 -23.01 -8.90
C THR H 77 -40.48 -23.60 -9.96
N LEU H 78 -39.77 -22.72 -10.66
CA LEU H 78 -38.70 -23.11 -11.57
C LEU H 78 -37.37 -22.72 -10.93
N THR H 79 -36.48 -23.69 -10.77
CA THR H 79 -35.18 -23.48 -10.16
C THR H 79 -34.10 -23.70 -11.20
N ILE H 80 -33.18 -22.74 -11.31
CA ILE H 80 -32.04 -22.82 -12.23
C ILE H 80 -30.77 -22.74 -11.39
N SER H 81 -29.92 -23.75 -11.51
CA SER H 81 -28.67 -23.79 -10.75
C SER H 81 -27.58 -24.54 -11.50
N GLY H 82 -26.60 -23.83 -12.04
CA GLY H 82 -26.53 -22.38 -11.93
C GLY H 82 -26.79 -21.68 -13.25
N VAL H 83 -27.11 -20.38 -13.18
CA VAL H 83 -27.52 -19.64 -14.36
C VAL H 83 -26.32 -19.43 -15.28
N GLU H 84 -26.49 -19.76 -16.56
CA GLU H 84 -25.51 -19.48 -17.59
C GLU H 84 -26.02 -18.35 -18.49
N ALA H 85 -25.12 -17.86 -19.34
CA ALA H 85 -25.47 -16.75 -20.22
C ALA H 85 -26.61 -17.12 -21.16
N GLU H 86 -26.66 -18.38 -21.61
CA GLU H 86 -27.73 -18.83 -22.50
C GLU H 86 -29.07 -18.95 -21.81
N ASP H 87 -29.12 -18.83 -20.48
CA ASP H 87 -30.37 -18.89 -19.73
C ASP H 87 -31.04 -17.53 -19.58
N LEU H 88 -30.35 -16.44 -19.96
CA LEU H 88 -30.91 -15.11 -19.79
C LEU H 88 -32.08 -14.89 -20.74
N GLY H 89 -33.10 -14.21 -20.25
CA GLY H 89 -34.29 -13.94 -21.03
C GLY H 89 -35.49 -13.84 -20.12
N ILE H 90 -36.67 -14.01 -20.71
CA ILE H 90 -37.95 -13.93 -20.01
C ILE H 90 -38.53 -15.34 -19.88
N TYR H 91 -38.85 -15.72 -18.66
CA TYR H 91 -39.42 -17.03 -18.37
C TYR H 91 -40.93 -16.89 -18.16
N TYR H 92 -41.69 -17.76 -18.81
CA TYR H 92 -43.14 -17.77 -18.69
C TYR H 92 -43.60 -19.12 -18.16
N CYS H 93 -44.57 -19.09 -17.24
CA CYS H 93 -45.30 -20.30 -16.88
C CYS H 93 -46.59 -20.35 -17.68
N PHE H 94 -47.05 -21.57 -17.93
CA PHE H 94 -48.15 -21.81 -18.85
C PHE H 94 -48.95 -23.02 -18.35
N GLN H 95 -50.27 -22.91 -18.43
CA GLN H 95 -51.16 -23.98 -18.00
C GLN H 95 -51.93 -24.52 -19.19
N GLY H 96 -52.07 -25.85 -19.24
CA GLY H 96 -52.80 -26.50 -20.31
C GLY H 96 -53.95 -27.33 -19.82
N SER H 97 -54.41 -27.06 -18.60
CA SER H 97 -55.49 -27.81 -17.99
C SER H 97 -56.87 -27.23 -18.27
N TYR H 98 -56.94 -25.99 -18.75
CA TYR H 98 -58.21 -25.31 -18.94
C TYR H 98 -58.23 -24.60 -20.29
N VAL H 99 -59.45 -24.37 -20.78
CA VAL H 99 -59.67 -23.48 -21.91
C VAL H 99 -60.26 -22.19 -21.37
N PRO H 100 -59.66 -21.04 -21.70
CA PRO H 100 -58.51 -20.91 -22.59
C PRO H 100 -57.16 -21.20 -21.94
N ARG H 101 -56.17 -21.55 -22.74
CA ARG H 101 -54.81 -21.62 -22.27
C ARG H 101 -54.32 -20.23 -21.88
N THR H 102 -53.52 -20.15 -20.83
CA THR H 102 -53.06 -18.86 -20.33
C THR H 102 -51.58 -18.92 -19.99
N PHE H 103 -50.91 -17.78 -20.11
CA PHE H 103 -49.51 -17.62 -19.74
C PHE H 103 -49.41 -16.71 -18.52
N GLY H 104 -48.30 -16.88 -17.78
CA GLY H 104 -47.97 -15.94 -16.74
C GLY H 104 -47.44 -14.64 -17.32
N GLY H 105 -47.37 -13.62 -16.45
CA GLY H 105 -46.88 -12.32 -16.89
C GLY H 105 -45.42 -12.30 -17.30
N GLY H 106 -44.65 -13.34 -16.97
CA GLY H 106 -43.26 -13.40 -17.36
C GLY H 106 -42.32 -12.88 -16.29
N THR H 107 -41.17 -13.53 -16.15
CA THR H 107 -40.13 -13.14 -15.22
C THR H 107 -38.83 -12.97 -15.99
N LYS H 108 -38.28 -11.76 -15.96
CA LYS H 108 -37.09 -11.44 -16.74
C LYS H 108 -35.86 -11.80 -15.91
N LEU H 109 -35.09 -12.77 -16.40
CA LEU H 109 -33.82 -13.14 -15.78
C LEU H 109 -32.73 -12.29 -16.40
N GLU H 110 -32.07 -11.47 -15.58
CA GLU H 110 -31.11 -10.49 -16.07
C GLU H 110 -29.82 -10.58 -15.26
N ILE H 111 -28.83 -9.80 -15.69
CA ILE H 111 -27.49 -9.84 -15.11
C ILE H 111 -27.40 -8.77 -14.01
N LYS H 112 -26.89 -9.15 -12.85
CA LYS H 112 -26.69 -8.24 -11.74
C LYS H 112 -25.24 -7.79 -11.71
N ARG H 113 -25.00 -6.53 -12.07
CA ARG H 113 -23.68 -5.93 -12.07
C ARG H 113 -23.57 -4.93 -10.92
N ALA H 114 -22.41 -4.30 -10.81
CA ALA H 114 -22.23 -3.23 -9.83
C ALA H 114 -23.07 -2.03 -10.20
N ASP H 115 -23.60 -1.34 -9.18
CA ASP H 115 -24.45 -0.18 -9.43
C ASP H 115 -23.66 0.93 -10.10
N ALA H 116 -24.32 1.65 -11.00
CA ALA H 116 -23.68 2.73 -11.74
C ALA H 116 -24.66 3.87 -11.90
N ALA H 117 -24.22 5.10 -11.62
CA ALA H 117 -25.02 6.28 -11.87
C ALA H 117 -25.07 6.55 -13.37
N PRO H 118 -26.17 7.12 -13.86
CA PRO H 118 -26.27 7.41 -15.29
C PRO H 118 -25.34 8.55 -15.70
N THR H 119 -24.85 8.46 -16.93
CA THR H 119 -24.14 9.56 -17.56
C THR H 119 -25.16 10.40 -18.30
N VAL H 120 -25.41 11.61 -17.79
CA VAL H 120 -26.52 12.44 -18.25
C VAL H 120 -25.99 13.53 -19.17
N SER H 121 -26.65 13.69 -20.32
CA SER H 121 -26.33 14.73 -21.29
C SER H 121 -27.62 15.36 -21.78
N ILE H 122 -27.63 16.69 -21.87
CA ILE H 122 -28.82 17.43 -22.28
C ILE H 122 -28.51 18.21 -23.55
N PHE H 123 -29.46 18.21 -24.49
CA PHE H 123 -29.24 18.81 -25.80
C PHE H 123 -30.36 19.78 -26.13
N PRO H 124 -30.04 20.99 -26.56
CA PRO H 124 -31.07 21.94 -26.99
C PRO H 124 -31.62 21.55 -28.36
N PRO H 125 -32.73 22.16 -28.79
CA PRO H 125 -33.23 21.88 -30.14
C PRO H 125 -32.24 22.34 -31.20
N SER H 126 -32.12 21.55 -32.25
CA SER H 126 -31.23 21.90 -33.34
C SER H 126 -31.80 23.08 -34.13
N SER H 127 -30.91 23.78 -34.85
CA SER H 127 -31.35 24.89 -35.68
C SER H 127 -32.24 24.42 -36.81
N GLU H 128 -32.06 23.18 -37.28
CA GLU H 128 -32.93 22.63 -38.32
C GLU H 128 -34.36 22.49 -37.81
N GLN H 129 -34.52 21.94 -36.60
CA GLN H 129 -35.87 21.76 -36.06
C GLN H 129 -36.52 23.09 -35.73
N LEU H 130 -35.76 24.04 -35.18
CA LEU H 130 -36.29 25.36 -34.92
C LEU H 130 -36.74 26.03 -36.21
N THR H 131 -35.98 25.84 -37.29
CA THR H 131 -36.41 26.32 -38.60
C THR H 131 -37.74 25.71 -38.99
N SER H 132 -37.96 24.43 -38.64
CA SER H 132 -39.20 23.75 -38.98
C SER H 132 -40.37 24.16 -38.10
N GLY H 133 -40.12 24.90 -37.02
CA GLY H 133 -41.18 25.33 -36.12
C GLY H 133 -41.32 24.48 -34.87
N GLY H 134 -40.53 23.42 -34.72
CA GLY H 134 -40.58 22.58 -33.54
C GLY H 134 -39.40 22.84 -32.60
N ALA H 135 -39.44 22.16 -31.45
CA ALA H 135 -38.40 22.32 -30.45
C ALA H 135 -38.43 21.09 -29.54
N SER H 136 -37.49 20.17 -29.76
CA SER H 136 -37.34 18.99 -28.91
C SER H 136 -36.07 19.14 -28.07
N VAL H 137 -36.23 19.02 -26.76
CA VAL H 137 -35.11 19.03 -25.82
C VAL H 137 -34.84 17.59 -25.41
N VAL H 138 -33.66 17.09 -25.76
CA VAL H 138 -33.31 15.69 -25.58
C VAL H 138 -32.36 15.54 -24.40
N CYS H 139 -32.56 14.49 -23.61
CA CYS H 139 -31.72 14.19 -22.47
C CYS H 139 -31.36 12.71 -22.52
N PHE H 140 -30.07 12.41 -22.65
CA PHE H 140 -29.58 11.04 -22.65
C PHE H 140 -29.11 10.65 -21.25
N LEU H 141 -29.47 9.43 -20.83
CA LEU H 141 -29.09 8.89 -19.53
C LEU H 141 -28.53 7.49 -19.80
N ASN H 142 -27.21 7.39 -19.91
CA ASN H 142 -26.56 6.20 -20.44
C ASN H 142 -25.80 5.45 -19.36
N ASN H 143 -25.83 4.12 -19.45
CA ASN H 143 -24.96 3.23 -18.69
C ASN H 143 -25.17 3.40 -17.18
N PHE H 144 -26.38 3.07 -16.73
CA PHE H 144 -26.71 3.06 -15.32
C PHE H 144 -27.21 1.68 -14.91
N TYR H 145 -27.13 1.41 -13.61
CA TYR H 145 -27.65 0.18 -13.04
C TYR H 145 -27.97 0.39 -11.56
N PRO H 146 -29.13 -0.11 -11.11
CA PRO H 146 -30.14 -0.87 -11.85
C PRO H 146 -30.98 -0.04 -12.80
N LYS H 147 -31.93 -0.70 -13.48
CA LYS H 147 -32.73 -0.04 -14.50
C LYS H 147 -33.76 0.92 -13.91
N ASP H 148 -34.04 0.83 -12.61
CA ASP H 148 -35.02 1.71 -11.99
C ASP H 148 -34.46 3.14 -11.95
N ILE H 149 -35.16 4.06 -12.61
CA ILE H 149 -34.73 5.45 -12.67
C ILE H 149 -35.94 6.33 -12.90
N ASN H 150 -35.88 7.55 -12.40
CA ASN H 150 -36.94 8.54 -12.57
C ASN H 150 -36.34 9.80 -13.18
N VAL H 151 -37.00 10.33 -14.20
CA VAL H 151 -36.55 11.51 -14.93
C VAL H 151 -37.64 12.57 -14.83
N LYS H 152 -37.25 13.78 -14.43
CA LYS H 152 -38.19 14.88 -14.24
C LYS H 152 -37.70 16.10 -15.01
N TRP H 153 -38.55 16.62 -15.90
CA TRP H 153 -38.23 17.81 -16.67
C TRP H 153 -38.72 19.06 -15.94
N LYS H 154 -37.89 20.09 -15.96
CA LYS H 154 -38.22 21.38 -15.33
C LYS H 154 -38.00 22.50 -16.33
N ILE H 155 -39.00 23.37 -16.46
CA ILE H 155 -38.92 24.56 -17.31
C ILE H 155 -39.01 25.77 -16.40
N ASP H 156 -37.93 26.54 -16.33
CA ASP H 156 -37.84 27.70 -15.45
C ASP H 156 -38.10 27.31 -13.99
N GLY H 157 -37.61 26.13 -13.61
CA GLY H 157 -37.82 25.62 -12.27
C GLY H 157 -39.16 24.98 -12.03
N SER H 158 -40.05 24.97 -13.01
CA SER H 158 -41.38 24.39 -12.87
C SER H 158 -41.43 23.05 -13.60
N GLU H 159 -41.88 22.02 -12.90
CA GLU H 159 -41.91 20.67 -13.46
C GLU H 159 -42.91 20.58 -14.60
N ARG H 160 -42.51 19.89 -15.68
CA ARG H 160 -43.32 19.75 -16.88
C ARG H 160 -43.43 18.28 -17.23
N GLN H 161 -44.67 17.79 -17.33
CA GLN H 161 -44.92 16.38 -17.64
C GLN H 161 -45.52 16.15 -19.01
N ASN H 162 -46.28 17.11 -19.55
CA ASN H 162 -46.84 16.95 -20.88
C ASN H 162 -45.76 17.12 -21.95
N GLY H 163 -45.86 16.32 -23.01
CA GLY H 163 -44.92 16.38 -24.11
C GLY H 163 -43.63 15.62 -23.89
N VAL H 164 -43.54 14.79 -22.85
CA VAL H 164 -42.34 14.02 -22.55
C VAL H 164 -42.51 12.62 -23.09
N LEU H 165 -41.51 12.14 -23.83
CA LEU H 165 -41.50 10.79 -24.36
C LEU H 165 -40.20 10.11 -23.95
N ASN H 166 -40.31 8.90 -23.42
CA ASN H 166 -39.18 8.17 -22.89
C ASN H 166 -39.00 6.85 -23.64
N SER H 167 -37.73 6.45 -23.80
CA SER H 167 -37.38 5.21 -24.48
C SER H 167 -36.23 4.55 -23.73
N TRP H 168 -36.39 3.26 -23.44
CA TRP H 168 -35.40 2.49 -22.71
C TRP H 168 -34.77 1.43 -23.60
N THR H 169 -33.48 1.20 -23.42
CA THR H 169 -32.81 0.07 -24.02
C THR H 169 -32.87 -1.12 -23.07
N ASP H 170 -32.68 -2.32 -23.63
CA ASP H 170 -32.53 -3.51 -22.81
C ASP H 170 -31.11 -3.54 -22.23
N GLN H 171 -30.84 -4.54 -21.40
CA GLN H 171 -29.53 -4.64 -20.78
C GLN H 171 -28.45 -4.82 -21.84
N ASP H 172 -27.36 -4.05 -21.70
CA ASP H 172 -26.30 -4.07 -22.68
C ASP H 172 -25.53 -5.39 -22.61
N SER H 173 -25.20 -5.94 -23.78
CA SER H 173 -24.55 -7.25 -23.84
C SER H 173 -23.09 -7.21 -23.45
N LYS H 174 -22.51 -6.03 -23.24
CA LYS H 174 -21.10 -5.89 -22.90
C LYS H 174 -20.88 -5.53 -21.44
N ASP H 175 -21.45 -4.42 -20.98
CA ASP H 175 -21.26 -3.97 -19.60
C ASP H 175 -22.50 -4.15 -18.73
N SER H 176 -23.57 -4.74 -19.27
CA SER H 176 -24.76 -5.12 -18.50
C SER H 176 -25.45 -3.91 -17.88
N THR H 177 -25.31 -2.74 -18.48
CA THR H 177 -25.97 -1.54 -17.98
C THR H 177 -27.24 -1.25 -18.78
N TYR H 178 -27.98 -0.24 -18.33
CA TYR H 178 -29.17 0.25 -19.01
C TYR H 178 -28.95 1.69 -19.44
N SER H 179 -29.68 2.09 -20.48
CA SER H 179 -29.62 3.45 -20.99
C SER H 179 -31.02 3.93 -21.34
N MET H 180 -31.22 5.24 -21.26
CA MET H 180 -32.55 5.83 -21.42
C MET H 180 -32.45 7.15 -22.17
N SER H 181 -33.41 7.39 -23.07
CA SER H 181 -33.51 8.63 -23.82
C SER H 181 -34.82 9.31 -23.49
N SER H 182 -34.75 10.58 -23.07
CA SER H 182 -35.92 11.35 -22.67
C SER H 182 -35.98 12.61 -23.52
N THR H 183 -37.14 12.87 -24.13
CA THR H 183 -37.33 13.99 -25.02
C THR H 183 -38.53 14.82 -24.58
N LEU H 184 -38.33 16.13 -24.45
CA LEU H 184 -39.39 17.08 -24.15
C LEU H 184 -39.68 17.87 -25.43
N THR H 185 -40.80 17.56 -26.08
CA THR H 185 -41.15 18.15 -27.37
C THR H 185 -42.10 19.32 -27.16
N LEU H 186 -41.71 20.49 -27.67
CA LEU H 186 -42.52 21.69 -27.62
C LEU H 186 -42.49 22.36 -28.98
N THR H 187 -43.40 23.31 -29.18
CA THR H 187 -43.33 24.14 -30.37
C THR H 187 -42.23 25.19 -30.19
N LYS H 188 -41.83 25.80 -31.31
CA LYS H 188 -40.81 26.84 -31.23
C LYS H 188 -41.32 28.04 -30.43
N ASP H 189 -42.58 28.44 -30.66
CA ASP H 189 -43.14 29.56 -29.90
C ASP H 189 -43.17 29.25 -28.41
N GLU H 190 -43.57 28.03 -28.05
CA GLU H 190 -43.55 27.63 -26.65
C GLU H 190 -42.12 27.65 -26.09
N TYR H 191 -41.15 27.22 -26.89
CA TYR H 191 -39.77 27.12 -26.43
C TYR H 191 -39.15 28.49 -26.21
N GLU H 192 -39.39 29.43 -27.12
CA GLU H 192 -38.73 30.74 -27.04
C GLU H 192 -39.23 31.57 -25.87
N ARG H 193 -40.36 31.22 -25.26
CA ARG H 193 -40.92 31.98 -24.15
C ARG H 193 -40.32 31.60 -22.80
N HIS H 194 -39.35 30.69 -22.77
CA HIS H 194 -38.73 30.26 -21.52
C HIS H 194 -37.22 30.22 -21.68
N ASN H 195 -36.52 30.22 -20.55
CA ASN H 195 -35.07 30.35 -20.54
C ASN H 195 -34.37 29.05 -20.11
N SER H 196 -34.70 28.52 -18.93
CA SER H 196 -33.98 27.40 -18.36
C SER H 196 -34.74 26.10 -18.60
N TYR H 197 -34.01 25.07 -19.04
CA TYR H 197 -34.55 23.74 -19.25
C TYR H 197 -33.69 22.74 -18.50
N THR H 198 -34.30 21.98 -17.60
CA THR H 198 -33.58 21.13 -16.66
C THR H 198 -34.00 19.69 -16.83
N CYS H 199 -33.02 18.79 -16.87
CA CYS H 199 -33.23 17.35 -16.91
C CYS H 199 -32.69 16.77 -15.60
N GLU H 200 -33.60 16.30 -14.74
CA GLU H 200 -33.25 15.74 -13.46
C GLU H 200 -33.43 14.22 -13.45
N ALA H 201 -32.48 13.51 -12.88
CA ALA H 201 -32.49 12.05 -12.82
C ALA H 201 -32.40 11.61 -11.37
N THR H 202 -33.41 10.87 -10.92
CA THR H 202 -33.41 10.27 -9.59
C THR H 202 -33.03 8.80 -9.71
N HIS H 203 -32.00 8.40 -8.95
CA HIS H 203 -31.48 7.04 -9.02
C HIS H 203 -30.97 6.65 -7.63
N LYS H 204 -30.89 5.35 -7.39
CA LYS H 204 -30.46 4.87 -6.08
C LYS H 204 -28.97 5.08 -5.83
N THR H 205 -28.20 5.44 -6.85
CA THR H 205 -26.77 5.68 -6.69
C THR H 205 -26.46 7.01 -6.02
N SER H 206 -27.47 7.83 -5.72
CA SER H 206 -27.25 9.09 -5.04
C SER H 206 -28.53 9.50 -4.33
N THR H 207 -28.37 10.22 -3.21
CA THR H 207 -29.53 10.73 -2.50
C THR H 207 -30.09 12.00 -3.13
N SER H 208 -29.24 12.80 -3.80
CA SER H 208 -29.69 13.96 -4.54
C SER H 208 -29.72 13.67 -6.03
N PRO H 209 -30.71 14.17 -6.75
CA PRO H 209 -30.80 13.85 -8.18
C PRO H 209 -29.68 14.46 -8.99
N ILE H 210 -29.38 13.84 -10.12
CA ILE H 210 -28.41 14.38 -11.07
C ILE H 210 -29.10 15.42 -11.92
N VAL H 211 -28.58 16.65 -11.90
CA VAL H 211 -29.22 17.79 -12.55
C VAL H 211 -28.35 18.23 -13.72
N LYS H 212 -28.92 18.19 -14.93
CA LYS H 212 -28.32 18.78 -16.12
C LYS H 212 -29.28 19.81 -16.69
N SER H 213 -28.79 21.02 -16.91
CA SER H 213 -29.64 22.11 -17.36
C SER H 213 -28.85 23.05 -18.26
N PHE H 214 -29.58 23.86 -19.02
CA PHE H 214 -28.96 24.86 -19.88
C PHE H 214 -29.90 26.06 -20.00
N ASN H 215 -29.32 27.19 -20.39
CA ASN H 215 -30.07 28.41 -20.63
C ASN H 215 -30.14 28.66 -22.14
N ARG H 216 -31.35 28.94 -22.63
CA ARG H 216 -31.53 29.21 -24.06
C ARG H 216 -30.66 30.39 -24.51
N ASN H 217 -30.43 31.35 -23.63
CA ASN H 217 -29.53 32.47 -23.95
C ASN H 217 -28.08 32.09 -23.64
C1 GOL I . 39.58 -35.01 18.00
O1 GOL I . 38.46 -34.61 17.23
C2 GOL I . 39.96 -36.45 17.68
O2 GOL I . 39.37 -36.83 16.46
C3 GOL I . 39.50 -37.36 18.80
O3 GOL I . 39.88 -38.69 18.52
C1 GOL J . 14.57 -39.06 11.28
O1 GOL J . 14.63 -38.20 10.16
C2 GOL J . 13.15 -39.04 11.86
O2 GOL J . 13.08 -38.04 12.85
C3 GOL J . 12.15 -38.73 10.75
O3 GOL J . 12.20 -39.74 9.77
S SO4 K . 7.16 -40.03 12.24
O1 SO4 K . 5.94 -40.37 12.97
O2 SO4 K . 8.31 -40.15 13.13
O3 SO4 K . 7.06 -38.65 11.76
O4 SO4 K . 7.32 -40.93 11.11
S SO4 L . 47.93 -50.93 10.15
O1 SO4 L . 46.63 -50.80 9.51
O2 SO4 L . 48.09 -52.29 10.65
O3 SO4 L . 48.04 -49.99 11.26
O4 SO4 L . 48.99 -50.65 9.18
S SO4 M . 45.42 -21.20 35.19
O1 SO4 M . 46.10 -21.11 36.48
O2 SO4 M . 44.32 -22.16 35.28
O3 SO4 M . 44.90 -19.89 34.81
O4 SO4 M . 46.38 -21.66 34.18
OH2 1PE N . 29.10 -32.31 12.98
C12 1PE N . 29.74 -32.56 14.22
C22 1PE N . 29.03 -33.73 14.94
OH3 1PE N . 29.69 -34.95 14.63
C13 1PE N . 29.43 -36.00 16.81
C23 1PE N . 29.13 -36.09 15.31
OH4 1PE N . 28.72 -37.05 17.50
C14 1PE N . 29.54 -39.38 17.58
C24 1PE N . 29.57 -37.96 18.25
OH5 1PE N . 28.90 -40.33 18.47
C15 1PE N . 28.80 -41.44 20.60
C25 1PE N . 29.41 -40.31 19.82
OH6 1PE N . 29.21 -41.37 21.96
OH2 1PE O . 54.67 -4.96 27.64
C12 1PE O . 53.31 -5.38 27.68
C22 1PE O . 53.21 -6.80 27.08
OH3 1PE O . 53.73 -6.80 25.76
C13 1PE O . 54.66 -8.90 24.99
C23 1PE O . 53.42 -8.00 25.03
OH4 1PE O . 54.84 -9.54 26.28
C14 1PE O . 56.58 -10.01 27.96
C24 1PE O . 56.17 -10.08 26.46
OH5 1PE O . 57.61 -11.00 28.21
C25 1PE O . 58.24 -10.88 29.51
OH2 1PE P . 53.40 -45.03 16.13
C12 1PE P . 54.16 -44.23 17.03
C22 1PE P . 55.63 -44.21 16.58
OH3 1PE P . 56.38 -43.35 17.45
C13 1PE P . 57.40 -41.85 15.84
C23 1PE P . 56.43 -41.99 17.03
OH4 1PE P . 57.36 -40.48 15.34
OH2 1PE Q . 32.98 -37.44 12.10
C12 1PE Q . 33.65 -37.98 13.24
C22 1PE Q . 32.91 -39.23 13.73
OH3 1PE Q . 33.61 -39.79 14.84
C13 1PE Q . 33.61 -40.64 17.11
C23 1PE Q . 32.76 -40.26 15.90
OH4 1PE Q . 32.90 -41.58 17.95
C14 1PE Q . 32.89 -43.18 19.83
C24 1PE Q . 33.75 -42.30 18.87
OH5 1PE Q . 33.40 -43.08 21.18
C15 1PE Q . 35.24 -43.33 22.73
C25 1PE Q . 34.84 -43.17 21.29
OH2 1PE R . 38.30 -42.23 7.05
C12 1PE R . 38.22 -40.96 7.68
C22 1PE R . 39.64 -40.51 8.10
OH3 1PE R . 39.52 -39.40 9.00
C13 1PE R . 38.26 -37.35 8.68
C23 1PE R . 39.55 -38.12 8.35
OH4 1PE R . 38.45 -35.92 8.44
C14 1PE R . 38.51 -34.12 6.77
C24 1PE R . 37.80 -35.44 7.24
OH5 1PE R . 38.68 -34.12 5.34
C15 1PE R . 40.20 -34.27 3.46
C25 1PE R . 40.04 -33.89 4.92
OH6 1PE R . 41.57 -34.60 3.20
OH2 1PE S . 49.32 -42.83 13.07
C12 1PE S . 50.74 -42.88 13.23
C22 1PE S . 51.22 -44.34 13.09
OH3 1PE S . 52.64 -44.37 13.19
C13 1PE S . 53.66 -43.44 11.20
C23 1PE S . 53.28 -44.72 11.95
OH4 1PE S . 54.69 -43.75 10.21
C14 1PE S . 56.24 -42.80 11.90
C24 1PE S . 55.93 -43.02 10.38
OH5 1PE S . 57.58 -43.23 12.21
C15 1PE S . 59.54 -43.14 10.80
C25 1PE S . 58.59 -42.35 11.68
OH6 1PE S . 60.00 -42.30 9.75
C1 GOL T . 0.66 34.87 13.33
O1 GOL T . 1.42 34.43 12.22
C2 GOL T . 1.27 34.32 14.62
O2 GOL T . 1.39 35.36 15.56
C3 GOL T . 0.37 33.24 15.17
O3 GOL T . 0.88 32.80 16.42
C1 GOL U . -1.25 30.85 19.21
O1 GOL U . -1.68 31.50 18.04
C2 GOL U . -2.46 30.26 19.93
O2 GOL U . -3.01 31.24 20.79
C3 GOL U . -2.05 29.04 20.73
O3 GOL U . -1.58 28.03 19.85
C1 GOL V . 15.63 37.91 7.66
O1 GOL V . 15.73 36.50 7.57
C2 GOL V . 16.93 38.55 7.19
O2 GOL V . 17.58 39.17 8.28
C3 GOL V . 17.85 37.51 6.57
O3 GOL V . 17.32 37.10 5.34
S SO4 W . -1.76 44.22 5.04
O1 SO4 W . -1.84 43.75 6.42
O2 SO4 W . -2.81 43.59 4.24
O3 SO4 W . -0.46 43.89 4.48
O4 SO4 W . -1.94 45.68 5.01
S SO4 X . -17.23 25.55 14.55
O1 SO4 X . -16.63 25.13 15.81
O2 SO4 X . -17.09 24.47 13.56
O3 SO4 X . -16.54 26.74 14.06
O4 SO4 X . -18.64 25.84 14.75
OH5 1PE Y . -1.19 50.52 25.40
C15 1PE Y . 0.65 50.41 23.84
C25 1PE Y . 0.24 50.65 25.28
OH6 1PE Y . 1.60 51.38 23.43
C16 1PE Y . 3.86 52.25 23.45
C26 1PE Y . 2.84 51.30 24.13
OH7 1PE Y . 5.11 52.14 24.09
C1 GOL Z . -41.64 17.62 -37.14
O1 GOL Z . -40.91 16.59 -37.78
C2 GOL Z . -40.80 18.89 -37.12
O2 GOL Z . -41.64 20.01 -37.30
C3 GOL Z . -40.10 19.00 -35.76
O3 GOL Z . -41.07 19.12 -34.74
C1 GOL AA . -45.47 -19.52 -45.63
O1 GOL AA . -45.16 -20.35 -44.53
C2 GOL AA . -44.29 -18.61 -45.94
O2 GOL AA . -43.08 -19.32 -45.78
C3 GOL AA . -44.39 -18.11 -47.37
O3 GOL AA . -45.59 -17.39 -47.53
C1 GOL BA . -8.82 9.98 -19.43
O1 GOL BA . -9.66 9.48 -20.45
C2 GOL BA . -7.51 10.46 -20.04
O2 GOL BA . -7.77 11.54 -20.92
C3 GOL BA . -6.58 10.94 -18.93
O3 GOL BA . -5.32 11.25 -19.48
C1 GOL CA . -38.91 -12.41 -36.93
O1 GOL CA . -39.59 -12.87 -38.08
C2 GOL CA . -39.80 -11.47 -36.14
O2 GOL CA . -41.16 -11.79 -36.41
C3 GOL CA . -39.53 -11.63 -34.66
O3 GOL CA . -40.28 -10.67 -33.93
C1 GOL DA . -41.93 -11.80 -40.30
O1 GOL DA . -42.94 -11.18 -39.54
C2 GOL DA . -42.13 -13.31 -40.37
O2 GOL DA . -43.32 -13.67 -41.05
C3 GOL DA . -40.91 -13.96 -41.02
O3 GOL DA . -40.59 -13.30 -42.23
C1 GOL EA . -45.66 -10.51 -46.16
O1 GOL EA . -44.48 -9.80 -46.43
C2 GOL EA . -46.05 -11.34 -47.37
O2 GOL EA . -46.06 -12.70 -47.03
C3 GOL EA . -47.44 -10.92 -47.84
O3 GOL EA . -47.45 -9.53 -48.08
C1 GOL FA . -63.35 -9.90 -42.77
O1 GOL FA . -62.73 -10.08 -44.02
C2 GOL FA . -64.07 -8.56 -42.74
O2 GOL FA . -65.45 -8.77 -42.57
C3 GOL FA . -63.54 -7.72 -41.57
O3 GOL FA . -62.16 -7.52 -41.72
C1 GOL GA . -56.55 -14.81 -20.35
O1 GOL GA . -57.82 -14.63 -19.77
C2 GOL GA . -56.67 -14.75 -21.88
O2 GOL GA . -57.81 -14.02 -22.22
C3 GOL GA . -55.44 -14.06 -22.46
O3 GOL GA . -55.43 -14.27 -23.85
S SO4 HA . -67.50 -21.73 -30.14
O1 SO4 HA . -68.27 -21.15 -29.05
O2 SO4 HA . -67.25 -23.14 -29.87
O3 SO4 HA . -66.21 -21.02 -30.25
O4 SO4 HA . -68.23 -21.59 -31.39
S SO4 IA . -66.72 -19.88 -38.06
O1 SO4 IA . -67.21 -21.06 -37.34
O2 SO4 IA . -65.28 -19.74 -37.83
O3 SO4 IA . -67.41 -18.68 -37.58
O4 SO4 IA . -66.97 -20.06 -39.49
S SO4 JA . -14.81 9.26 -18.60
O1 SO4 JA . -13.88 8.22 -18.18
O2 SO4 JA . -16.18 8.79 -18.45
O3 SO4 JA . -14.56 9.59 -20.00
O4 SO4 JA . -14.61 10.46 -17.79
S SO4 KA . -59.55 -8.36 -29.20
O1 SO4 KA . -58.68 -8.44 -28.04
O2 SO4 KA . -59.28 -9.48 -30.09
O3 SO4 KA . -59.30 -7.10 -29.92
O4 SO4 KA . -60.95 -8.41 -28.78
OH2 1PE LA . -68.42 -15.38 -35.72
C12 1PE LA . -68.48 -16.27 -34.61
C22 1PE LA . -69.17 -15.57 -33.42
OH3 1PE LA . -68.47 -14.38 -33.09
C13 1PE LA . -68.25 -11.96 -33.26
C23 1PE LA . -69.16 -13.18 -33.46
OH4 1PE LA . -68.70 -10.88 -34.12
OH2 1PE MA . -63.89 -6.46 -33.43
C12 1PE MA . -62.96 -5.64 -34.13
C22 1PE MA . -62.17 -4.77 -33.13
OH3 1PE MA . -61.48 -5.62 -32.21
C13 1PE MA . -59.67 -6.00 -30.65
C23 1PE MA . -60.31 -5.02 -31.63
C1 GOL NA . 9.81 6.66 -3.10
O1 GOL NA . 9.49 6.97 -4.44
C2 GOL NA . 10.71 5.43 -3.06
O2 GOL NA . 9.91 4.27 -3.02
C3 GOL NA . 11.60 5.48 -1.82
O3 GOL NA . 12.33 4.28 -1.72
C1 GOL OA . -1.64 -6.98 -1.14
O1 GOL OA . -1.32 -7.48 0.13
C2 GOL OA . -1.83 -5.47 -1.06
O2 GOL OA . -0.59 -4.87 -0.74
C3 GOL OA . -2.33 -4.94 -2.39
O3 GOL OA . -1.29 -5.03 -3.34
S SO4 PA . -14.30 -8.25 -19.13
O1 SO4 PA . -15.17 -8.77 -18.07
O2 SO4 PA . -13.95 -9.33 -20.05
O3 SO4 PA . -15.02 -7.20 -19.86
O4 SO4 PA . -13.09 -7.70 -18.54
S SO4 QA . -9.84 -13.56 -23.40
O1 SO4 QA . -10.61 -14.58 -22.71
O2 SO4 QA . -8.42 -13.76 -23.16
O3 SO4 QA . -10.23 -12.24 -22.91
O4 SO4 QA . -10.10 -13.64 -24.85
C13 1PE RA . 16.51 10.87 9.48
OH4 1PE RA . 15.30 11.39 8.85
C14 1PE RA . 14.49 13.52 7.90
C24 1PE RA . 15.57 12.39 7.83
OH5 1PE RA . 15.10 14.79 7.61
C15 1PE RA . 17.17 15.47 8.67
C25 1PE RA . 15.66 15.45 8.76
OH6 1PE RA . 17.73 15.26 9.97
C16 1PE RA . 19.88 14.62 10.91
C26 1PE RA . 19.08 15.66 10.06
OH7 1PE RA . 21.25 14.97 10.92
OH2 1PE SA . -5.03 0.04 -12.39
C12 1PE SA . -4.33 -0.16 -13.62
C22 1PE SA . -2.93 -0.73 -13.32
OH3 1PE SA . -2.70 -1.86 -14.17
C1 GOL TA . -4.25 -27.16 2.56
O1 GOL TA . -4.45 -25.96 3.29
C2 GOL TA . -2.76 -27.45 2.46
O2 GOL TA . -2.30 -27.20 1.15
C3 GOL TA . -1.99 -26.56 3.44
O3 GOL TA . -2.42 -26.83 4.76
C1 GOL UA . -11.42 27.29 -2.61
O1 GOL UA . -10.48 27.30 -1.57
C2 GOL UA . -10.75 26.84 -3.90
O2 GOL UA . -11.63 25.98 -4.61
C3 GOL UA . -10.41 28.05 -4.76
O3 GOL UA . -11.57 28.83 -4.96
C1 GOL VA . -7.94 30.97 -22.32
O1 GOL VA . -9.13 30.21 -22.42
C2 GOL VA . -8.28 32.38 -21.84
O2 GOL VA . -9.12 33.01 -22.79
C3 GOL VA . -8.99 32.33 -20.50
O3 GOL VA . -10.26 31.72 -20.66
C1 GOL WA . 1.07 22.40 -18.75
O1 GOL WA . -0.21 22.40 -19.34
C2 GOL WA . 2.14 22.48 -19.83
O2 GOL WA . 1.75 23.42 -20.80
C3 GOL WA . 3.47 22.92 -19.22
O3 GOL WA . 4.07 21.83 -18.55
S SO4 XA . -4.58 37.49 -20.08
O1 SO4 XA . -3.97 37.00 -18.84
O2 SO4 XA . -4.78 36.37 -20.99
O3 SO4 XA . -5.87 38.11 -19.77
O4 SO4 XA . -3.70 38.46 -20.68
S SO4 YA . -8.72 -5.32 16.67
O1 SO4 YA . -10.06 -5.79 16.99
O2 SO4 YA . -7.81 -5.68 17.76
O3 SO4 YA . -8.74 -3.86 16.51
O4 SO4 YA . -8.27 -5.93 15.43
OH3 1PE ZA . -23.79 -9.10 -7.25
C13 1PE ZA . -22.08 -7.51 -6.66
C23 1PE ZA . -23.58 -7.76 -6.77
OH4 1PE ZA . -21.79 -6.76 -5.45
C14 1PE ZA . -21.98 -4.57 -6.54
C24 1PE ZA . -21.09 -5.52 -5.67
OH5 1PE ZA . -21.98 -3.25 -5.99
C15 1PE ZA . -23.98 -2.45 -4.88
C25 1PE ZA . -23.22 -2.53 -6.17
OH6 1PE ZA . -24.25 -1.09 -4.56
C16 1PE ZA . -23.95 0.69 -2.92
C26 1PE ZA . -24.21 -0.83 -3.16
OH7 1PE ZA . -22.59 0.87 -2.53
C1 GOL AB . 48.50 -33.92 14.75
O1 GOL AB . 47.58 -32.86 14.90
C2 GOL AB . 48.68 -34.28 13.28
O2 GOL AB . 49.94 -34.89 13.09
C3 GOL AB . 48.56 -33.03 12.41
O3 GOL AB . 49.63 -32.14 12.68
C1 GOL BB . 27.48 -6.13 12.90
O1 GOL BB . 26.99 -6.55 11.65
C2 GOL BB . 28.99 -5.92 12.83
O2 GOL BB . 29.28 -5.09 11.73
C3 GOL BB . 29.48 -5.26 14.10
O3 GOL BB . 30.87 -5.09 14.04
S SO4 CB . 28.55 -22.01 -1.53
O1 SO4 CB . 28.67 -22.08 -0.07
O2 SO4 CB . 27.46 -22.88 -1.96
O3 SO4 CB . 28.25 -20.64 -1.93
O4 SO4 CB . 29.80 -22.45 -2.14
S SO4 DB . 18.77 -23.57 19.53
O1 SO4 DB . 18.23 -24.27 18.37
O2 SO4 DB . 19.44 -24.52 20.42
O3 SO4 DB . 17.68 -22.93 20.26
O4 SO4 DB . 19.72 -22.55 19.09
S SO4 EB . 66.70 -42.63 5.92
O1 SO4 EB . 66.48 -43.56 7.01
O2 SO4 EB . 67.06 -43.37 4.71
O3 SO4 EB . 65.47 -41.86 5.67
O4 SO4 EB . 67.78 -41.70 6.27
OH2 1PE FB . 34.65 -24.51 19.58
C12 1PE FB . 34.83 -25.55 18.62
C22 1PE FB . 36.15 -25.35 17.86
OH3 1PE FB . 37.10 -24.71 18.72
C13 1PE FB . 39.45 -25.28 18.69
C23 1PE FB . 38.35 -24.42 18.07
OH4 1PE FB . 38.89 -26.55 19.08
C14 1PE FB . 38.14 -28.04 20.90
C24 1PE FB . 38.99 -26.80 20.50
OH5 1PE FB . 38.18 -28.21 22.33
C25 1PE FB . 36.99 -28.80 22.88
C1 GOL GB . 22.21 18.02 29.35
O1 GOL GB . 21.41 19.16 29.11
C2 GOL GB . 21.36 16.77 29.21
O2 GOL GB . 22.18 15.70 28.81
C3 GOL GB . 20.72 16.44 30.55
O3 GOL GB . 19.82 15.38 30.40
C1 GOL HB . 10.86 18.95 34.24
O1 GOL HB . 9.51 19.11 33.87
C2 GOL HB . 10.95 18.61 35.72
O2 GOL HB . 9.83 17.85 36.10
C3 GOL HB . 12.22 17.81 35.99
O3 GOL HB . 12.37 17.61 37.37
C1 GOL IB . 7.08 19.11 13.53
O1 GOL IB . 6.83 20.48 13.32
C2 GOL IB . 7.68 18.50 12.27
O2 GOL IB . 6.70 17.76 11.58
C3 GOL IB . 8.83 17.57 12.65
O3 GOL IB . 9.79 18.29 13.39
C1 GOL JB . 15.89 44.35 38.72
O1 GOL JB . 14.54 44.58 39.06
C2 GOL JB . 16.30 42.96 39.18
O2 GOL JB . 15.15 42.25 39.60
C3 GOL JB . 17.29 43.06 40.34
O3 GOL JB . 17.73 41.77 40.69
C1 GOL KB . 23.92 21.44 28.51
O1 GOL KB . 22.60 21.29 29.01
C2 GOL KB . 24.86 21.57 29.68
O2 GOL KB . 25.02 22.93 30.02
C3 GOL KB . 24.29 20.78 30.86
O3 GOL KB . 25.36 20.31 31.65
C1 GOL LB . 9.78 27.54 21.96
O1 GOL LB . 8.87 27.80 20.92
C2 GOL LB . 9.01 27.17 23.22
O2 GOL LB . 9.59 26.01 23.78
C3 GOL LB . 9.10 28.33 24.21
O3 GOL LB . 8.60 29.49 23.60
S SO4 MB . -23.28 23.96 15.12
O1 SO4 MB . -23.42 23.24 13.85
O2 SO4 MB . -23.25 23.01 16.22
O3 SO4 MB . -24.42 24.86 15.28
O4 SO4 MB . -22.04 24.74 15.11
OH2 1PE NB . 14.63 12.57 12.55
C12 1PE NB . 16.00 12.83 12.79
C22 1PE NB . 16.14 13.71 14.06
OH3 1PE NB . 17.43 14.31 14.09
C13 1PE NB . 19.77 14.23 14.74
C23 1PE NB . 18.37 13.65 14.95
OH4 1PE NB . 20.74 13.44 15.47
C1 GOL OB . -36.77 10.37 -28.93
O1 GOL OB . -37.88 11.19 -28.71
C2 GOL OB . -36.88 9.11 -28.08
O2 GOL OB . -35.65 8.43 -28.09
C3 GOL OB . -37.25 9.50 -26.65
O3 GOL OB . -36.26 10.38 -26.14
C1 GOL PB . -27.51 -1.10 -27.17
O1 GOL PB . -27.82 -0.09 -28.11
C2 GOL PB . -27.33 -0.46 -25.80
O2 GOL PB . -27.95 0.80 -25.77
C3 GOL PB . -27.95 -1.36 -24.73
O3 GOL PB . -27.81 -0.77 -23.46
C1 GOL QB . -23.05 18.64 -12.94
O1 GOL QB . -23.74 19.87 -12.80
C2 GOL QB . -21.55 18.92 -13.06
O2 GOL QB . -20.86 17.70 -13.23
C3 GOL QB . -21.32 19.81 -14.29
O3 GOL QB . -22.19 19.44 -15.32
C1 GOL RB . -46.63 29.59 -35.68
O1 GOL RB . -47.62 28.59 -35.74
C2 GOL RB . -47.22 30.93 -36.07
O2 GOL RB . -48.62 30.90 -35.93
C3 GOL RB . -46.64 32.03 -35.19
O3 GOL RB . -45.25 32.12 -35.36
C1 GOL SB . -23.18 11.72 -13.57
O1 GOL SB . -23.74 12.42 -12.48
C2 GOL SB . -22.51 12.72 -14.50
O2 GOL SB . -22.28 13.93 -13.81
C3 GOL SB . -23.41 12.99 -15.69
O3 GOL SB . -22.73 13.79 -16.63
C1 GOL TB . -20.95 -7.89 -15.18
O1 GOL TB . -22.32 -7.91 -14.84
C2 GOL TB . -20.80 -8.04 -16.68
O2 GOL TB . -22.02 -8.47 -17.24
C3 GOL TB . -20.40 -6.69 -17.27
O3 GOL TB . -19.28 -6.20 -16.58
S SO4 UB . -32.42 -34.76 -11.30
O1 SO4 UB . -33.83 -34.85 -10.95
O2 SO4 UB . -31.72 -35.95 -10.79
O3 SO4 UB . -31.83 -33.57 -10.69
O4 SO4 UB . -32.27 -34.70 -12.74
S SO4 VB . -24.61 -10.16 -5.02
O1 SO4 VB . -23.85 -11.22 -4.36
O2 SO4 VB . -25.81 -10.73 -5.63
O3 SO4 VB . -23.79 -9.56 -6.07
O4 SO4 VB . -24.99 -9.15 -4.05
OH2 1PE WB . -20.14 6.13 -18.90
C12 1PE WB . -20.06 4.75 -19.22
C22 1PE WB . -19.47 3.98 -18.01
OH3 1PE WB . -20.31 4.15 -16.87
C13 1PE WB . -19.27 2.12 -16.03
C23 1PE WB . -20.55 2.96 -16.10
OH4 1PE WB . -19.09 1.58 -14.70
C14 1PE WB . -17.83 -0.22 -13.58
C24 1PE WB . -17.76 1.05 -14.49
OH5 1PE WB . -16.92 -1.22 -14.09
C15 1PE WB . -16.35 -3.56 -14.33
C25 1PE WB . -17.46 -2.56 -14.06
#